data_1RZT
#
_entry.id   1RZT
#
_cell.length_a   191.321
_cell.length_b   99.034
_cell.length_c   104.838
_cell.angle_alpha   90.00
_cell.angle_beta   90.00
_cell.angle_gamma   90.00
#
_symmetry.space_group_name_H-M   'P 21 21 2'
#
loop_
_entity.id
_entity.type
_entity.pdbx_description
1 polymer "5'-D(*CP*GP*GP*CP*AP*AP*CP*GP*CP*AP*C)-3'"
2 polymer "5'-D(*GP*TP*GP*CP*G)-3'"
3 polymer "5'-D(P*GP*CP*CP*G)-3'"
4 polymer 'DNA polymerase lambda'
5 non-polymer 'SODIUM ION'
6 non-polymer 1,2-ETHANEDIOL
7 water water
#
loop_
_entity_poly.entity_id
_entity_poly.type
_entity_poly.pdbx_seq_one_letter_code
_entity_poly.pdbx_strand_id
1 'polydeoxyribonucleotide' (DC)(DG)(DG)(DC)(DA)(DA)(DC)(DG)(DC)(DA)(DC) B,F,J,N
2 'polydeoxyribonucleotide' (DG)(DT)(DG)(DC)(DG) C,G,K,O
3 'polydeoxyribonucleotide' (DG)(DC)(DC)(DG) D,H,L,P
4 'polypeptide(L)'
;SSQKATNHNLHITEKLEVLAKAYSVQGDKWRALGYAKAINALKSFHKPVTSYQEACSIPGIGKRMAEKIIEILESGHLRK
LDHISESVPVLELFSNIWGAGTKTAQMWYQQGFRSLEDIRSQASLTTQQAIGLKHYSDFLERMPREEATEIEQTVQKAAQ
AFNSGLLCVACGSYRRGKATCGDVDVLITHPDGRSHRGIFSRLLDSLRQEGFLTDDLVSQEENGQQQKYLGVCRLPGPGR
RHRRLDIIVVPYSEFACALLYFTGSAHFNRSMRALAKTKGMSLSEHALSTAVVRNTHGCKVGPGRVLPTPTEKDVFRLLG
LPYREPAERDW
;
A,E,I,M
#
loop_
_chem_comp.id
_chem_comp.type
_chem_comp.name
_chem_comp.formula
DA DNA linking 2'-DEOXYADENOSINE-5'-MONOPHOSPHATE 'C10 H14 N5 O6 P'
DC DNA linking 2'-DEOXYCYTIDINE-5'-MONOPHOSPHATE 'C9 H14 N3 O7 P'
DG DNA linking 2'-DEOXYGUANOSINE-5'-MONOPHOSPHATE 'C10 H14 N5 O7 P'
DT DNA linking THYMIDINE-5'-MONOPHOSPHATE 'C10 H15 N2 O8 P'
EDO non-polymer 1,2-ETHANEDIOL 'C2 H6 O2'
NA non-polymer 'SODIUM ION' 'Na 1'
#
# COMPACT_ATOMS: atom_id res chain seq x y z
N ALA M 5 -3.81 44.59 1.65
CA ALA M 5 -2.54 44.97 0.97
C ALA M 5 -2.51 44.47 -0.48
N THR M 6 -2.49 45.40 -1.42
CA THR M 6 -2.45 45.06 -2.84
C THR M 6 -1.23 44.23 -3.20
N ASN M 7 -1.42 43.26 -4.09
CA ASN M 7 -0.34 42.41 -4.55
C ASN M 7 0.25 43.03 -5.81
N HIS M 8 1.46 43.56 -5.69
CA HIS M 8 2.13 44.21 -6.82
C HIS M 8 2.95 43.23 -7.67
N ASN M 9 2.80 41.94 -7.39
CA ASN M 9 3.53 40.90 -8.11
C ASN M 9 2.58 39.75 -8.41
N LEU M 10 1.41 40.08 -8.91
CA LEU M 10 0.39 39.09 -9.21
C LEU M 10 0.77 38.09 -10.30
N HIS M 11 1.32 38.58 -11.41
CA HIS M 11 1.71 37.68 -12.50
C HIS M 11 2.74 36.66 -11.99
N ILE M 12 3.62 37.12 -11.11
CA ILE M 12 4.66 36.26 -10.55
C ILE M 12 4.08 35.23 -9.59
N THR M 13 3.41 35.70 -8.54
CA THR M 13 2.81 34.81 -7.55
C THR M 13 1.79 33.84 -8.14
N GLU M 14 1.21 34.18 -9.29
CA GLU M 14 0.24 33.31 -9.93
C GLU M 14 0.92 32.08 -10.48
N LYS M 15 2.07 32.29 -11.11
CA LYS M 15 2.81 31.18 -11.68
C LYS M 15 3.48 30.35 -10.58
N LEU M 16 3.87 31.00 -9.48
CA LEU M 16 4.51 30.27 -8.41
C LEU M 16 3.50 29.39 -7.68
N GLU M 17 2.26 29.87 -7.59
CA GLU M 17 1.22 29.08 -6.92
C GLU M 17 0.90 27.80 -7.69
N VAL M 18 0.99 27.85 -9.01
CA VAL M 18 0.72 26.67 -9.83
C VAL M 18 1.80 25.63 -9.60
N LEU M 19 3.04 26.07 -9.52
CA LEU M 19 4.14 25.15 -9.29
C LEU M 19 4.05 24.56 -7.89
N ALA M 20 3.77 25.42 -6.91
CA ALA M 20 3.65 24.97 -5.52
C ALA M 20 2.56 23.90 -5.39
N LYS M 21 1.43 24.14 -6.03
CA LYS M 21 0.32 23.19 -5.99
C LYS M 21 0.74 21.86 -6.59
N ALA M 22 1.60 21.91 -7.62
CA ALA M 22 2.06 20.68 -8.24
C ALA M 22 2.84 19.86 -7.22
N TYR M 23 3.81 20.49 -6.56
CA TYR M 23 4.62 19.79 -5.57
C TYR M 23 3.76 19.23 -4.45
N SER M 24 2.81 20.03 -3.98
CA SER M 24 1.93 19.63 -2.90
C SER M 24 1.13 18.36 -3.22
N VAL M 25 0.51 18.30 -4.40
CA VAL M 25 -0.28 17.12 -4.75
C VAL M 25 0.53 15.87 -5.02
N GLN M 26 1.83 16.01 -5.31
CA GLN M 26 2.61 14.81 -5.55
C GLN M 26 3.39 14.38 -4.32
N GLY M 27 3.09 14.98 -3.18
CA GLY M 27 3.72 14.57 -1.94
C GLY M 27 4.90 15.34 -1.37
N ASP M 28 5.50 16.24 -2.13
CA ASP M 28 6.63 17.01 -1.65
C ASP M 28 6.13 18.16 -0.78
N LYS M 29 5.61 17.83 0.40
CA LYS M 29 5.06 18.84 1.28
C LYS M 29 6.03 19.90 1.76
N TRP M 30 7.27 19.50 2.05
CA TRP M 30 8.24 20.47 2.53
C TRP M 30 8.58 21.48 1.44
N ARG M 31 8.76 20.99 0.22
CA ARG M 31 9.06 21.90 -0.87
C ARG M 31 7.85 22.82 -1.10
N ALA M 32 6.64 22.29 -0.94
CA ALA M 32 5.43 23.10 -1.14
C ALA M 32 5.34 24.18 -0.06
N LEU M 33 5.73 23.83 1.16
CA LEU M 33 5.68 24.78 2.26
C LEU M 33 6.57 25.97 1.93
N GLY M 34 7.81 25.70 1.55
CA GLY M 34 8.73 26.76 1.21
C GLY M 34 8.13 27.71 0.19
N TYR M 35 7.46 27.16 -0.82
CA TYR M 35 6.84 28.01 -1.84
C TYR M 35 5.76 28.88 -1.26
N ALA M 36 4.91 28.29 -0.41
CA ALA M 36 3.81 29.03 0.21
C ALA M 36 4.32 30.20 1.05
N LYS M 37 5.42 30.02 1.77
CA LYS M 37 5.95 31.10 2.59
C LYS M 37 6.54 32.19 1.71
N ALA M 38 7.19 31.80 0.62
CA ALA M 38 7.79 32.77 -0.28
C ALA M 38 6.69 33.56 -0.98
N ILE M 39 5.65 32.84 -1.40
CA ILE M 39 4.52 33.46 -2.08
C ILE M 39 3.83 34.50 -1.21
N ASN M 40 3.74 34.21 0.09
CA ASN M 40 3.10 35.14 1.01
C ASN M 40 3.87 36.46 1.00
N ALA M 41 5.18 36.35 1.18
CA ALA M 41 6.05 37.51 1.20
C ALA M 41 5.93 38.35 -0.07
N LEU M 42 5.80 37.71 -1.22
CA LEU M 42 5.68 38.46 -2.46
C LEU M 42 4.39 39.25 -2.54
N LYS M 43 3.27 38.60 -2.28
CA LYS M 43 1.98 39.27 -2.34
C LYS M 43 1.93 40.51 -1.45
N SER M 44 2.71 40.50 -0.37
CA SER M 44 2.70 41.63 0.56
C SER M 44 3.93 42.54 0.44
N PHE M 45 4.63 42.51 -0.69
CA PHE M 45 5.80 43.36 -0.83
C PHE M 45 5.31 44.72 -1.30
N HIS M 46 5.98 45.78 -0.85
CA HIS M 46 5.54 47.13 -1.18
C HIS M 46 5.57 47.54 -2.64
N LYS M 47 6.27 46.80 -3.49
CA LYS M 47 6.35 47.18 -4.90
C LYS M 47 6.68 45.97 -5.76
N PRO M 48 6.48 46.09 -7.08
CA PRO M 48 6.80 44.96 -7.94
C PRO M 48 8.28 44.68 -7.74
N VAL M 49 8.67 43.42 -7.57
CA VAL M 49 10.09 43.13 -7.39
C VAL M 49 10.79 43.53 -8.68
N THR M 50 11.90 44.25 -8.55
CA THR M 50 12.64 44.70 -9.72
C THR M 50 14.04 44.13 -9.90
N SER M 51 14.60 43.47 -8.88
CA SER M 51 15.93 42.88 -9.00
C SER M 51 16.10 41.60 -8.18
N TYR M 52 17.03 40.77 -8.63
CA TYR M 52 17.37 39.51 -7.96
C TYR M 52 17.87 39.82 -6.55
N GLN M 53 18.74 40.81 -6.45
CA GLN M 53 19.29 41.20 -5.16
C GLN M 53 18.15 41.57 -4.22
N GLU M 54 17.23 42.38 -4.71
CA GLU M 54 16.09 42.81 -3.90
C GLU M 54 15.23 41.63 -3.48
N ALA M 55 15.02 40.68 -4.40
CA ALA M 55 14.20 39.51 -4.11
C ALA M 55 14.88 38.71 -3.01
N CYS M 56 16.18 38.52 -3.14
CA CYS M 56 16.95 37.78 -2.15
C CYS M 56 16.87 38.42 -0.78
N SER M 57 16.67 39.73 -0.74
CA SER M 57 16.62 40.43 0.55
C SER M 57 15.39 40.10 1.38
N ILE M 58 14.30 39.70 0.73
CA ILE M 58 13.07 39.37 1.43
C ILE M 58 13.18 38.03 2.17
N PRO M 59 12.85 38.03 3.47
CA PRO M 59 12.90 36.81 4.28
C PRO M 59 11.93 35.77 3.72
N GLY M 60 12.44 34.58 3.40
CA GLY M 60 11.59 33.55 2.85
C GLY M 60 11.91 33.29 1.39
N ILE M 61 12.71 34.17 0.79
CA ILE M 61 13.11 34.03 -0.59
C ILE M 61 14.61 33.83 -0.72
N GLY M 62 15.01 32.65 -1.19
CA GLY M 62 16.43 32.36 -1.36
C GLY M 62 16.83 32.47 -2.81
N LYS M 63 18.05 32.03 -3.12
CA LYS M 63 18.55 32.07 -4.49
C LYS M 63 17.62 31.40 -5.50
N ARG M 64 17.21 30.17 -5.19
CA ARG M 64 16.34 29.39 -6.06
C ARG M 64 15.01 30.08 -6.36
N MET M 65 14.37 30.63 -5.32
CA MET M 65 13.10 31.31 -5.51
C MET M 65 13.31 32.62 -6.26
N ALA M 66 14.35 33.36 -5.88
CA ALA M 66 14.66 34.63 -6.54
C ALA M 66 14.90 34.37 -8.03
N GLU M 67 15.56 33.27 -8.31
CA GLU M 67 15.89 32.86 -9.68
C GLU M 67 14.62 32.72 -10.52
N LYS M 68 13.57 32.15 -9.93
CA LYS M 68 12.32 31.99 -10.64
C LYS M 68 11.53 33.30 -10.71
N ILE M 69 11.61 34.09 -9.63
CA ILE M 69 10.91 35.37 -9.57
C ILE M 69 11.41 36.28 -10.68
N ILE M 70 12.73 36.44 -10.78
CA ILE M 70 13.30 37.28 -11.82
C ILE M 70 13.01 36.74 -13.22
N GLU M 71 12.99 35.41 -13.39
CA GLU M 71 12.72 34.84 -14.70
C GLU M 71 11.34 35.28 -15.20
N ILE M 72 10.32 35.09 -14.34
CA ILE M 72 8.97 35.46 -14.70
C ILE M 72 8.89 36.96 -14.97
N LEU M 73 9.50 37.75 -14.10
CA LEU M 73 9.51 39.20 -14.23
C LEU M 73 10.07 39.67 -15.56
N GLU M 74 11.20 39.09 -15.98
CA GLU M 74 11.85 39.51 -17.23
C GLU M 74 11.38 38.79 -18.49
N SER M 75 10.99 37.53 -18.39
CA SER M 75 10.56 36.76 -19.55
C SER M 75 9.06 36.63 -19.66
N GLY M 76 8.36 36.93 -18.56
CA GLY M 76 6.91 36.83 -18.55
C GLY M 76 6.44 35.40 -18.31
N HIS M 77 7.37 34.44 -18.37
CA HIS M 77 7.02 33.04 -18.16
C HIS M 77 7.91 32.30 -17.18
N LEU M 78 7.46 31.10 -16.81
CA LEU M 78 8.18 30.21 -15.92
C LEU M 78 8.23 28.88 -16.66
N ARG M 79 9.37 28.59 -17.30
CA ARG M 79 9.53 27.35 -18.06
C ARG M 79 9.25 26.08 -17.27
N LYS M 80 9.54 26.12 -15.97
CA LYS M 80 9.33 24.97 -15.09
C LYS M 80 7.87 24.50 -15.15
N LEU M 81 6.99 25.38 -15.58
CA LEU M 81 5.58 25.03 -15.66
C LEU M 81 5.27 24.10 -16.84
N ASP M 82 6.01 24.24 -17.92
CA ASP M 82 5.79 23.41 -19.11
C ASP M 82 6.28 21.97 -18.94
N HIS M 83 6.82 21.66 -17.78
CA HIS M 83 7.32 20.32 -17.51
C HIS M 83 6.60 19.67 -16.34
N ILE M 84 5.38 20.13 -16.07
CA ILE M 84 4.60 19.57 -14.97
C ILE M 84 3.81 18.38 -15.45
N SER M 85 3.85 17.29 -14.69
CA SER M 85 3.13 16.08 -15.04
C SER M 85 1.69 16.42 -15.39
N GLU M 86 1.18 15.76 -16.42
CA GLU M 86 -0.19 15.97 -16.87
C GLU M 86 -1.19 15.41 -15.85
N SER M 87 -0.67 14.63 -14.92
CA SER M 87 -1.48 14.00 -13.89
C SER M 87 -1.91 14.94 -12.76
N VAL M 88 -1.22 16.07 -12.61
CA VAL M 88 -1.53 16.98 -11.51
C VAL M 88 -2.99 17.33 -11.30
N PRO M 89 -3.75 17.63 -12.38
CA PRO M 89 -5.17 17.96 -12.18
C PRO M 89 -5.96 16.84 -11.51
N VAL M 90 -5.66 15.61 -11.90
CA VAL M 90 -6.35 14.45 -11.35
C VAL M 90 -5.87 14.14 -9.93
N LEU M 91 -4.59 14.35 -9.67
CA LEU M 91 -4.07 14.09 -8.34
C LEU M 91 -4.68 15.08 -7.34
N GLU M 92 -4.97 16.29 -7.81
CA GLU M 92 -5.57 17.29 -6.92
C GLU M 92 -7.02 16.90 -6.70
N LEU M 93 -7.66 16.44 -7.77
CA LEU M 93 -9.05 16.01 -7.71
C LEU M 93 -9.24 14.95 -6.63
N PHE M 94 -8.43 13.91 -6.72
CA PHE M 94 -8.49 12.80 -5.78
C PHE M 94 -8.11 13.24 -4.37
N SER M 95 -7.07 14.06 -4.25
CA SER M 95 -6.66 14.49 -2.92
C SER M 95 -7.67 15.45 -2.28
N ASN M 96 -8.64 15.93 -3.05
CA ASN M 96 -9.65 16.82 -2.49
C ASN M 96 -10.67 15.98 -1.72
N ILE M 97 -10.52 14.67 -1.78
CA ILE M 97 -11.42 13.78 -1.04
C ILE M 97 -10.91 13.66 0.39
N TRP M 98 -11.76 14.00 1.37
CA TRP M 98 -11.33 13.91 2.76
C TRP M 98 -10.93 12.48 3.09
N GLY M 99 -9.70 12.28 3.58
CA GLY M 99 -9.25 10.95 3.92
C GLY M 99 -8.26 10.43 2.89
N ALA M 100 -8.22 11.06 1.73
CA ALA M 100 -7.29 10.61 0.68
C ALA M 100 -6.20 11.66 0.47
N GLY M 101 -4.95 11.27 0.77
CA GLY M 101 -3.83 12.17 0.60
C GLY M 101 -3.13 11.91 -0.71
N THR M 102 -1.87 12.33 -0.81
CA THR M 102 -1.11 12.15 -2.04
C THR M 102 -0.86 10.68 -2.39
N LYS M 103 -0.49 9.87 -1.42
CA LYS M 103 -0.23 8.45 -1.68
C LYS M 103 -1.44 7.73 -2.27
N THR M 104 -2.61 7.98 -1.71
CA THR M 104 -3.82 7.34 -2.19
C THR M 104 -4.13 7.87 -3.59
N ALA M 105 -4.00 9.18 -3.77
CA ALA M 105 -4.27 9.78 -5.07
C ALA M 105 -3.36 9.11 -6.10
N GLN M 106 -2.08 9.00 -5.75
CA GLN M 106 -1.07 8.38 -6.60
C GLN M 106 -1.48 6.97 -6.98
N MET M 107 -1.83 6.15 -6.00
CA MET M 107 -2.24 4.77 -6.21
C MET M 107 -3.43 4.66 -7.15
N TRP M 108 -4.48 5.44 -6.90
CA TRP M 108 -5.63 5.40 -7.77
C TRP M 108 -5.27 5.79 -9.19
N TYR M 109 -4.37 6.76 -9.34
CA TYR M 109 -3.96 7.20 -10.67
C TYR M 109 -3.22 6.08 -11.40
N GLN M 110 -2.35 5.37 -10.69
CA GLN M 110 -1.60 4.26 -11.30
C GLN M 110 -2.57 3.15 -11.69
N GLN M 111 -3.78 3.18 -11.17
CA GLN M 111 -4.77 2.17 -11.51
C GLN M 111 -5.61 2.65 -12.67
N GLY M 112 -5.21 3.79 -13.25
CA GLY M 112 -5.92 4.33 -14.39
C GLY M 112 -7.11 5.20 -14.07
N PHE M 113 -7.48 5.32 -12.80
CA PHE M 113 -8.62 6.13 -12.44
C PHE M 113 -8.32 7.59 -12.77
N ARG M 114 -9.34 8.33 -13.23
CA ARG M 114 -9.16 9.72 -13.61
C ARG M 114 -10.27 10.65 -13.12
N SER M 115 -11.43 10.09 -12.80
CA SER M 115 -12.56 10.91 -12.36
C SER M 115 -13.11 10.44 -11.01
N LEU M 116 -14.07 11.18 -10.50
CA LEU M 116 -14.69 10.81 -9.23
C LEU M 116 -15.55 9.58 -9.46
N GLU M 117 -16.23 9.53 -10.60
CA GLU M 117 -17.05 8.38 -10.96
C GLU M 117 -16.21 7.13 -10.99
N ASP M 118 -14.98 7.25 -11.48
CA ASP M 118 -14.07 6.12 -11.53
C ASP M 118 -13.85 5.64 -10.09
N ILE M 119 -13.63 6.60 -9.20
CA ILE M 119 -13.40 6.30 -7.79
C ILE M 119 -14.61 5.62 -7.17
N ARG M 120 -15.78 6.24 -7.36
CA ARG M 120 -17.02 5.71 -6.81
C ARG M 120 -17.35 4.31 -7.32
N SER M 121 -16.94 4.01 -8.55
CA SER M 121 -17.24 2.71 -9.16
C SER M 121 -16.19 1.61 -9.04
N GLN M 122 -14.91 1.97 -9.05
CA GLN M 122 -13.87 0.95 -9.00
C GLN M 122 -12.86 1.00 -7.86
N ALA M 123 -12.73 2.15 -7.22
CA ALA M 123 -11.74 2.28 -6.15
C ALA M 123 -12.11 1.66 -4.81
N SER M 124 -11.11 1.19 -4.10
CA SER M 124 -11.31 0.64 -2.78
C SER M 124 -11.29 1.90 -1.92
N LEU M 125 -12.22 2.02 -0.98
CA LEU M 125 -12.29 3.22 -0.14
C LEU M 125 -12.38 2.92 1.36
N THR M 126 -11.65 3.70 2.16
CA THR M 126 -11.74 3.52 3.61
C THR M 126 -13.09 4.11 4.01
N THR M 127 -13.51 3.87 5.23
CA THR M 127 -14.79 4.39 5.72
C THR M 127 -14.77 5.92 5.65
N GLN M 128 -13.66 6.53 6.09
CA GLN M 128 -13.55 7.99 6.06
C GLN M 128 -13.62 8.51 4.62
N GLN M 129 -12.84 7.90 3.72
CA GLN M 129 -12.84 8.32 2.31
C GLN M 129 -14.21 8.23 1.66
N ALA M 130 -14.98 7.20 1.98
CA ALA M 130 -16.32 7.05 1.39
C ALA M 130 -17.21 8.22 1.79
N ILE M 131 -17.11 8.64 3.05
CA ILE M 131 -17.89 9.78 3.51
C ILE M 131 -17.37 11.04 2.80
N GLY M 132 -16.06 11.16 2.70
CA GLY M 132 -15.47 12.32 2.02
C GLY M 132 -15.89 12.38 0.55
N LEU M 133 -15.95 11.22 -0.08
CA LEU M 133 -16.34 11.17 -1.49
C LEU M 133 -17.81 11.54 -1.67
N LYS M 134 -18.69 10.99 -0.84
CA LYS M 134 -20.09 11.31 -1.00
C LYS M 134 -20.42 12.77 -0.68
N HIS M 135 -19.54 13.46 0.04
CA HIS M 135 -19.78 14.86 0.35
C HIS M 135 -18.74 15.74 -0.34
N TYR M 136 -18.14 15.20 -1.40
CA TYR M 136 -17.10 15.91 -2.13
C TYR M 136 -17.39 17.39 -2.34
N SER M 137 -18.48 17.66 -3.06
CA SER M 137 -18.89 19.02 -3.39
C SER M 137 -19.18 19.89 -2.16
N ASP M 138 -19.96 19.37 -1.22
CA ASP M 138 -20.28 20.12 -0.01
C ASP M 138 -19.03 20.53 0.77
N PHE M 139 -18.06 19.63 0.88
CA PHE M 139 -16.82 19.86 1.62
C PHE M 139 -15.81 20.74 0.92
N LEU M 140 -15.95 20.91 -0.39
CA LEU M 140 -14.99 21.74 -1.13
C LEU M 140 -15.39 23.21 -1.05
N GLU M 141 -16.65 23.46 -0.77
CA GLU M 141 -17.12 24.83 -0.66
C GLU M 141 -16.75 25.43 0.71
N ARG M 142 -16.53 26.74 0.76
CA ARG M 142 -16.24 27.41 2.01
C ARG M 142 -17.61 27.96 2.39
N MET M 143 -18.08 27.70 3.60
CA MET M 143 -19.39 28.20 4.01
C MET M 143 -19.30 29.65 4.47
N PRO M 144 -20.41 30.40 4.40
CA PRO M 144 -20.37 31.81 4.84
C PRO M 144 -20.13 31.74 6.35
N ARG M 145 -19.43 32.71 6.94
CA ARG M 145 -19.21 32.60 8.38
C ARG M 145 -20.53 32.62 9.15
N GLU M 146 -21.58 33.13 8.51
CA GLU M 146 -22.89 33.17 9.16
C GLU M 146 -23.38 31.75 9.44
N GLU M 147 -23.06 30.82 8.56
CA GLU M 147 -23.50 29.42 8.74
C GLU M 147 -22.65 28.78 9.84
N ALA M 148 -21.36 29.08 9.87
CA ALA M 148 -20.49 28.55 10.90
C ALA M 148 -21.04 28.98 12.27
N THR M 149 -21.50 30.23 12.36
CA THR M 149 -22.07 30.75 13.61
C THR M 149 -23.26 29.87 14.04
N GLU M 150 -24.15 29.55 13.11
CA GLU M 150 -25.30 28.72 13.46
C GLU M 150 -24.84 27.34 13.91
N ILE M 151 -23.77 26.85 13.28
CA ILE M 151 -23.26 25.54 13.65
C ILE M 151 -22.73 25.58 15.07
N GLU M 152 -21.95 26.61 15.39
CA GLU M 152 -21.41 26.78 16.74
C GLU M 152 -22.55 26.93 17.76
N GLN M 153 -23.56 27.71 17.43
CA GLN M 153 -24.69 27.90 18.37
C GLN M 153 -25.43 26.59 18.62
N THR M 154 -25.44 25.73 17.62
CA THR M 154 -26.12 24.44 17.72
C THR M 154 -25.39 23.53 18.71
N VAL M 155 -24.07 23.45 18.57
CA VAL M 155 -23.28 22.64 19.47
C VAL M 155 -23.36 23.22 20.89
N GLN M 156 -23.22 24.53 20.99
CA GLN M 156 -23.27 25.20 22.29
C GLN M 156 -24.61 25.00 23.00
N LYS M 157 -25.70 25.06 22.25
CA LYS M 157 -27.00 24.86 22.87
C LYS M 157 -27.05 23.46 23.46
N ALA M 158 -26.61 22.45 22.70
CA ALA M 158 -26.64 21.08 23.19
C ALA M 158 -25.73 20.87 24.41
N ALA M 159 -24.57 21.52 24.39
CA ALA M 159 -23.61 21.42 25.47
C ALA M 159 -24.11 22.08 26.76
N GLN M 160 -24.56 23.32 26.65
CA GLN M 160 -25.05 24.05 27.82
C GLN M 160 -26.29 23.45 28.49
N ALA M 161 -26.99 22.58 27.78
CA ALA M 161 -28.16 21.94 28.36
C ALA M 161 -27.68 20.94 29.43
N PHE M 162 -26.43 20.49 29.32
CA PHE M 162 -25.88 19.56 30.29
C PHE M 162 -25.26 20.33 31.45
N ASN M 163 -24.60 21.45 31.15
CA ASN M 163 -24.01 22.30 32.18
C ASN M 163 -23.89 23.74 31.64
N SER M 164 -24.73 24.63 32.17
CA SER M 164 -24.77 26.01 31.72
C SER M 164 -23.49 26.80 31.89
N GLY M 165 -22.53 26.24 32.63
CA GLY M 165 -21.27 26.94 32.84
C GLY M 165 -20.22 26.69 31.76
N LEU M 166 -20.47 25.72 30.90
CA LEU M 166 -19.51 25.41 29.84
C LEU M 166 -19.24 26.61 28.93
N LEU M 167 -17.99 26.71 28.46
CA LEU M 167 -17.61 27.78 27.57
C LEU M 167 -17.33 27.14 26.20
N CYS M 168 -18.03 27.61 25.17
CA CYS M 168 -17.87 27.05 23.84
C CYS M 168 -17.37 28.15 22.89
N VAL M 169 -16.38 27.84 22.08
CA VAL M 169 -15.82 28.80 21.12
C VAL M 169 -15.44 28.17 19.79
N ALA M 170 -15.91 28.76 18.70
CA ALA M 170 -15.57 28.28 17.38
C ALA M 170 -14.20 28.87 17.09
N CYS M 171 -13.27 28.03 16.66
CA CYS M 171 -11.92 28.46 16.37
C CYS M 171 -11.64 28.52 14.86
N GLY M 172 -10.50 27.99 14.44
CA GLY M 172 -10.13 27.99 13.03
C GLY M 172 -10.24 29.35 12.35
N SER M 173 -10.46 29.33 11.03
CA SER M 173 -10.55 30.57 10.27
C SER M 173 -11.72 31.44 10.73
N TYR M 174 -12.75 30.82 11.30
CA TYR M 174 -13.90 31.57 11.80
C TYR M 174 -13.43 32.57 12.85
N ARG M 175 -12.69 32.09 13.84
CA ARG M 175 -12.22 32.97 14.89
C ARG M 175 -11.22 33.99 14.33
N ARG M 176 -10.54 33.65 13.24
CA ARG M 176 -9.61 34.61 12.67
C ARG M 176 -10.37 35.68 11.85
N GLY M 177 -11.69 35.63 11.92
CA GLY M 177 -12.52 36.60 11.23
C GLY M 177 -12.74 36.51 9.73
N LYS M 178 -12.56 35.34 9.15
CA LYS M 178 -12.75 35.21 7.70
C LYS M 178 -14.22 35.19 7.31
N ALA M 179 -14.52 35.76 6.15
CA ALA M 179 -15.89 35.81 5.66
C ALA M 179 -16.45 34.43 5.35
N THR M 180 -15.60 33.47 5.01
CA THR M 180 -16.07 32.11 4.73
C THR M 180 -15.10 31.14 5.42
N CYS M 181 -15.58 29.94 5.71
CA CYS M 181 -14.79 28.94 6.42
C CYS M 181 -14.87 27.56 5.80
N GLY M 182 -13.77 26.82 5.81
CA GLY M 182 -13.77 25.48 5.25
C GLY M 182 -14.37 24.45 6.20
N ASP M 183 -14.43 24.82 7.47
CA ASP M 183 -14.99 23.95 8.48
C ASP M 183 -15.24 24.71 9.77
N VAL M 184 -15.69 24.01 10.78
CA VAL M 184 -15.96 24.63 12.06
C VAL M 184 -15.36 23.74 13.13
N ASP M 185 -14.62 24.36 14.03
CA ASP M 185 -13.98 23.64 15.13
C ASP M 185 -14.50 24.31 16.40
N VAL M 186 -15.32 23.58 17.14
CA VAL M 186 -15.86 24.13 18.37
C VAL M 186 -15.06 23.59 19.56
N LEU M 187 -14.41 24.50 20.27
CA LEU M 187 -13.62 24.14 21.46
C LEU M 187 -14.51 24.36 22.68
N ILE M 188 -14.60 23.35 23.54
CA ILE M 188 -15.46 23.40 24.72
C ILE M 188 -14.66 23.16 26.01
N THR M 189 -14.96 23.91 27.06
CA THR M 189 -14.27 23.75 28.35
C THR M 189 -15.17 24.28 29.47
N HIS M 190 -14.73 24.20 30.71
CA HIS M 190 -15.51 24.73 31.85
C HIS M 190 -14.50 25.40 32.79
N PRO M 191 -14.80 26.64 33.23
CA PRO M 191 -13.93 27.41 34.12
C PRO M 191 -13.62 26.77 35.47
N ASP M 192 -14.51 25.91 35.99
CA ASP M 192 -14.22 25.31 37.30
C ASP M 192 -13.14 24.26 37.21
N GLY M 193 -12.67 23.99 36.01
CA GLY M 193 -11.58 23.04 35.81
C GLY M 193 -11.90 21.56 35.88
N ARG M 194 -13.14 21.19 36.16
CA ARG M 194 -13.48 19.77 36.24
C ARG M 194 -14.78 19.38 35.59
N SER M 195 -15.71 20.32 35.47
CA SER M 195 -17.00 19.99 34.89
C SER M 195 -17.06 19.68 33.41
N HIS M 196 -15.93 19.75 32.72
CA HIS M 196 -15.92 19.44 31.29
C HIS M 196 -15.95 17.93 31.11
N ARG M 197 -15.58 17.19 32.15
CA ARG M 197 -15.55 15.73 32.12
C ARG M 197 -16.94 15.13 32.04
N GLY M 198 -17.10 14.09 31.24
CA GLY M 198 -18.40 13.46 31.13
C GLY M 198 -19.40 14.26 30.32
N ILE M 199 -18.90 15.12 29.44
CA ILE M 199 -19.75 15.95 28.57
C ILE M 199 -19.65 15.45 27.14
N PHE M 200 -18.41 15.29 26.66
CA PHE M 200 -18.12 14.87 25.30
C PHE M 200 -19.06 13.80 24.74
N SER M 201 -19.06 12.63 25.36
CA SER M 201 -19.91 11.53 24.88
C SER M 201 -21.40 11.82 24.78
N ARG M 202 -21.98 12.38 25.84
CA ARG M 202 -23.41 12.65 25.77
C ARG M 202 -23.75 13.82 24.87
N LEU M 203 -22.80 14.72 24.66
CA LEU M 203 -23.00 15.84 23.76
C LEU M 203 -23.15 15.25 22.35
N LEU M 204 -22.22 14.37 21.99
CA LEU M 204 -22.29 13.76 20.67
C LEU M 204 -23.60 12.99 20.51
N ASP M 205 -24.02 12.28 21.57
N ASP M 205 -24.01 12.29 21.57
CA ASP M 205 -25.26 11.52 21.53
CA ASP M 205 -25.26 11.53 21.55
C ASP M 205 -26.45 12.45 21.29
C ASP M 205 -26.46 12.44 21.31
N SER M 206 -26.49 13.55 22.03
CA SER M 206 -27.57 14.52 21.89
C SER M 206 -27.61 15.08 20.47
N LEU M 207 -26.46 15.47 19.94
CA LEU M 207 -26.41 16.02 18.59
C LEU M 207 -26.79 14.97 17.54
N ARG M 208 -26.43 13.72 17.82
CA ARG M 208 -26.72 12.63 16.91
C ARG M 208 -28.21 12.32 16.94
N GLN M 209 -28.79 12.32 18.14
CA GLN M 209 -30.22 12.02 18.26
C GLN M 209 -31.07 13.09 17.58
N GLU M 210 -30.60 14.33 17.62
CA GLU M 210 -31.35 15.45 17.03
C GLU M 210 -31.15 15.54 15.51
N GLY M 211 -30.38 14.61 14.95
CA GLY M 211 -30.16 14.59 13.50
C GLY M 211 -29.14 15.57 12.95
N PHE M 212 -28.45 16.28 13.84
CA PHE M 212 -27.45 17.26 13.42
C PHE M 212 -26.17 16.62 12.88
N LEU M 213 -25.66 15.60 13.58
CA LEU M 213 -24.45 14.90 13.11
C LEU M 213 -24.95 13.86 12.13
N THR M 214 -24.37 13.81 10.92
CA THR M 214 -24.83 12.83 9.94
C THR M 214 -23.85 11.70 9.63
N ASP M 215 -22.57 11.95 9.92
CA ASP M 215 -21.52 10.96 9.68
C ASP M 215 -20.35 11.24 10.62
N ASP M 216 -19.66 10.19 11.07
CA ASP M 216 -18.50 10.36 11.94
C ASP M 216 -17.25 9.93 11.17
N LEU M 217 -16.21 10.75 11.20
CA LEU M 217 -14.95 10.42 10.55
C LEU M 217 -14.06 9.73 11.61
N VAL M 218 -14.12 10.25 12.83
CA VAL M 218 -13.40 9.72 13.98
C VAL M 218 -14.31 10.09 15.15
N SER M 219 -15.05 9.11 15.66
CA SER M 219 -16.00 9.35 16.73
C SER M 219 -15.35 9.83 18.01
N GLN M 220 -14.12 9.37 18.26
CA GLN M 220 -13.43 9.81 19.45
C GLN M 220 -11.94 9.63 19.41
N GLU M 221 -11.23 10.72 19.69
CA GLU M 221 -9.80 10.71 19.74
C GLU M 221 -9.38 11.24 21.11
N GLU M 222 -8.56 10.47 21.82
CA GLU M 222 -8.12 10.89 23.14
C GLU M 222 -6.65 11.28 23.13
N ASN M 223 -6.41 12.57 23.32
CA ASN M 223 -5.07 13.11 23.31
C ASN M 223 -4.85 13.73 24.69
N GLY M 224 -4.28 12.94 25.60
CA GLY M 224 -4.07 13.39 26.96
C GLY M 224 -5.46 13.62 27.53
N GLN M 225 -5.71 14.77 28.14
CA GLN M 225 -7.03 15.05 28.69
C GLN M 225 -7.99 15.70 27.69
N GLN M 226 -7.57 15.82 26.44
CA GLN M 226 -8.43 16.42 25.42
C GLN M 226 -9.17 15.31 24.66
N GLN M 227 -10.45 15.54 24.40
CA GLN M 227 -11.27 14.61 23.66
C GLN M 227 -11.70 15.32 22.37
N LYS M 228 -11.45 14.68 21.24
CA LYS M 228 -11.80 15.28 19.96
C LYS M 228 -12.68 14.42 19.09
N TYR M 229 -13.64 15.08 18.43
CA TYR M 229 -14.55 14.45 17.50
C TYR M 229 -14.32 15.07 16.13
N LEU M 230 -14.30 14.23 15.09
CA LEU M 230 -14.15 14.71 13.73
C LEU M 230 -15.35 14.09 13.01
N GLY M 231 -16.22 14.93 12.46
CA GLY M 231 -17.39 14.40 11.79
C GLY M 231 -18.02 15.30 10.77
N VAL M 232 -19.30 15.05 10.51
CA VAL M 232 -20.07 15.79 9.53
C VAL M 232 -21.40 16.22 10.13
N CYS M 233 -21.78 17.46 9.89
CA CYS M 233 -23.06 17.94 10.41
C CYS M 233 -23.86 18.63 9.30
N ARG M 234 -25.13 18.90 9.58
CA ARG M 234 -25.99 19.61 8.62
C ARG M 234 -27.07 20.29 9.43
N LEU M 235 -27.18 21.60 9.25
CA LEU M 235 -28.19 22.35 9.98
C LEU M 235 -29.56 21.97 9.44
N PRO M 236 -30.60 22.11 10.26
CA PRO M 236 -31.97 21.78 9.86
C PRO M 236 -32.39 22.73 8.76
N GLY M 237 -33.36 22.31 7.95
CA GLY M 237 -33.87 23.18 6.91
C GLY M 237 -33.58 22.68 5.51
N PRO M 238 -34.40 23.08 4.53
CA PRO M 238 -34.19 22.63 3.16
C PRO M 238 -33.02 23.39 2.54
N GLY M 239 -32.32 22.75 1.62
CA GLY M 239 -31.22 23.43 0.97
C GLY M 239 -29.92 23.55 1.77
N ARG M 240 -29.88 23.05 3.00
CA ARG M 240 -28.65 23.12 3.78
C ARG M 240 -27.66 22.06 3.28
N ARG M 241 -26.38 22.39 3.28
CA ARG M 241 -25.35 21.46 2.85
C ARG M 241 -24.68 20.79 4.05
N HIS M 242 -24.00 19.68 3.81
CA HIS M 242 -23.28 18.98 4.87
C HIS M 242 -21.97 19.75 5.08
N ARG M 243 -21.51 19.87 6.33
CA ARG M 243 -20.26 20.58 6.62
C ARG M 243 -19.34 19.82 7.56
N ARG M 244 -18.05 20.06 7.44
CA ARG M 244 -17.11 19.42 8.34
C ARG M 244 -17.15 20.08 9.72
N LEU M 245 -17.21 19.26 10.77
CA LEU M 245 -17.26 19.77 12.13
C LEU M 245 -16.39 18.96 13.09
N ASP M 246 -15.59 19.67 13.86
CA ASP M 246 -14.74 19.08 14.88
C ASP M 246 -15.20 19.63 16.22
N ILE M 247 -15.28 18.76 17.22
CA ILE M 247 -15.63 19.21 18.56
C ILE M 247 -14.50 18.72 19.45
N ILE M 248 -13.92 19.65 20.22
CA ILE M 248 -12.81 19.35 21.12
C ILE M 248 -13.15 19.80 22.54
N VAL M 249 -13.10 18.87 23.48
CA VAL M 249 -13.40 19.20 24.88
C VAL M 249 -12.09 19.12 25.65
N VAL M 250 -11.75 20.20 26.35
CA VAL M 250 -10.52 20.24 27.07
C VAL M 250 -10.63 20.78 28.50
N PRO M 251 -9.68 20.43 29.36
CA PRO M 251 -9.67 20.87 30.76
C PRO M 251 -9.28 22.35 30.72
N TYR M 252 -9.84 23.14 31.63
CA TYR M 252 -9.59 24.57 31.67
C TYR M 252 -8.13 24.98 31.70
N SER M 253 -7.29 24.22 32.40
CA SER M 253 -5.88 24.60 32.48
C SER M 253 -5.18 24.60 31.12
N GLU M 254 -5.73 23.90 30.14
CA GLU M 254 -5.14 23.86 28.80
C GLU M 254 -5.96 24.70 27.80
N PHE M 255 -6.97 25.42 28.29
CA PHE M 255 -7.82 26.18 27.39
C PHE M 255 -7.11 27.21 26.52
N ALA M 256 -6.22 28.00 27.10
CA ALA M 256 -5.49 29.01 26.34
C ALA M 256 -4.68 28.41 25.20
N CYS M 257 -3.91 27.36 25.50
CA CYS M 257 -3.09 26.73 24.48
C CYS M 257 -3.92 26.00 23.43
N ALA M 258 -5.07 25.45 23.83
CA ALA M 258 -5.92 24.76 22.86
C ALA M 258 -6.53 25.82 21.92
N LEU M 259 -6.98 26.94 22.50
CA LEU M 259 -7.55 28.03 21.72
C LEU M 259 -6.59 28.49 20.63
N LEU M 260 -5.36 28.77 21.06
CA LEU M 260 -4.31 29.22 20.17
C LEU M 260 -4.06 28.23 19.04
N TYR M 261 -3.94 26.97 19.41
CA TYR M 261 -3.64 25.91 18.46
C TYR M 261 -4.75 25.71 17.42
N PHE M 262 -5.99 25.59 17.88
CA PHE M 262 -7.09 25.37 16.96
C PHE M 262 -7.52 26.62 16.21
N THR M 263 -7.09 27.78 16.68
CA THR M 263 -7.40 29.02 15.97
C THR M 263 -6.39 29.16 14.82
N GLY M 264 -5.16 28.68 15.03
CA GLY M 264 -4.15 28.75 13.99
C GLY M 264 -3.77 30.16 13.56
N SER M 265 -3.45 30.37 12.28
CA SER M 265 -3.43 29.31 11.26
C SER M 265 -2.28 28.31 11.41
N ALA M 266 -2.21 27.36 10.48
CA ALA M 266 -1.16 26.36 10.49
C ALA M 266 0.22 27.01 10.39
N HIS M 267 0.32 28.11 9.66
CA HIS M 267 1.59 28.81 9.53
C HIS M 267 1.92 29.54 10.84
N PHE M 268 0.91 30.18 11.44
CA PHE M 268 1.12 30.88 12.69
C PHE M 268 1.60 29.90 13.77
N ASN M 269 0.98 28.72 13.83
CA ASN M 269 1.38 27.72 14.81
C ASN M 269 2.82 27.30 14.60
N ARG M 270 3.27 27.23 13.36
CA ARG M 270 4.64 26.85 13.08
C ARG M 270 5.60 27.92 13.57
N SER M 271 5.27 29.19 13.32
CA SER M 271 6.19 30.24 13.74
C SER M 271 6.28 30.30 15.27
N MET M 272 5.16 30.02 15.94
CA MET M 272 5.13 30.05 17.40
C MET M 272 5.92 28.89 18.01
N ARG M 273 5.86 27.72 17.38
CA ARG M 273 6.59 26.57 17.89
C ARG M 273 8.09 26.79 17.71
N ALA M 274 8.46 27.36 16.57
CA ALA M 274 9.86 27.63 16.26
C ALA M 274 10.38 28.69 17.22
N LEU M 275 9.56 29.70 17.46
CA LEU M 275 9.95 30.77 18.36
C LEU M 275 10.12 30.27 19.79
N ALA M 276 9.21 29.39 20.20
CA ALA M 276 9.29 28.82 21.55
C ALA M 276 10.60 28.05 21.66
N LYS M 277 10.96 27.41 20.56
CA LYS M 277 12.18 26.61 20.49
C LYS M 277 13.44 27.45 20.70
N THR M 278 13.47 28.65 20.11
CA THR M 278 14.64 29.52 20.25
C THR M 278 14.78 29.94 21.70
N LYS M 279 13.70 29.85 22.46
CA LYS M 279 13.73 30.26 23.86
C LYS M 279 13.72 29.11 24.85
N GLY M 280 14.09 27.93 24.38
CA GLY M 280 14.13 26.76 25.25
C GLY M 280 12.80 26.28 25.77
N MET M 281 11.77 26.40 24.94
CA MET M 281 10.42 25.96 25.32
C MET M 281 9.76 25.27 24.15
N SER M 282 8.62 24.64 24.41
CA SER M 282 7.85 23.99 23.36
C SER M 282 6.40 24.39 23.56
N LEU M 283 5.69 24.53 22.44
CA LEU M 283 4.30 24.93 22.48
C LEU M 283 3.47 23.92 21.73
N SER M 284 2.47 23.36 22.40
CA SER M 284 1.59 22.39 21.80
C SER M 284 0.17 22.80 22.10
N GLU M 285 -0.78 21.96 21.68
CA GLU M 285 -2.18 22.23 21.91
C GLU M 285 -2.52 22.06 23.40
N HIS M 286 -1.60 21.45 24.15
CA HIS M 286 -1.79 21.20 25.57
C HIS M 286 -1.19 22.29 26.45
N ALA M 287 0.04 22.69 26.15
CA ALA M 287 0.67 23.69 26.98
C ALA M 287 1.94 24.26 26.42
N LEU M 288 2.44 25.26 27.15
CA LEU M 288 3.70 25.93 26.87
C LEU M 288 4.55 25.31 27.98
N SER M 289 5.60 24.59 27.61
CA SER M 289 6.46 23.96 28.61
C SER M 289 7.93 24.30 28.39
N THR M 290 8.75 24.07 29.41
CA THR M 290 10.18 24.29 29.29
C THR M 290 10.69 23.09 28.49
N ALA M 291 11.86 23.24 27.88
CA ALA M 291 12.45 22.17 27.08
C ALA M 291 12.52 20.82 27.78
N VAL M 292 12.31 19.75 27.02
CA VAL M 292 12.36 18.42 27.60
C VAL M 292 13.78 18.03 27.97
N VAL M 293 13.89 17.23 29.02
CA VAL M 293 15.17 16.78 29.56
C VAL M 293 15.77 15.72 28.65
N ARG M 294 16.96 15.99 28.12
CA ARG M 294 17.64 15.06 27.22
C ARG M 294 18.92 14.45 27.80
N ASN M 295 19.34 13.32 27.23
CA ASN M 295 20.55 12.64 27.68
C ASN M 295 21.69 12.82 26.67
N THR M 296 22.82 12.19 26.96
CA THR M 296 24.01 12.28 26.12
C THR M 296 23.76 12.18 24.61
N HIS M 297 22.65 11.57 24.22
CA HIS M 297 22.33 11.40 22.82
C HIS M 297 21.19 12.31 22.36
N GLY M 298 20.96 13.38 23.12
CA GLY M 298 19.90 14.32 22.79
C GLY M 298 18.56 13.64 22.58
N CYS M 299 18.21 12.75 23.50
CA CYS M 299 16.95 12.02 23.40
C CYS M 299 16.02 12.24 24.58
N LYS M 300 14.72 12.34 24.28
CA LYS M 300 13.71 12.58 25.31
C LYS M 300 13.76 11.55 26.42
N VAL M 301 14.11 12.01 27.62
CA VAL M 301 14.19 11.14 28.79
C VAL M 301 13.24 11.66 29.86
N GLY M 302 12.82 12.92 29.73
CA GLY M 302 11.92 13.51 30.70
C GLY M 302 11.25 14.78 30.21
N PRO M 303 9.91 14.88 30.32
CA PRO M 303 9.15 16.05 29.88
C PRO M 303 9.52 17.34 30.61
N GLY M 304 9.44 18.45 29.90
CA GLY M 304 9.74 19.72 30.51
C GLY M 304 8.55 20.05 31.39
N ARG M 305 8.66 21.10 32.20
CA ARG M 305 7.55 21.43 33.06
C ARG M 305 6.59 22.46 32.44
N VAL M 306 5.30 22.23 32.64
CA VAL M 306 4.28 23.12 32.11
C VAL M 306 4.32 24.49 32.80
N LEU M 307 4.32 25.54 32.00
CA LEU M 307 4.29 26.92 32.52
C LEU M 307 2.82 27.33 32.39
N PRO M 308 2.11 27.44 33.52
CA PRO M 308 0.69 27.83 33.49
C PRO M 308 0.39 29.06 32.64
N THR M 309 -0.63 28.94 31.80
CA THR M 309 -1.04 30.03 30.92
C THR M 309 -2.55 30.11 30.91
N PRO M 310 -3.14 30.94 31.78
CA PRO M 310 -4.59 31.09 31.85
C PRO M 310 -5.25 31.62 30.58
N THR M 311 -4.57 32.51 29.86
CA THR M 311 -5.16 33.09 28.65
C THR M 311 -4.11 33.09 27.55
N GLU M 312 -4.55 33.36 26.33
CA GLU M 312 -3.61 33.39 25.22
C GLU M 312 -2.54 34.44 25.48
N LYS M 313 -2.94 35.59 26.03
CA LYS M 313 -1.99 36.67 26.32
C LYS M 313 -0.84 36.16 27.19
N ASP M 314 -1.13 35.27 28.14
CA ASP M 314 -0.09 34.70 28.99
C ASP M 314 0.94 33.95 28.14
N VAL M 315 0.47 33.21 27.14
CA VAL M 315 1.36 32.47 26.27
C VAL M 315 2.29 33.42 25.52
N PHE M 316 1.75 34.51 24.99
CA PHE M 316 2.59 35.48 24.29
C PHE M 316 3.55 36.13 25.29
N ARG M 317 3.02 36.55 26.43
CA ARG M 317 3.83 37.18 27.46
C ARG M 317 5.04 36.32 27.84
N LEU M 318 4.79 35.06 28.17
CA LEU M 318 5.89 34.18 28.55
C LEU M 318 6.88 33.96 27.41
N LEU M 319 6.44 34.18 26.19
CA LEU M 319 7.32 34.00 25.03
C LEU M 319 8.01 35.32 24.64
N GLY M 320 7.72 36.38 25.38
CA GLY M 320 8.33 37.67 25.12
C GLY M 320 7.83 38.25 23.82
N LEU M 321 6.56 38.01 23.53
CA LEU M 321 5.96 38.50 22.30
C LEU M 321 4.78 39.42 22.57
N PRO M 322 4.54 40.36 21.65
CA PRO M 322 3.42 41.29 21.79
C PRO M 322 2.18 40.46 21.44
N TYR M 323 1.07 40.65 22.14
CA TYR M 323 -0.11 39.87 21.83
C TYR M 323 -0.60 40.15 20.42
N ARG M 324 -1.10 39.10 19.75
CA ARG M 324 -1.61 39.25 18.40
C ARG M 324 -3.05 38.75 18.33
N GLU M 325 -3.95 39.62 17.91
CA GLU M 325 -5.37 39.27 17.81
C GLU M 325 -5.52 38.15 16.80
N PRO M 326 -6.56 37.32 16.96
CA PRO M 326 -6.82 36.21 16.05
C PRO M 326 -6.79 36.59 14.56
N ALA M 327 -7.42 37.70 14.21
CA ALA M 327 -7.46 38.15 12.81
C ALA M 327 -6.08 38.44 12.23
N GLU M 328 -5.08 38.64 13.09
CA GLU M 328 -3.74 38.93 12.61
C GLU M 328 -2.86 37.70 12.57
N ARG M 329 -3.45 36.51 12.71
CA ARG M 329 -2.67 35.27 12.74
C ARG M 329 -2.67 34.40 11.49
N ASP M 330 -2.80 35.01 10.32
CA ASP M 330 -2.80 34.19 9.10
C ASP M 330 -1.41 33.64 8.87
N TRP M 331 -0.40 34.38 9.32
CA TRP M 331 0.99 33.96 9.19
C TRP M 331 1.74 34.32 10.46
N THR N 6 8.10 8.90 -52.67
CA THR N 6 7.98 10.20 -52.02
C THR N 6 7.27 10.07 -50.68
N ASN N 7 7.55 10.99 -49.75
CA ASN N 7 6.95 10.96 -48.43
C ASN N 7 5.61 11.70 -48.38
N HIS N 8 4.51 10.96 -48.46
CA HIS N 8 3.19 11.57 -48.41
C HIS N 8 2.78 11.90 -46.98
N ASN N 9 3.64 11.52 -46.04
CA ASN N 9 3.37 11.76 -44.64
C ASN N 9 4.47 12.55 -43.93
N LEU N 10 5.21 13.35 -44.69
CA LEU N 10 6.30 14.14 -44.12
C LEU N 10 5.89 14.91 -42.87
N HIS N 11 4.67 15.44 -42.85
CA HIS N 11 4.21 16.19 -41.69
C HIS N 11 4.09 15.32 -40.46
N ILE N 12 3.96 14.01 -40.68
CA ILE N 12 3.85 13.06 -39.60
C ILE N 12 5.23 12.55 -39.24
N THR N 13 5.94 12.01 -40.23
CA THR N 13 7.29 11.49 -40.04
C THR N 13 8.19 12.50 -39.36
N GLU N 14 8.01 13.79 -39.69
CA GLU N 14 8.81 14.86 -39.11
C GLU N 14 8.62 14.97 -37.60
N LYS N 15 7.37 14.79 -37.15
CA LYS N 15 7.08 14.86 -35.71
C LYS N 15 7.66 13.65 -34.98
N LEU N 16 7.49 12.47 -35.56
CA LEU N 16 7.97 11.23 -34.96
C LEU N 16 9.49 11.16 -34.84
N GLU N 17 10.20 11.65 -35.86
CA GLU N 17 11.65 11.62 -35.82
C GLU N 17 12.21 12.37 -34.60
N VAL N 18 11.60 13.50 -34.26
CA VAL N 18 12.05 14.27 -33.10
C VAL N 18 11.86 13.45 -31.82
N LEU N 19 10.74 12.76 -31.72
CA LEU N 19 10.45 11.93 -30.55
C LEU N 19 11.37 10.71 -30.53
N ALA N 20 11.55 10.09 -31.69
CA ALA N 20 12.41 8.91 -31.78
C ALA N 20 13.82 9.25 -31.31
N LYS N 21 14.30 10.43 -31.68
CA LYS N 21 15.65 10.88 -31.30
C LYS N 21 15.74 11.11 -29.80
N ALA N 22 14.69 11.67 -29.21
CA ALA N 22 14.67 11.94 -27.78
C ALA N 22 14.86 10.62 -27.04
N TYR N 23 14.12 9.60 -27.43
CA TYR N 23 14.24 8.29 -26.78
C TYR N 23 15.63 7.72 -26.99
N SER N 24 16.14 7.86 -28.20
CA SER N 24 17.47 7.37 -28.54
C SER N 24 18.56 7.94 -27.62
N VAL N 25 18.66 9.27 -27.54
CA VAL N 25 19.68 9.90 -26.71
C VAL N 25 19.55 9.59 -25.23
N GLN N 26 18.34 9.32 -24.75
CA GLN N 26 18.13 9.01 -23.35
C GLN N 26 18.43 7.55 -23.01
N GLY N 27 18.66 6.73 -24.05
CA GLY N 27 18.98 5.34 -23.81
C GLY N 27 17.92 4.28 -24.06
N ASP N 28 16.75 4.69 -24.55
CA ASP N 28 15.66 3.77 -24.82
C ASP N 28 15.77 3.25 -26.25
N LYS N 29 16.90 2.61 -26.57
CA LYS N 29 17.15 2.11 -27.93
C LYS N 29 16.03 1.30 -28.59
N TRP N 30 15.37 0.41 -27.86
CA TRP N 30 14.32 -0.40 -28.46
C TRP N 30 13.10 0.43 -28.89
N ARG N 31 12.61 1.28 -27.99
CA ARG N 31 11.45 2.11 -28.31
C ARG N 31 11.81 2.99 -29.52
N ALA N 32 13.05 3.43 -29.58
CA ALA N 32 13.52 4.25 -30.68
C ALA N 32 13.49 3.42 -31.95
N LEU N 33 13.88 2.15 -31.84
CA LEU N 33 13.89 1.25 -32.99
C LEU N 33 12.47 1.12 -33.51
N GLY N 34 11.51 0.98 -32.59
CA GLY N 34 10.12 0.87 -32.99
C GLY N 34 9.68 2.10 -33.75
N TYR N 35 10.06 3.26 -33.26
CA TYR N 35 9.73 4.51 -33.92
C TYR N 35 10.40 4.58 -35.29
N ALA N 36 11.65 4.12 -35.38
CA ALA N 36 12.39 4.15 -36.64
C ALA N 36 11.71 3.32 -37.73
N LYS N 37 11.34 2.08 -37.38
CA LYS N 37 10.71 1.21 -38.35
C LYS N 37 9.34 1.76 -38.74
N ALA N 38 8.62 2.32 -37.76
CA ALA N 38 7.31 2.88 -38.02
C ALA N 38 7.44 4.09 -38.96
N ILE N 39 8.48 4.89 -38.74
CA ILE N 39 8.71 6.09 -39.55
C ILE N 39 8.93 5.77 -41.02
N ASN N 40 9.73 4.76 -41.31
CA ASN N 40 9.98 4.40 -42.70
C ASN N 40 8.72 3.78 -43.32
N ALA N 41 7.99 3.00 -42.53
CA ALA N 41 6.76 2.38 -43.01
C ALA N 41 5.79 3.50 -43.45
N LEU N 42 5.95 4.68 -42.85
CA LEU N 42 5.12 5.83 -43.18
C LEU N 42 5.63 6.52 -44.43
N LYS N 43 6.95 6.73 -44.48
CA LYS N 43 7.59 7.38 -45.62
C LYS N 43 7.41 6.57 -46.91
N SER N 44 7.41 5.25 -46.78
CA SER N 44 7.28 4.39 -47.94
C SER N 44 5.83 4.12 -48.34
N PHE N 45 4.88 4.45 -47.48
CA PHE N 45 3.47 4.21 -47.79
C PHE N 45 3.10 4.85 -49.14
N HIS N 46 2.28 4.15 -49.91
CA HIS N 46 1.86 4.61 -51.23
C HIS N 46 0.97 5.85 -51.27
N LYS N 47 0.33 6.17 -50.15
CA LYS N 47 -0.55 7.34 -50.09
C LYS N 47 -0.56 8.00 -48.72
N PRO N 48 -1.12 9.22 -48.63
CA PRO N 48 -1.17 9.93 -47.35
C PRO N 48 -2.09 9.24 -46.36
N VAL N 49 -1.57 8.90 -45.18
CA VAL N 49 -2.40 8.26 -44.16
C VAL N 49 -3.48 9.28 -43.77
N THR N 50 -4.74 8.87 -43.85
CA THR N 50 -5.86 9.76 -43.55
C THR N 50 -6.74 9.37 -42.36
N SER N 51 -6.48 8.22 -41.74
CA SER N 51 -7.30 7.80 -40.60
C SER N 51 -6.62 6.81 -39.65
N TYR N 52 -7.20 6.71 -38.45
CA TYR N 52 -6.69 5.80 -37.42
C TYR N 52 -6.72 4.38 -37.98
N GLN N 53 -7.85 4.02 -38.59
CA GLN N 53 -8.04 2.69 -39.16
C GLN N 53 -6.95 2.39 -40.17
N GLU N 54 -6.82 3.23 -41.19
CA GLU N 54 -5.79 3.03 -42.21
C GLU N 54 -4.40 2.95 -41.57
N ALA N 55 -4.16 3.78 -40.57
CA ALA N 55 -2.87 3.78 -39.88
C ALA N 55 -2.63 2.37 -39.30
N CYS N 56 -3.63 1.85 -38.59
CA CYS N 56 -3.53 0.52 -37.98
C CYS N 56 -3.40 -0.64 -38.96
N SER N 57 -3.54 -0.38 -40.25
CA SER N 57 -3.46 -1.43 -41.26
C SER N 57 -2.03 -1.59 -41.77
N ILE N 58 -1.14 -0.72 -41.32
CA ILE N 58 0.25 -0.77 -41.74
C ILE N 58 1.14 -1.49 -40.74
N PRO N 59 1.84 -2.55 -41.18
CA PRO N 59 2.74 -3.31 -40.31
C PRO N 59 3.80 -2.37 -39.74
N GLY N 60 4.05 -2.48 -38.44
CA GLY N 60 5.03 -1.61 -37.81
C GLY N 60 4.35 -0.42 -37.16
N ILE N 61 3.05 -0.29 -37.40
CA ILE N 61 2.26 0.80 -36.80
C ILE N 61 1.12 0.24 -35.97
N GLY N 62 1.32 0.22 -34.66
CA GLY N 62 0.29 -0.29 -33.76
C GLY N 62 -0.69 0.78 -33.32
N LYS N 63 -1.50 0.46 -32.32
CA LYS N 63 -2.48 1.41 -31.82
C LYS N 63 -1.79 2.69 -31.34
N ARG N 64 -0.73 2.52 -30.55
CA ARG N 64 0.04 3.63 -30.01
C ARG N 64 0.50 4.61 -31.09
N MET N 65 1.05 4.08 -32.17
CA MET N 65 1.55 4.90 -33.26
C MET N 65 0.37 5.51 -33.99
N ALA N 66 -0.69 4.71 -34.17
CA ALA N 66 -1.88 5.20 -34.86
C ALA N 66 -2.50 6.38 -34.12
N GLU N 67 -2.48 6.32 -32.79
CA GLU N 67 -3.02 7.39 -31.96
C GLU N 67 -2.30 8.71 -32.21
N LYS N 68 -0.97 8.66 -32.24
CA LYS N 68 -0.17 9.86 -32.48
C LYS N 68 -0.39 10.38 -33.90
N ILE N 69 -0.54 9.46 -34.86
CA ILE N 69 -0.76 9.86 -36.23
C ILE N 69 -2.06 10.65 -36.35
N ILE N 70 -3.14 10.11 -35.79
CA ILE N 70 -4.43 10.78 -35.83
C ILE N 70 -4.38 12.12 -35.11
N GLU N 71 -3.61 12.17 -34.03
CA GLU N 71 -3.50 13.42 -33.26
C GLU N 71 -2.87 14.51 -34.14
N ILE N 72 -1.83 14.15 -34.87
CA ILE N 72 -1.15 15.10 -35.75
C ILE N 72 -2.04 15.52 -36.92
N LEU N 73 -2.85 14.58 -37.39
CA LEU N 73 -3.75 14.85 -38.51
C LEU N 73 -4.89 15.80 -38.15
N GLU N 74 -5.52 15.55 -37.00
CA GLU N 74 -6.65 16.35 -36.54
C GLU N 74 -6.37 17.67 -35.83
N SER N 75 -5.29 17.74 -35.05
CA SER N 75 -4.96 18.97 -34.32
C SER N 75 -3.80 19.73 -34.98
N GLY N 76 -2.99 19.01 -35.75
CA GLY N 76 -1.86 19.63 -36.42
C GLY N 76 -0.60 19.61 -35.58
N HIS N 77 -0.67 18.99 -34.40
CA HIS N 77 0.47 18.92 -33.49
C HIS N 77 0.54 17.61 -32.73
N LEU N 78 1.65 17.42 -32.03
CA LEU N 78 1.89 16.22 -31.22
C LEU N 78 2.31 16.66 -29.83
N ARG N 79 1.33 16.91 -28.97
CA ARG N 79 1.57 17.37 -27.60
C ARG N 79 2.79 16.73 -26.91
N LYS N 80 2.98 15.44 -27.13
CA LYS N 80 4.10 14.70 -26.54
C LYS N 80 5.42 15.46 -26.68
N LEU N 81 5.55 16.20 -27.77
CA LEU N 81 6.76 16.97 -28.03
C LEU N 81 6.91 18.22 -27.18
N ASP N 82 5.88 18.58 -26.43
CA ASP N 82 5.92 19.76 -25.55
C ASP N 82 6.55 19.36 -24.23
N HIS N 83 6.60 18.06 -23.97
CA HIS N 83 7.14 17.55 -22.72
C HIS N 83 8.40 16.69 -22.86
N ILE N 84 9.22 16.99 -23.87
CA ILE N 84 10.47 16.26 -24.06
C ILE N 84 11.50 16.85 -23.10
N SER N 85 12.19 15.99 -22.36
CA SER N 85 13.20 16.43 -21.39
C SER N 85 14.07 17.55 -21.94
N GLU N 86 14.33 18.55 -21.10
CA GLU N 86 15.15 19.68 -21.49
C GLU N 86 16.61 19.28 -21.63
N SER N 87 16.93 18.10 -21.10
CA SER N 87 18.30 17.59 -21.16
C SER N 87 18.69 17.00 -22.52
N VAL N 88 17.68 16.64 -23.31
CA VAL N 88 17.91 16.03 -24.63
C VAL N 88 18.98 16.69 -25.51
N PRO N 89 18.83 18.00 -25.80
CA PRO N 89 19.83 18.67 -26.64
C PRO N 89 21.28 18.48 -26.15
N VAL N 90 21.47 18.47 -24.83
CA VAL N 90 22.79 18.30 -24.27
C VAL N 90 23.23 16.84 -24.29
N LEU N 91 22.28 15.93 -24.09
CA LEU N 91 22.58 14.51 -24.12
C LEU N 91 23.06 14.13 -25.52
N GLU N 92 22.46 14.74 -26.53
CA GLU N 92 22.84 14.48 -27.91
C GLU N 92 24.25 15.01 -28.17
N LEU N 93 24.51 16.22 -27.68
CA LEU N 93 25.83 16.84 -27.84
C LEU N 93 26.88 15.88 -27.30
N PHE N 94 26.70 15.46 -26.05
CA PHE N 94 27.63 14.55 -25.40
C PHE N 94 27.77 13.18 -26.07
N SER N 95 26.68 12.65 -26.61
CA SER N 95 26.73 11.33 -27.27
C SER N 95 27.30 11.36 -28.69
N ASN N 96 27.41 12.54 -29.28
CA ASN N 96 27.99 12.67 -30.62
C ASN N 96 29.50 12.55 -30.50
N ILE N 97 29.97 12.42 -29.26
CA ILE N 97 31.40 12.25 -29.02
C ILE N 97 31.70 10.77 -29.19
N TRP N 98 32.44 10.41 -30.22
CA TRP N 98 32.74 9.01 -30.48
C TRP N 98 33.33 8.34 -29.25
N GLY N 99 32.60 7.39 -28.68
CA GLY N 99 33.08 6.68 -27.52
C GLY N 99 32.22 6.91 -26.29
N ALA N 100 31.29 7.86 -26.39
CA ALA N 100 30.40 8.16 -25.28
C ALA N 100 28.97 7.83 -25.70
N GLY N 101 28.32 6.95 -24.93
CA GLY N 101 26.95 6.57 -25.23
C GLY N 101 25.98 7.28 -24.30
N THR N 102 24.76 6.76 -24.19
CA THR N 102 23.74 7.36 -23.33
C THR N 102 24.10 7.38 -21.84
N LYS N 103 24.75 6.32 -21.36
CA LYS N 103 25.13 6.24 -19.95
C LYS N 103 26.18 7.29 -19.57
N THR N 104 27.11 7.55 -20.48
CA THR N 104 28.18 8.54 -20.23
C THR N 104 27.64 9.97 -20.39
N ALA N 105 26.74 10.16 -21.36
CA ALA N 105 26.16 11.47 -21.61
C ALA N 105 25.33 11.87 -20.39
N GLN N 106 24.60 10.90 -19.86
CA GLN N 106 23.77 11.11 -18.69
C GLN N 106 24.65 11.43 -17.49
N MET N 107 25.58 10.55 -17.18
CA MET N 107 26.49 10.72 -16.05
C MET N 107 27.05 12.15 -16.03
N TRP N 108 27.51 12.63 -17.19
CA TRP N 108 28.06 13.96 -17.28
C TRP N 108 26.99 15.04 -17.03
N TYR N 109 25.85 14.90 -17.69
CA TYR N 109 24.76 15.88 -17.52
C TYR N 109 24.41 15.96 -16.04
N GLN N 110 24.37 14.80 -15.38
CA GLN N 110 24.05 14.71 -13.98
C GLN N 110 25.10 15.47 -13.16
N GLN N 111 26.38 15.28 -13.51
CA GLN N 111 27.46 15.98 -12.81
C GLN N 111 27.29 17.48 -12.95
N GLY N 112 26.42 17.89 -13.86
CA GLY N 112 26.17 19.30 -14.08
C GLY N 112 26.85 19.82 -15.34
N PHE N 113 27.41 18.91 -16.13
CA PHE N 113 28.09 19.30 -17.36
C PHE N 113 27.07 19.64 -18.44
N ARG N 114 27.27 20.74 -19.14
CA ARG N 114 26.35 21.19 -20.18
C ARG N 114 27.01 21.53 -21.51
N SER N 115 28.34 21.66 -21.51
CA SER N 115 29.04 22.01 -22.74
C SER N 115 30.23 21.09 -23.03
N LEU N 116 30.69 21.09 -24.28
CA LEU N 116 31.84 20.29 -24.65
C LEU N 116 33.01 20.73 -23.78
N GLU N 117 33.02 22.01 -23.43
CA GLU N 117 34.06 22.61 -22.60
C GLU N 117 34.05 22.03 -21.19
N ASP N 118 32.86 21.96 -20.59
CA ASP N 118 32.73 21.40 -19.24
C ASP N 118 33.37 20.02 -19.25
N ILE N 119 33.05 19.23 -20.29
CA ILE N 119 33.60 17.89 -20.43
C ILE N 119 35.09 18.04 -20.73
N ARG N 120 35.37 18.82 -21.78
CA ARG N 120 36.71 19.09 -22.28
C ARG N 120 37.60 19.88 -21.30
N SER N 121 37.10 20.07 -20.08
CA SER N 121 37.85 20.80 -19.06
C SER N 121 37.66 20.22 -17.67
N GLN N 122 36.56 19.50 -17.46
CA GLN N 122 36.26 18.92 -16.16
C GLN N 122 35.90 17.44 -16.16
N ALA N 123 35.46 16.91 -17.29
CA ALA N 123 35.07 15.51 -17.37
C ALA N 123 36.20 14.53 -17.67
N SER N 124 36.22 13.43 -16.93
CA SER N 124 37.23 12.40 -17.13
C SER N 124 36.91 11.75 -18.46
N LEU N 125 37.93 11.48 -19.27
CA LEU N 125 37.70 10.88 -20.58
C LEU N 125 38.50 9.62 -20.85
N THR N 126 37.89 8.67 -21.52
CA THR N 126 38.58 7.42 -21.87
C THR N 126 39.46 7.78 -23.06
N THR N 127 40.43 6.95 -23.37
CA THR N 127 41.33 7.21 -24.49
C THR N 127 40.53 7.48 -25.77
N GLN N 128 39.59 6.59 -26.07
CA GLN N 128 38.77 6.74 -27.27
C GLN N 128 38.00 8.05 -27.26
N GLN N 129 37.34 8.33 -26.13
CA GLN N 129 36.55 9.55 -25.98
C GLN N 129 37.36 10.82 -26.19
N ALA N 130 38.63 10.80 -25.77
CA ALA N 130 39.49 11.96 -25.93
C ALA N 130 39.75 12.18 -27.41
N ILE N 131 39.97 11.08 -28.13
CA ILE N 131 40.22 11.16 -29.56
C ILE N 131 38.96 11.64 -30.28
N GLY N 132 37.81 11.36 -29.69
CA GLY N 132 36.57 11.78 -30.31
C GLY N 132 36.26 13.25 -30.06
N LEU N 133 36.54 13.72 -28.85
CA LEU N 133 36.30 15.10 -28.49
C LEU N 133 37.11 16.05 -29.37
N LYS N 134 38.43 15.87 -29.38
CA LYS N 134 39.28 16.74 -30.19
C LYS N 134 38.93 16.69 -31.67
N HIS N 135 38.35 15.58 -32.12
CA HIS N 135 37.95 15.45 -33.52
C HIS N 135 36.43 15.56 -33.63
N TYR N 136 35.81 16.09 -32.58
CA TYR N 136 34.36 16.25 -32.53
C TYR N 136 33.74 16.83 -33.79
N SER N 137 34.26 17.97 -34.23
CA SER N 137 33.72 18.61 -35.44
C SER N 137 33.96 17.84 -36.72
N ASP N 138 35.19 17.36 -36.93
CA ASP N 138 35.47 16.59 -38.14
C ASP N 138 34.52 15.40 -38.28
N PHE N 139 34.43 14.60 -37.21
CA PHE N 139 33.58 13.41 -37.18
C PHE N 139 32.10 13.74 -37.36
N LEU N 140 31.68 14.89 -36.86
CA LEU N 140 30.29 15.30 -36.98
C LEU N 140 29.92 15.48 -38.45
N GLU N 141 30.94 15.62 -39.29
CA GLU N 141 30.73 15.83 -40.71
C GLU N 141 30.89 14.60 -41.61
N ARG N 142 29.99 14.46 -42.57
CA ARG N 142 30.06 13.37 -43.53
C ARG N 142 31.25 13.71 -44.42
N MET N 143 31.48 12.93 -45.47
CA MET N 143 32.59 13.23 -46.38
C MET N 143 32.18 12.98 -47.83
N PRO N 144 32.75 13.78 -48.74
CA PRO N 144 32.49 13.70 -50.18
C PRO N 144 32.72 12.28 -50.68
N ARG N 145 31.81 11.80 -51.50
CA ARG N 145 31.93 10.46 -52.03
C ARG N 145 33.32 10.29 -52.66
N GLU N 146 33.93 11.42 -53.04
CA GLU N 146 35.25 11.42 -53.67
C GLU N 146 36.40 11.21 -52.68
N GLU N 147 36.31 11.86 -51.53
CA GLU N 147 37.36 11.74 -50.51
C GLU N 147 37.38 10.30 -50.01
N ALA N 148 36.20 9.69 -49.95
CA ALA N 148 36.08 8.31 -49.51
C ALA N 148 36.91 7.43 -50.42
N THR N 149 36.73 7.59 -51.72
CA THR N 149 37.48 6.80 -52.70
C THR N 149 38.98 6.94 -52.48
N GLU N 150 39.45 8.16 -52.29
CA GLU N 150 40.88 8.40 -52.06
C GLU N 150 41.39 7.63 -50.84
N ILE N 151 40.54 7.54 -49.81
CA ILE N 151 40.91 6.83 -48.59
C ILE N 151 41.00 5.33 -48.85
N GLU N 152 40.00 4.80 -49.56
CA GLU N 152 39.97 3.40 -49.90
C GLU N 152 41.20 3.05 -50.74
N GLN N 153 41.51 3.91 -51.71
CA GLN N 153 42.67 3.71 -52.58
C GLN N 153 43.99 3.76 -51.80
N THR N 154 44.07 4.69 -50.85
CA THR N 154 45.27 4.82 -50.03
C THR N 154 45.54 3.53 -49.27
N VAL N 155 44.47 2.93 -48.74
CA VAL N 155 44.58 1.68 -48.02
C VAL N 155 44.87 0.52 -48.97
N GLN N 156 44.21 0.52 -50.12
CA GLN N 156 44.38 -0.55 -51.11
C GLN N 156 45.80 -0.62 -51.67
N LYS N 157 46.37 0.53 -52.00
CA LYS N 157 47.73 0.56 -52.55
C LYS N 157 48.75 0.04 -51.54
N ALA N 158 48.68 0.53 -50.31
CA ALA N 158 49.60 0.12 -49.27
C ALA N 158 49.44 -1.36 -48.96
N ALA N 159 48.24 -1.89 -49.20
CA ALA N 159 47.99 -3.31 -48.95
C ALA N 159 48.45 -4.16 -50.13
N GLN N 160 48.14 -3.70 -51.33
CA GLN N 160 48.52 -4.41 -52.55
C GLN N 160 50.04 -4.46 -52.71
N ALA N 161 50.74 -3.52 -52.06
CA ALA N 161 52.19 -3.49 -52.13
C ALA N 161 52.76 -4.76 -51.50
N PHE N 162 51.95 -5.40 -50.65
CA PHE N 162 52.36 -6.63 -49.96
C PHE N 162 51.95 -7.86 -50.77
N ASN N 163 50.80 -7.77 -51.43
CA ASN N 163 50.29 -8.86 -52.25
C ASN N 163 49.27 -8.29 -53.23
N SER N 164 49.67 -8.18 -54.50
CA SER N 164 48.79 -7.63 -55.53
C SER N 164 47.51 -8.45 -55.69
N GLY N 165 47.48 -9.63 -55.07
CA GLY N 165 46.30 -10.47 -55.16
C GLY N 165 45.17 -10.03 -54.23
N LEU N 166 45.51 -9.32 -53.16
CA LEU N 166 44.53 -8.86 -52.20
C LEU N 166 43.39 -8.08 -52.82
N LEU N 167 42.17 -8.40 -52.40
CA LEU N 167 40.97 -7.72 -52.87
C LEU N 167 40.58 -6.72 -51.78
N CYS N 168 40.42 -5.46 -52.15
CA CYS N 168 40.05 -4.42 -51.18
C CYS N 168 38.74 -3.78 -51.63
N VAL N 169 37.81 -3.65 -50.70
CA VAL N 169 36.50 -3.07 -51.00
C VAL N 169 36.00 -2.16 -49.88
N ALA N 170 35.52 -0.98 -50.25
CA ALA N 170 34.98 -0.04 -49.29
C ALA N 170 33.51 -0.40 -49.17
N CYS N 171 33.02 -0.57 -47.95
CA CYS N 171 31.63 -0.94 -47.76
C CYS N 171 30.80 0.20 -47.16
N GLY N 172 29.95 -0.11 -46.18
CA GLY N 172 29.12 0.92 -45.57
C GLY N 172 28.30 1.72 -46.57
N SER N 173 27.90 2.93 -46.18
CA SER N 173 27.10 3.79 -47.03
C SER N 173 27.76 4.01 -48.39
N TYR N 174 29.08 4.07 -48.42
CA TYR N 174 29.83 4.26 -49.65
C TYR N 174 29.42 3.18 -50.67
N ARG N 175 29.38 1.94 -50.22
CA ARG N 175 29.01 0.83 -51.11
C ARG N 175 27.56 0.91 -51.51
N ARG N 176 26.73 1.48 -50.65
CA ARG N 176 25.31 1.62 -50.95
C ARG N 176 25.07 2.79 -51.92
N GLY N 177 26.17 3.40 -52.39
CA GLY N 177 26.06 4.49 -53.34
C GLY N 177 25.83 5.89 -52.83
N LYS N 178 25.70 6.07 -51.51
CA LYS N 178 25.46 7.38 -50.95
C LYS N 178 26.42 8.45 -51.47
N ALA N 179 25.95 9.69 -51.49
CA ALA N 179 26.74 10.82 -51.98
C ALA N 179 27.79 11.25 -50.97
N THR N 180 27.48 11.05 -49.70
CA THR N 180 28.39 11.41 -48.62
C THR N 180 28.51 10.21 -47.67
N CYS N 181 29.60 10.17 -46.90
CA CYS N 181 29.82 9.07 -45.97
C CYS N 181 30.27 9.54 -44.60
N GLY N 182 29.79 8.87 -43.57
CA GLY N 182 30.18 9.22 -42.21
C GLY N 182 31.50 8.57 -41.86
N ASP N 183 31.92 7.63 -42.70
CA ASP N 183 33.17 6.91 -42.47
C ASP N 183 33.49 6.03 -43.67
N VAL N 184 34.63 5.35 -43.60
CA VAL N 184 35.03 4.46 -44.68
C VAL N 184 35.50 3.14 -44.07
N ASP N 185 34.90 2.05 -44.53
CA ASP N 185 35.25 0.73 -44.03
C ASP N 185 35.83 -0.06 -45.18
N VAL N 186 37.13 -0.35 -45.09
CA VAL N 186 37.79 -1.10 -46.13
C VAL N 186 37.89 -2.58 -45.74
N LEU N 187 37.20 -3.42 -46.52
CA LEU N 187 37.20 -4.86 -46.28
C LEU N 187 38.29 -5.47 -47.15
N ILE N 188 39.15 -6.29 -46.54
CA ILE N 188 40.27 -6.91 -47.24
C ILE N 188 40.30 -8.44 -47.12
N THR N 189 40.58 -9.10 -48.24
CA THR N 189 40.67 -10.56 -48.29
C THR N 189 41.53 -11.02 -49.46
N HIS N 190 41.71 -12.33 -49.59
CA HIS N 190 42.49 -12.90 -50.67
C HIS N 190 41.84 -14.17 -51.22
N PRO N 191 41.61 -14.20 -52.53
CA PRO N 191 40.99 -15.27 -53.33
C PRO N 191 41.31 -16.74 -53.03
N ASP N 192 42.55 -17.06 -52.68
CA ASP N 192 42.90 -18.46 -52.42
C ASP N 192 42.50 -18.98 -51.04
N GLY N 193 42.07 -18.10 -50.16
CA GLY N 193 41.65 -18.53 -48.83
C GLY N 193 42.67 -18.58 -47.72
N ARG N 194 43.91 -18.19 -47.99
CA ARG N 194 44.95 -18.21 -46.96
C ARG N 194 45.87 -17.00 -46.95
N SER N 195 46.19 -16.49 -48.13
CA SER N 195 47.13 -15.37 -48.27
C SER N 195 46.77 -14.04 -47.59
N HIS N 196 45.59 -13.96 -46.96
CA HIS N 196 45.19 -12.74 -46.27
C HIS N 196 45.90 -12.62 -44.93
N ARG N 197 46.37 -13.76 -44.43
CA ARG N 197 47.07 -13.83 -43.15
C ARG N 197 48.41 -13.08 -43.17
N GLY N 198 48.72 -12.38 -42.08
CA GLY N 198 49.97 -11.65 -42.01
C GLY N 198 50.05 -10.47 -42.97
N ILE N 199 49.01 -9.65 -42.96
CA ILE N 199 48.91 -8.47 -43.79
C ILE N 199 48.41 -7.30 -42.95
N PHE N 200 47.40 -7.59 -42.15
CA PHE N 200 46.78 -6.61 -41.27
C PHE N 200 47.81 -5.77 -40.50
N SER N 201 48.62 -6.46 -39.69
CA SER N 201 49.64 -5.82 -38.89
C SER N 201 50.64 -4.96 -39.68
N ARG N 202 51.22 -5.51 -40.75
CA ARG N 202 52.16 -4.72 -41.52
C ARG N 202 51.46 -3.67 -42.40
N LEU N 203 50.18 -3.89 -42.69
CA LEU N 203 49.43 -2.92 -43.47
C LEU N 203 49.30 -1.66 -42.62
N LEU N 204 48.84 -1.83 -41.38
CA LEU N 204 48.66 -0.72 -40.46
C LEU N 204 49.96 0.07 -40.29
N ASP N 205 51.09 -0.63 -40.23
CA ASP N 205 52.38 0.05 -40.07
C ASP N 205 52.70 0.85 -41.33
N SER N 206 52.44 0.27 -42.48
CA SER N 206 52.68 0.93 -43.76
C SER N 206 51.76 2.13 -43.96
N LEU N 207 50.87 2.35 -43.00
CA LEU N 207 49.94 3.48 -43.06
C LEU N 207 50.26 4.51 -41.99
N ARG N 208 50.97 4.09 -40.95
CA ARG N 208 51.36 4.98 -39.86
C ARG N 208 52.58 5.81 -40.26
N GLN N 209 53.64 5.12 -40.69
CA GLN N 209 54.88 5.80 -41.08
C GLN N 209 54.60 6.76 -42.25
N GLU N 210 53.44 6.59 -42.87
CA GLU N 210 53.03 7.43 -43.99
C GLU N 210 52.28 8.68 -43.52
N GLY N 211 51.99 8.72 -42.21
CA GLY N 211 51.28 9.85 -41.66
C GLY N 211 49.78 9.82 -41.96
N PHE N 212 49.32 8.73 -42.56
CA PHE N 212 47.92 8.58 -42.92
C PHE N 212 47.01 8.39 -41.70
N LEU N 213 47.32 7.40 -40.87
CA LEU N 213 46.52 7.15 -39.67
C LEU N 213 46.98 8.11 -38.57
N THR N 214 46.07 8.95 -38.09
CA THR N 214 46.40 9.93 -37.05
C THR N 214 46.15 9.43 -35.65
N ASP N 215 45.06 8.69 -35.45
CA ASP N 215 44.76 8.16 -34.12
C ASP N 215 44.17 6.75 -34.21
N ASP N 216 44.37 5.97 -33.15
CA ASP N 216 43.85 4.61 -33.06
C ASP N 216 42.77 4.57 -31.98
N LEU N 217 41.60 4.05 -32.34
CA LEU N 217 40.48 3.92 -31.40
C LEU N 217 40.53 2.52 -30.81
N VAL N 218 40.76 1.55 -31.69
CA VAL N 218 40.90 0.13 -31.36
C VAL N 218 42.00 -0.34 -32.31
N SER N 219 43.23 -0.45 -31.80
CA SER N 219 44.37 -0.85 -32.64
C SER N 219 44.21 -2.19 -33.34
N GLN N 220 43.54 -3.15 -32.69
CA GLN N 220 43.31 -4.45 -33.29
C GLN N 220 42.24 -5.22 -32.53
N GLU N 221 41.31 -5.79 -33.29
CA GLU N 221 40.23 -6.57 -32.69
C GLU N 221 40.22 -7.92 -33.41
N GLU N 222 40.40 -9.00 -32.67
CA GLU N 222 40.38 -10.32 -33.27
C GLU N 222 39.06 -11.00 -32.98
N ASN N 223 38.22 -11.03 -34.01
CA ASN N 223 36.88 -11.62 -33.94
C ASN N 223 36.93 -12.91 -34.78
N GLY N 224 37.22 -14.04 -34.13
CA GLY N 224 37.32 -15.28 -34.88
C GLY N 224 38.51 -15.14 -35.81
N GLN N 225 38.34 -15.43 -37.10
CA GLN N 225 39.44 -15.29 -38.05
C GLN N 225 39.50 -13.90 -38.68
N GLN N 226 38.69 -12.98 -38.16
CA GLN N 226 38.69 -11.62 -38.71
C GLN N 226 39.48 -10.63 -37.85
N GLN N 227 40.29 -9.81 -38.51
CA GLN N 227 41.08 -8.80 -37.81
C GLN N 227 40.52 -7.42 -38.14
N LYS N 228 40.12 -6.68 -37.12
CA LYS N 228 39.56 -5.36 -37.36
C LYS N 228 40.31 -4.20 -36.73
N TYR N 229 40.46 -3.13 -37.50
CA TYR N 229 41.12 -1.92 -37.06
C TYR N 229 40.11 -0.79 -37.01
N LEU N 230 40.10 -0.03 -35.92
CA LEU N 230 39.17 1.09 -35.78
C LEU N 230 40.01 2.30 -35.44
N GLY N 231 39.96 3.33 -36.29
CA GLY N 231 40.76 4.51 -36.01
C GLY N 231 40.40 5.77 -36.78
N VAL N 232 41.36 6.67 -36.86
CA VAL N 232 41.17 7.94 -37.54
C VAL N 232 42.26 8.16 -38.58
N CYS N 233 41.89 8.75 -39.71
CA CYS N 233 42.86 9.02 -40.77
C CYS N 233 42.66 10.40 -41.33
N ARG N 234 43.60 10.82 -42.18
CA ARG N 234 43.55 12.13 -42.81
C ARG N 234 44.44 12.12 -44.05
N LEU N 235 43.86 12.48 -45.19
CA LEU N 235 44.60 12.51 -46.44
C LEU N 235 45.69 13.58 -46.39
N PRO N 236 46.79 13.38 -47.14
CA PRO N 236 47.93 14.30 -47.20
C PRO N 236 47.58 15.64 -47.83
N GLY N 237 48.07 16.72 -47.22
CA GLY N 237 47.81 18.05 -47.78
C GLY N 237 47.21 19.02 -46.78
N PRO N 238 46.88 20.25 -47.24
CA PRO N 238 46.30 21.29 -46.38
C PRO N 238 44.78 21.34 -46.55
N GLY N 239 44.07 21.69 -45.47
CA GLY N 239 42.62 21.78 -45.52
C GLY N 239 41.91 20.44 -45.35
N ARG N 240 42.68 19.38 -45.15
CA ARG N 240 42.11 18.04 -44.98
C ARG N 240 41.59 17.80 -43.58
N ARG N 241 40.45 17.11 -43.49
CA ARG N 241 39.85 16.79 -42.20
C ARG N 241 40.11 15.34 -41.79
N HIS N 242 40.04 15.09 -40.49
CA HIS N 242 40.24 13.74 -39.95
C HIS N 242 38.96 12.95 -40.26
N ARG N 243 39.11 11.70 -40.67
CA ARG N 243 37.96 10.87 -41.00
C ARG N 243 38.01 9.55 -40.25
N ARG N 244 36.85 8.98 -39.97
CA ARG N 244 36.76 7.71 -39.27
C ARG N 244 37.02 6.60 -40.27
N LEU N 245 38.09 5.84 -40.06
CA LEU N 245 38.46 4.75 -40.95
C LEU N 245 38.47 3.41 -40.20
N ASP N 246 37.87 2.40 -40.82
CA ASP N 246 37.84 1.04 -40.27
C ASP N 246 38.47 0.12 -41.31
N ILE N 247 39.40 -0.74 -40.89
CA ILE N 247 40.02 -1.69 -41.82
C ILE N 247 39.71 -3.11 -41.31
N ILE N 248 39.19 -3.95 -42.19
CA ILE N 248 38.84 -5.31 -41.82
C ILE N 248 39.46 -6.34 -42.75
N VAL N 249 40.27 -7.26 -42.21
CA VAL N 249 40.88 -8.30 -43.02
C VAL N 249 40.22 -9.63 -42.68
N VAL N 250 39.68 -10.31 -43.69
CA VAL N 250 38.98 -11.57 -43.45
C VAL N 250 39.39 -12.68 -44.41
N PRO N 251 39.13 -13.94 -44.02
CA PRO N 251 39.49 -15.07 -44.90
C PRO N 251 38.44 -15.10 -46.01
N TYR N 252 38.83 -15.59 -47.17
CA TYR N 252 37.94 -15.63 -48.34
C TYR N 252 36.58 -16.28 -48.10
N SER N 253 36.56 -17.38 -47.36
CA SER N 253 35.31 -18.09 -47.10
C SER N 253 34.27 -17.23 -46.36
N GLU N 254 34.73 -16.11 -45.80
CA GLU N 254 33.86 -15.21 -45.05
C GLU N 254 33.63 -13.87 -45.78
N PHE N 255 34.26 -13.71 -46.94
CA PHE N 255 34.14 -12.48 -47.71
C PHE N 255 32.70 -12.06 -47.98
N ALA N 256 31.91 -12.98 -48.52
CA ALA N 256 30.52 -12.70 -48.85
C ALA N 256 29.73 -12.18 -47.65
N CYS N 257 29.76 -12.92 -46.54
CA CYS N 257 29.04 -12.47 -45.35
C CYS N 257 29.67 -11.22 -44.76
N ALA N 258 30.98 -11.06 -44.94
CA ALA N 258 31.68 -9.88 -44.43
C ALA N 258 31.19 -8.66 -45.19
N LEU N 259 31.20 -8.75 -46.52
CA LEU N 259 30.74 -7.66 -47.38
C LEU N 259 29.29 -7.31 -47.08
N LEU N 260 28.46 -8.33 -46.88
CA LEU N 260 27.04 -8.11 -46.61
C LEU N 260 26.82 -7.38 -45.27
N TYR N 261 27.55 -7.80 -44.23
CA TYR N 261 27.43 -7.21 -42.90
C TYR N 261 27.94 -5.75 -42.83
N PHE N 262 29.16 -5.53 -43.30
CA PHE N 262 29.76 -4.21 -43.27
C PHE N 262 29.22 -3.24 -44.31
N THR N 263 28.33 -3.70 -45.18
CA THR N 263 27.74 -2.81 -46.18
C THR N 263 26.44 -2.24 -45.59
N GLY N 264 25.77 -3.05 -44.77
CA GLY N 264 24.55 -2.61 -44.12
C GLY N 264 23.36 -2.41 -45.06
N SER N 265 22.42 -1.54 -44.68
CA SER N 265 22.49 -0.75 -43.45
C SER N 265 22.17 -1.56 -42.21
N ALA N 266 22.20 -0.91 -41.05
CA ALA N 266 21.88 -1.57 -39.78
C ALA N 266 20.49 -2.21 -39.81
N HIS N 267 19.54 -1.53 -40.44
CA HIS N 267 18.17 -2.04 -40.53
C HIS N 267 18.13 -3.27 -41.44
N PHE N 268 18.82 -3.19 -42.57
CA PHE N 268 18.84 -4.31 -43.50
C PHE N 268 19.43 -5.53 -42.80
N ASN N 269 20.56 -5.35 -42.12
CA ASN N 269 21.20 -6.44 -41.40
C ASN N 269 20.22 -7.05 -40.40
N ARG N 270 19.39 -6.20 -39.80
CA ARG N 270 18.41 -6.65 -38.83
C ARG N 270 17.35 -7.53 -39.50
N SER N 271 16.85 -7.07 -40.64
CA SER N 271 15.83 -7.83 -41.36
C SER N 271 16.38 -9.16 -41.91
N MET N 272 17.67 -9.18 -42.26
CA MET N 272 18.29 -10.39 -42.77
C MET N 272 18.46 -11.44 -41.66
N ARG N 273 18.91 -11.01 -40.49
CA ARG N 273 19.07 -11.93 -39.37
C ARG N 273 17.69 -12.50 -39.01
N ALA N 274 16.68 -11.65 -39.01
CA ALA N 274 15.32 -12.07 -38.69
C ALA N 274 14.81 -13.10 -39.68
N LEU N 275 15.04 -12.87 -40.97
CA LEU N 275 14.59 -13.82 -42.00
C LEU N 275 15.33 -15.14 -41.89
N ALA N 276 16.60 -15.09 -41.49
CA ALA N 276 17.39 -16.30 -41.35
C ALA N 276 16.80 -17.15 -40.22
N LYS N 277 16.49 -16.49 -39.12
CA LYS N 277 15.93 -17.17 -37.96
C LYS N 277 14.65 -17.94 -38.31
N THR N 278 13.82 -17.38 -39.18
CA THR N 278 12.57 -18.02 -39.57
C THR N 278 12.82 -19.34 -40.30
N LYS N 279 13.99 -19.46 -40.94
CA LYS N 279 14.31 -20.66 -41.67
C LYS N 279 15.37 -21.51 -40.98
N GLY N 280 15.37 -21.43 -39.65
CA GLY N 280 16.32 -22.19 -38.87
C GLY N 280 17.77 -21.92 -39.20
N MET N 281 18.11 -20.65 -39.36
CA MET N 281 19.47 -20.25 -39.69
C MET N 281 19.86 -18.97 -38.96
N SER N 282 21.14 -18.61 -39.02
CA SER N 282 21.62 -17.40 -38.39
C SER N 282 22.63 -16.79 -39.36
N LEU N 283 22.59 -15.46 -39.46
CA LEU N 283 23.50 -14.75 -40.34
C LEU N 283 24.32 -13.76 -39.52
N SER N 284 25.64 -13.86 -39.66
CA SER N 284 26.57 -12.98 -38.95
C SER N 284 27.56 -12.47 -39.99
N GLU N 285 28.57 -11.71 -39.56
CA GLU N 285 29.57 -11.18 -40.47
C GLU N 285 30.49 -12.30 -40.90
N HIS N 286 30.42 -13.44 -40.19
CA HIS N 286 31.26 -14.59 -40.48
C HIS N 286 30.63 -15.54 -41.50
N ALA N 287 29.35 -15.84 -41.32
CA ALA N 287 28.70 -16.78 -42.22
C ALA N 287 27.21 -16.93 -41.98
N LEU N 288 26.60 -17.78 -42.82
CA LEU N 288 25.19 -18.13 -42.72
C LEU N 288 25.29 -19.56 -42.21
N SER N 289 24.65 -19.86 -41.09
CA SER N 289 24.73 -21.19 -40.53
C SER N 289 23.39 -21.77 -40.13
N THR N 290 23.35 -23.08 -39.94
CA THR N 290 22.12 -23.72 -39.50
C THR N 290 22.01 -23.36 -38.02
N ALA N 291 20.79 -23.32 -37.51
CA ALA N 291 20.55 -22.97 -36.10
C ALA N 291 21.46 -23.71 -35.12
N VAL N 292 21.70 -23.07 -33.98
CA VAL N 292 22.52 -23.62 -32.91
C VAL N 292 21.86 -24.84 -32.27
N VAL N 293 22.67 -25.64 -31.57
CA VAL N 293 22.19 -26.85 -30.90
C VAL N 293 21.83 -26.49 -29.46
N ARG N 294 20.54 -26.44 -29.15
CA ARG N 294 20.09 -26.10 -27.80
C ARG N 294 19.55 -27.33 -27.06
N ASN N 295 19.77 -27.37 -25.74
CA ASN N 295 19.32 -28.50 -24.94
C ASN N 295 17.95 -28.29 -24.29
N THR N 296 17.58 -29.21 -23.40
CA THR N 296 16.31 -29.18 -22.69
C THR N 296 15.97 -27.82 -22.08
N HIS N 297 16.94 -27.19 -21.44
CA HIS N 297 16.73 -25.89 -20.79
C HIS N 297 16.81 -24.73 -21.79
N GLY N 298 17.29 -25.02 -22.99
CA GLY N 298 17.40 -23.98 -24.01
C GLY N 298 18.78 -23.38 -24.09
N CYS N 299 19.78 -24.09 -23.57
CA CYS N 299 21.15 -23.60 -23.61
C CYS N 299 21.71 -23.78 -25.02
N LYS N 300 22.98 -23.44 -25.21
CA LYS N 300 23.62 -23.58 -26.51
C LYS N 300 24.82 -24.51 -26.30
N VAL N 301 24.62 -25.78 -26.59
CA VAL N 301 25.68 -26.78 -26.41
C VAL N 301 26.65 -26.87 -27.59
N GLY N 302 26.23 -26.36 -28.75
CA GLY N 302 27.10 -26.41 -29.92
C GLY N 302 26.67 -25.52 -31.07
N PRO N 303 27.62 -25.00 -31.86
CA PRO N 303 27.34 -24.13 -33.00
C PRO N 303 26.74 -24.89 -34.19
N GLY N 304 26.11 -24.13 -35.09
CA GLY N 304 25.50 -24.74 -36.26
C GLY N 304 26.55 -24.90 -37.34
N ARG N 305 26.26 -25.73 -38.34
CA ARG N 305 27.22 -25.93 -39.41
C ARG N 305 27.15 -24.78 -40.39
N VAL N 306 28.30 -24.24 -40.77
CA VAL N 306 28.36 -23.14 -41.71
C VAL N 306 27.86 -23.56 -43.09
N LEU N 307 27.17 -22.67 -43.78
CA LEU N 307 26.67 -22.95 -45.12
C LEU N 307 27.49 -22.09 -46.08
N PRO N 308 28.53 -22.68 -46.71
CA PRO N 308 29.40 -21.96 -47.65
C PRO N 308 28.68 -21.05 -48.63
N THR N 309 29.12 -19.80 -48.66
CA THR N 309 28.55 -18.77 -49.52
C THR N 309 29.66 -17.95 -50.17
N PRO N 310 30.12 -18.38 -51.35
CA PRO N 310 31.19 -17.70 -52.08
C PRO N 310 30.93 -16.21 -52.35
N THR N 311 29.69 -15.88 -52.71
CA THR N 311 29.33 -14.50 -53.02
C THR N 311 28.06 -14.09 -52.27
N GLU N 312 27.76 -12.79 -52.22
CA GLU N 312 26.57 -12.32 -51.54
C GLU N 312 25.31 -12.96 -52.14
N LYS N 313 25.33 -13.21 -53.45
CA LYS N 313 24.18 -13.82 -54.12
C LYS N 313 23.91 -15.21 -53.58
N ASP N 314 24.94 -15.89 -53.08
CA ASP N 314 24.75 -17.22 -52.53
C ASP N 314 24.00 -17.12 -51.18
N VAL N 315 24.25 -16.05 -50.42
CA VAL N 315 23.57 -15.86 -49.15
C VAL N 315 22.08 -15.66 -49.38
N PHE N 316 21.74 -14.73 -50.28
CA PHE N 316 20.34 -14.47 -50.61
C PHE N 316 19.68 -15.76 -51.12
N ARG N 317 20.41 -16.49 -51.97
CA ARG N 317 19.88 -17.72 -52.54
C ARG N 317 19.47 -18.75 -51.49
N LEU N 318 20.34 -19.00 -50.52
CA LEU N 318 20.05 -19.98 -49.48
C LEU N 318 18.95 -19.52 -48.52
N LEU N 319 18.78 -18.21 -48.39
CA LEU N 319 17.74 -17.67 -47.53
C LEU N 319 16.42 -17.60 -48.30
N GLY N 320 16.48 -17.95 -49.59
CA GLY N 320 15.30 -17.95 -50.45
C GLY N 320 14.84 -16.56 -50.85
N LEU N 321 15.79 -15.64 -50.98
CA LEU N 321 15.48 -14.26 -51.34
C LEU N 321 16.09 -13.81 -52.66
N PRO N 322 15.44 -12.84 -53.31
CA PRO N 322 15.97 -12.34 -54.58
C PRO N 322 17.16 -11.46 -54.19
N TYR N 323 18.21 -11.47 -55.00
CA TYR N 323 19.38 -10.66 -54.69
C TYR N 323 18.97 -9.18 -54.67
N ARG N 324 19.66 -8.40 -53.84
CA ARG N 324 19.35 -6.98 -53.74
C ARG N 324 20.64 -6.18 -53.80
N GLU N 325 20.77 -5.33 -54.82
CA GLU N 325 21.96 -4.50 -54.99
C GLU N 325 22.24 -3.69 -53.71
N PRO N 326 23.50 -3.30 -53.48
CA PRO N 326 23.87 -2.52 -52.29
C PRO N 326 23.05 -1.23 -52.13
N ALA N 327 22.82 -0.53 -53.24
CA ALA N 327 22.08 0.73 -53.21
C ALA N 327 20.61 0.53 -52.81
N GLU N 328 20.18 -0.72 -52.71
CA GLU N 328 18.80 -1.05 -52.35
C GLU N 328 18.68 -1.59 -50.93
N ARG N 329 19.76 -1.53 -50.15
CA ARG N 329 19.73 -2.08 -48.79
C ARG N 329 19.59 -1.09 -47.63
N ASP N 330 18.88 0.01 -47.85
CA ASP N 330 18.69 0.99 -46.78
C ASP N 330 17.83 0.38 -45.68
N TRP N 331 16.93 -0.53 -46.07
CA TRP N 331 16.04 -1.21 -45.13
C TRP N 331 15.81 -2.65 -45.58
N THR O 6 -28.48 0.44 -19.27
CA THR O 6 -28.83 -0.45 -20.37
C THR O 6 -27.62 -0.84 -21.21
N ASN O 7 -27.83 -0.99 -22.52
CA ASN O 7 -26.77 -1.35 -23.45
C ASN O 7 -27.05 -0.73 -24.80
N HIS O 8 -26.31 0.32 -25.13
CA HIS O 8 -26.51 1.01 -26.39
C HIS O 8 -25.64 0.41 -27.49
N ASN O 9 -25.24 -0.84 -27.29
CA ASN O 9 -24.42 -1.57 -28.25
C ASN O 9 -25.01 -2.97 -28.44
N LEU O 10 -26.32 -3.02 -28.60
CA LEU O 10 -27.03 -4.29 -28.78
C LEU O 10 -26.96 -4.86 -30.19
N HIS O 11 -27.20 -4.04 -31.21
CA HIS O 11 -27.17 -4.52 -32.60
C HIS O 11 -25.79 -5.09 -32.94
N ILE O 12 -24.82 -4.83 -32.08
CA ILE O 12 -23.46 -5.32 -32.27
C ILE O 12 -23.26 -6.63 -31.50
N THR O 13 -23.40 -6.58 -30.19
CA THR O 13 -23.23 -7.76 -29.36
C THR O 13 -24.18 -8.88 -29.82
N GLU O 14 -25.39 -8.48 -30.24
CA GLU O 14 -26.39 -9.43 -30.73
C GLU O 14 -25.81 -10.24 -31.88
N LYS O 15 -24.96 -9.59 -32.68
CA LYS O 15 -24.32 -10.24 -33.82
C LYS O 15 -23.13 -11.06 -33.30
N LEU O 16 -22.31 -10.41 -32.49
CA LEU O 16 -21.13 -11.06 -31.93
C LEU O 16 -21.44 -12.31 -31.11
N GLU O 17 -22.54 -12.28 -30.35
CA GLU O 17 -22.93 -13.43 -29.53
C GLU O 17 -23.18 -14.66 -30.42
N VAL O 18 -23.79 -14.44 -31.58
CA VAL O 18 -24.06 -15.54 -32.49
C VAL O 18 -22.74 -16.19 -32.90
N LEU O 19 -21.74 -15.34 -33.16
CA LEU O 19 -20.42 -15.83 -33.55
C LEU O 19 -19.73 -16.47 -32.35
N ALA O 20 -19.97 -15.93 -31.17
CA ALA O 20 -19.38 -16.46 -29.95
C ALA O 20 -19.86 -17.87 -29.63
N LYS O 21 -21.17 -18.10 -29.79
CA LYS O 21 -21.74 -19.41 -29.50
C LYS O 21 -21.23 -20.47 -30.49
N ALA O 22 -21.10 -20.09 -31.76
CA ALA O 22 -20.62 -21.02 -32.79
C ALA O 22 -19.25 -21.53 -32.37
N TYR O 23 -18.34 -20.61 -32.07
CA TYR O 23 -16.99 -20.99 -31.66
C TYR O 23 -17.00 -21.90 -30.43
N SER O 24 -17.86 -21.60 -29.48
CA SER O 24 -17.94 -22.39 -28.25
C SER O 24 -18.29 -23.87 -28.51
N VAL O 25 -19.45 -24.12 -29.10
CA VAL O 25 -19.88 -25.49 -29.38
C VAL O 25 -18.89 -26.24 -30.28
N GLN O 26 -18.04 -25.52 -30.98
CA GLN O 26 -17.07 -26.16 -31.86
C GLN O 26 -15.77 -26.49 -31.14
N GLY O 27 -15.69 -26.19 -29.85
CA GLY O 27 -14.49 -26.50 -29.09
C GLY O 27 -13.46 -25.38 -29.01
N ASP O 28 -13.71 -24.28 -29.72
CA ASP O 28 -12.77 -23.16 -29.70
C ASP O 28 -13.06 -22.35 -28.43
N LYS O 29 -12.85 -22.98 -27.28
CA LYS O 29 -13.11 -22.36 -25.99
C LYS O 29 -12.50 -20.98 -25.74
N TRP O 30 -11.21 -20.83 -26.04
CA TRP O 30 -10.53 -19.56 -25.80
C TRP O 30 -10.99 -18.42 -26.70
N ARG O 31 -11.23 -18.70 -27.97
CA ARG O 31 -11.70 -17.66 -28.89
C ARG O 31 -13.10 -17.22 -28.43
N ALA O 32 -13.92 -18.18 -28.06
CA ALA O 32 -15.28 -17.89 -27.60
C ALA O 32 -15.20 -16.98 -26.37
N LEU O 33 -14.23 -17.23 -25.51
CA LEU O 33 -14.04 -16.41 -24.31
C LEU O 33 -13.70 -14.99 -24.75
N GLY O 34 -12.80 -14.88 -25.72
CA GLY O 34 -12.42 -13.58 -26.22
C GLY O 34 -13.64 -12.79 -26.64
N TYR O 35 -14.57 -13.45 -27.31
CA TYR O 35 -15.79 -12.79 -27.74
C TYR O 35 -16.67 -12.45 -26.54
N ALA O 36 -16.83 -13.43 -25.65
CA ALA O 36 -17.63 -13.25 -24.45
C ALA O 36 -17.13 -12.05 -23.65
N LYS O 37 -15.82 -11.94 -23.51
CA LYS O 37 -15.22 -10.82 -22.77
C LYS O 37 -15.42 -9.48 -23.48
N ALA O 38 -15.36 -9.49 -24.82
CA ALA O 38 -15.55 -8.27 -25.60
C ALA O 38 -17.03 -7.86 -25.52
N ILE O 39 -17.92 -8.82 -25.67
CA ILE O 39 -19.35 -8.56 -25.62
C ILE O 39 -19.73 -7.88 -24.30
N ASN O 40 -19.04 -8.24 -23.22
CA ASN O 40 -19.32 -7.62 -21.92
C ASN O 40 -18.79 -6.19 -21.95
N ALA O 41 -17.66 -6.00 -22.62
CA ALA O 41 -17.05 -4.69 -22.73
C ALA O 41 -18.00 -3.73 -23.45
N LEU O 42 -18.66 -4.23 -24.48
CA LEU O 42 -19.60 -3.43 -25.25
C LEU O 42 -20.88 -3.16 -24.46
N LYS O 43 -21.50 -4.23 -23.98
CA LYS O 43 -22.73 -4.13 -23.22
C LYS O 43 -22.68 -3.08 -22.11
N SER O 44 -21.52 -2.95 -21.47
CA SER O 44 -21.38 -1.98 -20.39
C SER O 44 -20.61 -0.71 -20.76
N PHE O 45 -20.65 -0.32 -22.04
CA PHE O 45 -19.98 0.91 -22.45
C PHE O 45 -21.00 2.03 -22.25
N HIS O 46 -20.55 3.15 -21.68
CA HIS O 46 -21.44 4.27 -21.39
C HIS O 46 -22.14 4.94 -22.59
N LYS O 47 -21.98 4.37 -23.78
CA LYS O 47 -22.61 4.93 -24.97
C LYS O 47 -22.30 4.10 -26.21
N PRO O 48 -23.09 4.29 -27.29
CA PRO O 48 -22.87 3.55 -28.52
C PRO O 48 -21.48 3.80 -29.09
N VAL O 49 -20.84 2.75 -29.60
CA VAL O 49 -19.52 2.87 -30.19
C VAL O 49 -19.75 3.36 -31.62
N THR O 50 -19.17 4.51 -31.96
CA THR O 50 -19.33 5.09 -33.29
C THR O 50 -18.24 4.79 -34.31
N SER O 51 -16.98 5.00 -33.94
CA SER O 51 -15.87 4.76 -34.86
C SER O 51 -14.93 3.61 -34.49
N TYR O 52 -14.16 3.17 -35.47
CA TYR O 52 -13.19 2.10 -35.30
C TYR O 52 -12.24 2.46 -34.16
N GLN O 53 -11.77 3.70 -34.14
CA GLN O 53 -10.85 4.15 -33.11
C GLN O 53 -11.44 4.01 -31.71
N GLU O 54 -12.65 4.51 -31.51
CA GLU O 54 -13.27 4.41 -30.20
C GLU O 54 -13.38 2.94 -29.81
N ALA O 55 -13.72 2.10 -30.79
CA ALA O 55 -13.84 0.67 -30.53
C ALA O 55 -12.55 0.14 -29.94
N CYS O 56 -11.42 0.53 -30.52
CA CYS O 56 -10.12 0.07 -30.05
C CYS O 56 -9.67 0.57 -28.69
N SER O 57 -10.29 1.65 -28.20
CA SER O 57 -9.92 2.21 -26.90
C SER O 57 -10.54 1.40 -25.75
N ILE O 58 -11.53 0.58 -26.07
CA ILE O 58 -12.20 -0.24 -25.08
C ILE O 58 -11.42 -1.52 -24.77
N PRO O 59 -11.03 -1.71 -23.49
CA PRO O 59 -10.29 -2.91 -23.13
C PRO O 59 -11.12 -4.15 -23.47
N GLY O 60 -10.50 -5.11 -24.16
CA GLY O 60 -11.22 -6.32 -24.55
C GLY O 60 -11.54 -6.29 -26.03
N ILE O 61 -11.38 -5.12 -26.65
CA ILE O 61 -11.64 -4.99 -28.08
C ILE O 61 -10.35 -4.64 -28.81
N GLY O 62 -9.88 -5.58 -29.63
CA GLY O 62 -8.66 -5.36 -30.38
C GLY O 62 -8.96 -5.01 -31.81
N LYS O 63 -7.91 -4.84 -32.61
CA LYS O 63 -8.07 -4.52 -34.02
C LYS O 63 -9.08 -5.44 -34.68
N ARG O 64 -8.93 -6.74 -34.43
CA ARG O 64 -9.82 -7.76 -34.98
C ARG O 64 -11.30 -7.58 -34.61
N MET O 65 -11.55 -7.31 -33.34
CA MET O 65 -12.92 -7.12 -32.87
C MET O 65 -13.45 -5.76 -33.32
N ALA O 66 -12.57 -4.77 -33.40
CA ALA O 66 -12.96 -3.43 -33.83
C ALA O 66 -13.39 -3.49 -35.30
N GLU O 67 -12.76 -4.38 -36.06
CA GLU O 67 -13.05 -4.54 -37.49
C GLU O 67 -14.46 -5.06 -37.73
N LYS O 68 -14.90 -6.00 -36.91
CA LYS O 68 -16.23 -6.57 -37.07
C LYS O 68 -17.30 -5.62 -36.57
N ILE O 69 -16.92 -4.71 -35.67
CA ILE O 69 -17.85 -3.73 -35.15
C ILE O 69 -18.13 -2.67 -36.20
N ILE O 70 -17.07 -2.26 -36.90
CA ILE O 70 -17.16 -1.26 -37.96
C ILE O 70 -17.92 -1.75 -39.18
N GLU O 71 -17.88 -3.07 -39.43
CA GLU O 71 -18.60 -3.62 -40.57
C GLU O 71 -20.10 -3.60 -40.22
N ILE O 72 -20.41 -3.98 -38.99
CA ILE O 72 -21.79 -4.00 -38.50
C ILE O 72 -22.39 -2.60 -38.43
N LEU O 73 -21.55 -1.62 -38.08
CA LEU O 73 -22.01 -0.25 -37.97
C LEU O 73 -22.16 0.41 -39.34
N GLU O 74 -21.28 0.02 -40.28
CA GLU O 74 -21.30 0.57 -41.63
C GLU O 74 -22.03 -0.31 -42.64
N SER O 75 -22.77 -1.30 -42.16
CA SER O 75 -23.50 -2.21 -43.06
C SER O 75 -24.62 -2.97 -42.37
N GLY O 76 -24.76 -2.81 -41.06
CA GLY O 76 -25.81 -3.51 -40.34
C GLY O 76 -25.65 -5.01 -40.49
N HIS O 77 -24.50 -5.43 -41.01
CA HIS O 77 -24.22 -6.84 -41.21
C HIS O 77 -22.86 -7.29 -40.65
N LEU O 78 -22.68 -8.60 -40.63
CA LEU O 78 -21.45 -9.23 -40.15
C LEU O 78 -21.26 -10.46 -41.02
N ARG O 79 -20.89 -10.22 -42.28
CA ARG O 79 -20.67 -11.26 -43.28
C ARG O 79 -20.28 -12.64 -42.76
N LYS O 80 -19.39 -12.69 -41.77
CA LYS O 80 -18.94 -13.96 -41.21
C LYS O 80 -20.08 -14.76 -40.57
N LEU O 81 -21.28 -14.19 -40.56
CA LEU O 81 -22.45 -14.86 -39.98
C LEU O 81 -23.13 -15.69 -41.06
N ASP O 82 -22.88 -15.36 -42.33
CA ASP O 82 -23.46 -16.09 -43.45
C ASP O 82 -22.58 -17.28 -43.85
N HIS O 83 -21.55 -17.55 -43.05
CA HIS O 83 -20.62 -18.65 -43.34
C HIS O 83 -20.48 -19.65 -42.21
N ILE O 84 -21.26 -19.48 -41.15
CA ILE O 84 -21.18 -20.38 -40.02
C ILE O 84 -21.60 -21.79 -40.42
N SER O 85 -20.81 -22.77 -40.00
CA SER O 85 -21.07 -24.17 -40.33
C SER O 85 -22.48 -24.61 -39.98
N GLU O 86 -23.09 -25.37 -40.89
CA GLU O 86 -24.46 -25.86 -40.71
C GLU O 86 -24.55 -26.86 -39.57
N SER O 87 -23.41 -27.33 -39.08
CA SER O 87 -23.37 -28.30 -38.00
C SER O 87 -23.50 -27.65 -36.62
N VAL O 88 -23.21 -26.35 -36.54
CA VAL O 88 -23.31 -25.62 -35.27
C VAL O 88 -24.60 -25.86 -34.50
N PRO O 89 -25.76 -25.81 -35.18
CA PRO O 89 -27.04 -26.05 -34.49
C PRO O 89 -27.12 -27.41 -33.78
N VAL O 90 -26.72 -28.47 -34.48
CA VAL O 90 -26.77 -29.80 -33.88
C VAL O 90 -25.71 -29.94 -32.79
N LEU O 91 -24.56 -29.29 -32.98
CA LEU O 91 -23.50 -29.35 -31.98
C LEU O 91 -24.01 -28.67 -30.71
N GLU O 92 -24.73 -27.56 -30.87
CA GLU O 92 -25.27 -26.86 -29.71
C GLU O 92 -26.32 -27.73 -29.05
N LEU O 93 -27.21 -28.28 -29.87
CA LEU O 93 -28.27 -29.15 -29.36
C LEU O 93 -27.67 -30.27 -28.51
N PHE O 94 -26.62 -30.92 -29.03
CA PHE O 94 -25.98 -32.01 -28.31
C PHE O 94 -25.29 -31.57 -27.02
N SER O 95 -24.51 -30.49 -27.09
CA SER O 95 -23.81 -30.01 -25.90
C SER O 95 -24.77 -29.42 -24.85
N ASN O 96 -26.05 -29.29 -25.21
CA ASN O 96 -27.04 -28.80 -24.25
C ASN O 96 -27.44 -29.91 -23.29
N ILE O 97 -26.95 -31.13 -23.57
CA ILE O 97 -27.22 -32.27 -22.71
C ILE O 97 -26.18 -32.15 -21.59
N TRP O 98 -26.63 -32.08 -20.33
CA TRP O 98 -25.68 -31.97 -19.22
C TRP O 98 -24.79 -33.20 -19.20
N GLY O 99 -23.48 -32.99 -19.27
CA GLY O 99 -22.56 -34.10 -19.26
C GLY O 99 -21.93 -34.36 -20.62
N ALA O 100 -22.47 -33.71 -21.65
CA ALA O 100 -21.93 -33.87 -23.01
C ALA O 100 -21.29 -32.54 -23.41
N GLY O 101 -19.99 -32.56 -23.65
CA GLY O 101 -19.30 -31.34 -24.05
C GLY O 101 -19.11 -31.27 -25.55
N THR O 102 -18.20 -30.42 -26.01
CA THR O 102 -17.95 -30.28 -27.44
C THR O 102 -17.34 -31.54 -28.04
N LYS O 103 -16.49 -32.22 -27.28
CA LYS O 103 -15.85 -33.44 -27.77
C LYS O 103 -16.88 -34.55 -28.03
N THR O 104 -17.87 -34.64 -27.16
CA THR O 104 -18.91 -35.66 -27.31
C THR O 104 -19.87 -35.28 -28.45
N ALA O 105 -20.32 -34.03 -28.45
CA ALA O 105 -21.24 -33.57 -29.49
C ALA O 105 -20.55 -33.76 -30.83
N GLN O 106 -19.26 -33.48 -30.85
CA GLN O 106 -18.41 -33.60 -32.02
C GLN O 106 -18.39 -35.06 -32.45
N MET O 107 -18.20 -35.95 -31.49
CA MET O 107 -18.16 -37.39 -31.75
C MET O 107 -19.49 -37.91 -32.28
N TRP O 108 -20.58 -37.45 -31.68
CA TRP O 108 -21.91 -37.89 -32.09
C TRP O 108 -22.25 -37.42 -33.51
N TYR O 109 -21.79 -36.21 -33.87
CA TYR O 109 -22.05 -35.69 -35.19
C TYR O 109 -21.34 -36.54 -36.24
N GLN O 110 -20.08 -36.89 -35.95
CA GLN O 110 -19.30 -37.74 -36.87
C GLN O 110 -20.00 -39.08 -37.03
N GLN O 111 -20.77 -39.48 -36.02
CA GLN O 111 -21.51 -40.74 -36.06
C GLN O 111 -22.82 -40.66 -36.84
N GLY O 112 -23.12 -39.49 -37.39
CA GLY O 112 -24.33 -39.32 -38.18
C GLY O 112 -25.59 -38.92 -37.42
N PHE O 113 -25.45 -38.69 -36.12
CA PHE O 113 -26.58 -38.30 -35.28
C PHE O 113 -26.88 -36.82 -35.48
N ARG O 114 -28.16 -36.47 -35.57
CA ARG O 114 -28.52 -35.08 -35.78
C ARG O 114 -29.66 -34.58 -34.90
N SER O 115 -30.39 -35.50 -34.27
CA SER O 115 -31.50 -35.11 -33.41
C SER O 115 -31.38 -35.73 -32.03
N LEU O 116 -32.13 -35.19 -31.07
CA LEU O 116 -32.10 -35.73 -29.72
C LEU O 116 -32.60 -37.17 -29.75
N GLU O 117 -33.59 -37.43 -30.62
CA GLU O 117 -34.15 -38.77 -30.74
C GLU O 117 -33.04 -39.71 -31.21
N ASP O 118 -32.21 -39.22 -32.13
CA ASP O 118 -31.08 -40.02 -32.64
C ASP O 118 -30.16 -40.42 -31.50
N ILE O 119 -30.02 -39.53 -30.52
CA ILE O 119 -29.16 -39.79 -29.38
C ILE O 119 -29.76 -40.83 -28.45
N ARG O 120 -31.01 -40.61 -28.05
CA ARG O 120 -31.69 -41.54 -27.14
C ARG O 120 -31.75 -42.96 -27.67
N SER O 121 -31.89 -43.11 -28.99
CA SER O 121 -32.01 -44.43 -29.58
C SER O 121 -30.73 -45.12 -30.06
N GLN O 122 -29.71 -44.35 -30.40
CA GLN O 122 -28.48 -44.95 -30.93
C GLN O 122 -27.16 -44.61 -30.23
N ALA O 123 -27.01 -43.36 -29.81
CA ALA O 123 -25.76 -42.92 -29.17
C ALA O 123 -25.39 -43.65 -27.90
N SER O 124 -24.09 -43.78 -27.68
CA SER O 124 -23.54 -44.40 -26.49
C SER O 124 -23.59 -43.28 -25.44
N LEU O 125 -24.23 -43.53 -24.30
CA LEU O 125 -24.37 -42.50 -23.27
C LEU O 125 -23.77 -42.85 -21.91
N THR O 126 -23.09 -41.88 -21.30
CA THR O 126 -22.53 -42.09 -19.96
C THR O 126 -23.74 -42.00 -19.04
N THR O 127 -23.56 -42.41 -17.79
CA THR O 127 -24.66 -42.35 -16.82
C THR O 127 -25.19 -40.93 -16.67
N GLN O 128 -24.29 -39.96 -16.59
CA GLN O 128 -24.69 -38.56 -16.44
C GLN O 128 -25.44 -38.07 -17.68
N GLN O 129 -24.89 -38.37 -18.85
CA GLN O 129 -25.51 -37.93 -20.10
C GLN O 129 -26.93 -38.46 -20.25
N ALA O 130 -27.16 -39.71 -19.83
CA ALA O 130 -28.49 -40.31 -19.91
C ALA O 130 -29.44 -39.46 -19.08
N ILE O 131 -28.99 -39.09 -17.90
CA ILE O 131 -29.79 -38.26 -17.01
C ILE O 131 -30.07 -36.91 -17.66
N GLY O 132 -29.03 -36.28 -18.20
CA GLY O 132 -29.21 -34.97 -18.83
C GLY O 132 -30.11 -35.02 -20.06
N LEU O 133 -30.09 -36.16 -20.74
CA LEU O 133 -30.92 -36.35 -21.93
C LEU O 133 -32.40 -36.49 -21.60
N LYS O 134 -32.72 -37.29 -20.58
CA LYS O 134 -34.11 -37.50 -20.21
C LYS O 134 -34.76 -36.26 -19.57
N HIS O 135 -33.94 -35.32 -19.11
CA HIS O 135 -34.45 -34.09 -18.51
C HIS O 135 -33.98 -32.91 -19.37
N TYR O 136 -33.66 -33.19 -20.63
CA TYR O 136 -33.18 -32.17 -21.56
C TYR O 136 -33.96 -30.86 -21.50
N SER O 137 -35.25 -30.93 -21.81
CA SER O 137 -36.11 -29.77 -21.81
C SER O 137 -36.17 -29.06 -20.45
N ASP O 138 -36.52 -29.80 -19.39
CA ASP O 138 -36.63 -29.21 -18.05
C ASP O 138 -35.36 -28.49 -17.60
N PHE O 139 -34.21 -29.04 -17.97
CA PHE O 139 -32.92 -28.45 -17.60
C PHE O 139 -32.58 -27.23 -18.44
N LEU O 140 -33.23 -27.10 -19.59
CA LEU O 140 -32.98 -25.99 -20.50
C LEU O 140 -33.77 -24.75 -20.07
N GLU O 141 -34.81 -24.96 -19.28
CA GLU O 141 -35.67 -23.88 -18.82
C GLU O 141 -35.09 -23.14 -17.61
N ARG O 142 -35.36 -21.85 -17.54
CA ARG O 142 -34.90 -21.02 -16.42
C ARG O 142 -36.08 -21.00 -15.46
N MET O 143 -35.95 -21.72 -14.36
CA MET O 143 -37.03 -21.78 -13.37
C MET O 143 -37.29 -20.43 -12.72
N PRO O 144 -38.54 -20.16 -12.33
CA PRO O 144 -38.89 -18.90 -11.70
C PRO O 144 -38.12 -18.79 -10.38
N ARG O 145 -37.84 -17.57 -9.95
CA ARG O 145 -37.10 -17.37 -8.70
C ARG O 145 -37.81 -18.03 -7.52
N GLU O 146 -39.13 -17.87 -7.47
CA GLU O 146 -39.96 -18.43 -6.40
C GLU O 146 -39.74 -19.92 -6.21
N GLU O 147 -39.62 -20.67 -7.31
CA GLU O 147 -39.41 -22.10 -7.21
C GLU O 147 -38.03 -22.35 -6.62
N ALA O 148 -37.07 -21.51 -6.98
CA ALA O 148 -35.71 -21.63 -6.47
C ALA O 148 -35.75 -21.50 -4.96
N THR O 149 -36.51 -20.53 -4.48
CA THR O 149 -36.65 -20.30 -3.05
C THR O 149 -37.25 -21.53 -2.37
N GLU O 150 -38.22 -22.15 -3.02
CA GLU O 150 -38.85 -23.35 -2.49
C GLU O 150 -37.85 -24.50 -2.36
N ILE O 151 -37.02 -24.66 -3.39
CA ILE O 151 -36.01 -25.72 -3.41
C ILE O 151 -34.98 -25.48 -2.30
N GLU O 152 -34.58 -24.23 -2.12
CA GLU O 152 -33.62 -23.87 -1.09
C GLU O 152 -34.22 -24.24 0.27
N GLN O 153 -35.47 -23.81 0.50
CA GLN O 153 -36.16 -24.09 1.75
C GLN O 153 -36.27 -25.59 2.02
N THR O 154 -36.45 -26.37 0.96
CA THR O 154 -36.55 -27.82 1.10
C THR O 154 -35.24 -28.37 1.67
N VAL O 155 -34.12 -27.92 1.10
CA VAL O 155 -32.80 -28.35 1.56
C VAL O 155 -32.53 -27.80 2.95
N GLN O 156 -32.79 -26.51 3.14
CA GLN O 156 -32.56 -25.88 4.45
C GLN O 156 -33.33 -26.61 5.55
N LYS O 157 -34.66 -26.60 5.46
CA LYS O 157 -35.48 -27.27 6.47
C LYS O 157 -34.89 -28.63 6.80
N ALA O 158 -34.66 -29.45 5.78
CA ALA O 158 -34.10 -30.78 5.97
C ALA O 158 -32.75 -30.78 6.68
N ALA O 159 -31.91 -29.79 6.38
CA ALA O 159 -30.59 -29.71 7.00
C ALA O 159 -30.67 -29.22 8.44
N GLN O 160 -31.45 -28.16 8.67
CA GLN O 160 -31.62 -27.62 10.02
C GLN O 160 -32.32 -28.62 10.92
N ALA O 161 -32.86 -29.68 10.31
CA ALA O 161 -33.57 -30.71 11.07
C ALA O 161 -32.57 -31.54 11.88
N PHE O 162 -31.30 -31.50 11.46
CA PHE O 162 -30.24 -32.24 12.16
C PHE O 162 -29.49 -31.30 13.11
N ASN O 163 -29.45 -30.02 12.74
CA ASN O 163 -28.79 -29.01 13.55
C ASN O 163 -29.34 -27.64 13.17
N SER O 164 -29.97 -26.97 14.13
CA SER O 164 -30.57 -25.67 13.91
C SER O 164 -29.57 -24.53 13.69
N GLY O 165 -28.30 -24.80 13.99
CA GLY O 165 -27.28 -23.77 13.82
C GLY O 165 -26.65 -23.69 12.45
N LEU O 166 -26.96 -24.66 11.58
CA LEU O 166 -26.39 -24.67 10.22
C LEU O 166 -26.90 -23.53 9.38
N LEU O 167 -26.00 -22.90 8.62
CA LEU O 167 -26.37 -21.78 7.75
C LEU O 167 -26.52 -22.31 6.32
N CYS O 168 -27.64 -22.00 5.69
CA CYS O 168 -27.91 -22.45 4.33
C CYS O 168 -28.16 -21.26 3.44
N VAL O 169 -27.36 -21.12 2.38
CA VAL O 169 -27.51 -20.01 1.45
C VAL O 169 -27.50 -20.45 0.00
N ALA O 170 -28.56 -20.11 -0.73
CA ALA O 170 -28.65 -20.45 -2.14
C ALA O 170 -27.80 -19.41 -2.89
N CYS O 171 -26.83 -19.87 -3.68
CA CYS O 171 -25.97 -18.94 -4.41
C CYS O 171 -26.31 -18.91 -5.90
N GLY O 172 -25.29 -18.89 -6.75
CA GLY O 172 -25.52 -18.87 -8.18
C GLY O 172 -26.28 -17.63 -8.63
N SER O 173 -27.05 -17.77 -9.72
CA SER O 173 -27.80 -16.64 -10.25
C SER O 173 -28.86 -16.18 -9.26
N TYR O 174 -29.27 -17.06 -8.35
CA TYR O 174 -30.28 -16.72 -7.36
C TYR O 174 -29.76 -15.62 -6.42
N ARG O 175 -28.56 -15.83 -5.88
CA ARG O 175 -27.96 -14.86 -4.97
C ARG O 175 -27.60 -13.57 -5.69
N ARG O 176 -27.45 -13.63 -7.01
CA ARG O 176 -27.14 -12.44 -7.78
C ARG O 176 -28.43 -11.67 -8.09
N GLY O 177 -29.53 -12.17 -7.53
CA GLY O 177 -30.81 -11.52 -7.69
C GLY O 177 -31.52 -11.59 -9.04
N LYS O 178 -31.29 -12.65 -9.80
CA LYS O 178 -31.95 -12.77 -11.10
C LYS O 178 -33.41 -13.19 -10.91
N ALA O 179 -34.23 -12.88 -11.92
CA ALA O 179 -35.64 -13.22 -11.90
C ALA O 179 -35.85 -14.69 -12.23
N THR O 180 -34.90 -15.27 -12.96
CA THR O 180 -34.98 -16.69 -13.31
C THR O 180 -33.65 -17.38 -13.04
N CYS O 181 -33.69 -18.68 -12.74
CA CYS O 181 -32.47 -19.41 -12.43
C CYS O 181 -32.34 -20.73 -13.19
N GLY O 182 -31.16 -20.96 -13.76
CA GLY O 182 -30.90 -22.19 -14.50
C GLY O 182 -30.64 -23.38 -13.57
N ASP O 183 -30.47 -23.09 -12.29
CA ASP O 183 -30.26 -24.14 -11.29
C ASP O 183 -30.27 -23.49 -9.91
N VAL O 184 -29.98 -24.29 -8.90
CA VAL O 184 -29.95 -23.81 -7.54
C VAL O 184 -28.70 -24.45 -6.88
N ASP O 185 -27.90 -23.63 -6.22
CA ASP O 185 -26.69 -24.09 -5.55
C ASP O 185 -26.81 -23.70 -4.07
N VAL O 186 -27.16 -24.67 -3.24
CA VAL O 186 -27.31 -24.46 -1.80
C VAL O 186 -25.96 -24.68 -1.09
N LEU O 187 -25.48 -23.65 -0.41
CA LEU O 187 -24.22 -23.73 0.34
C LEU O 187 -24.54 -23.86 1.82
N ILE O 188 -23.87 -24.79 2.50
CA ILE O 188 -24.12 -25.04 3.91
C ILE O 188 -22.86 -25.08 4.78
N THR O 189 -22.95 -24.53 5.98
CA THR O 189 -21.83 -24.55 6.91
C THR O 189 -22.35 -24.32 8.32
N HIS O 190 -21.43 -24.25 9.28
CA HIS O 190 -21.81 -24.00 10.67
C HIS O 190 -20.77 -23.09 11.31
N PRO O 191 -21.23 -22.07 12.04
CA PRO O 191 -20.37 -21.10 12.73
C PRO O 191 -19.35 -21.67 13.71
N ASP O 192 -19.68 -22.79 14.35
CA ASP O 192 -18.75 -23.36 15.32
C ASP O 192 -17.56 -24.04 14.65
N GLY O 193 -17.51 -23.96 13.32
CA GLY O 193 -16.41 -24.56 12.57
C GLY O 193 -16.18 -26.05 12.68
N ARG O 194 -17.12 -26.80 13.26
CA ARG O 194 -16.96 -28.24 13.41
C ARG O 194 -18.23 -29.06 13.18
N SER O 195 -19.39 -28.47 13.48
CA SER O 195 -20.67 -29.17 13.32
C SER O 195 -21.18 -29.35 11.89
N HIS O 196 -20.43 -28.89 10.91
CA HIS O 196 -20.86 -29.07 9.53
C HIS O 196 -20.52 -30.50 9.14
N ARG O 197 -19.61 -31.10 9.90
CA ARG O 197 -19.15 -32.47 9.66
C ARG O 197 -20.21 -33.55 9.93
N GLY O 198 -20.38 -34.44 8.95
CA GLY O 198 -21.35 -35.50 9.08
C GLY O 198 -22.74 -35.13 8.62
N ILE O 199 -22.93 -33.88 8.20
CA ILE O 199 -24.24 -33.41 7.74
C ILE O 199 -24.54 -33.82 6.29
N PHE O 200 -23.56 -33.67 5.41
CA PHE O 200 -23.69 -33.97 3.98
C PHE O 200 -24.41 -35.26 3.64
N SER O 201 -23.82 -36.39 4.03
CA SER O 201 -24.38 -37.69 3.72
C SER O 201 -25.81 -37.95 4.18
N ARG O 202 -26.14 -37.61 5.43
CA ARG O 202 -27.50 -37.86 5.90
C ARG O 202 -28.50 -36.81 5.44
N LEU O 203 -27.99 -35.67 4.97
CA LEU O 203 -28.87 -34.62 4.45
C LEU O 203 -29.46 -35.15 3.15
N LEU O 204 -28.60 -35.77 2.34
CA LEU O 204 -28.97 -36.35 1.05
C LEU O 204 -29.87 -37.59 1.21
N ASP O 205 -29.62 -38.40 2.24
CA ASP O 205 -30.42 -39.59 2.47
C ASP O 205 -31.79 -39.19 3.01
N SER O 206 -31.88 -37.99 3.55
CA SER O 206 -33.16 -37.50 4.05
C SER O 206 -33.97 -37.03 2.85
N LEU O 207 -33.32 -36.31 1.95
CA LEU O 207 -33.98 -35.79 0.76
C LEU O 207 -34.27 -36.90 -0.24
N ARG O 208 -33.42 -37.93 -0.25
CA ARG O 208 -33.59 -39.04 -1.18
C ARG O 208 -34.68 -40.02 -0.74
N GLN O 209 -35.27 -39.78 0.43
CA GLN O 209 -36.35 -40.63 0.93
C GLN O 209 -37.63 -39.82 0.83
N GLU O 210 -37.49 -38.52 1.06
CA GLU O 210 -38.59 -37.57 1.00
C GLU O 210 -38.99 -37.45 -0.48
N GLY O 211 -38.30 -38.21 -1.33
CA GLY O 211 -38.56 -38.20 -2.76
C GLY O 211 -38.12 -36.94 -3.50
N PHE O 212 -37.49 -36.02 -2.77
CA PHE O 212 -37.03 -34.76 -3.35
C PHE O 212 -35.95 -34.96 -4.44
N LEU O 213 -34.93 -35.75 -4.13
CA LEU O 213 -33.86 -36.02 -5.09
C LEU O 213 -34.22 -37.20 -5.99
N THR O 214 -34.33 -36.95 -7.29
CA THR O 214 -34.69 -38.01 -8.23
C THR O 214 -33.49 -38.65 -8.94
N ASP O 215 -32.44 -37.87 -9.18
CA ASP O 215 -31.26 -38.42 -9.86
C ASP O 215 -29.96 -37.81 -9.33
N ASP O 216 -28.90 -38.60 -9.33
CA ASP O 216 -27.57 -38.18 -8.87
C ASP O 216 -26.63 -38.13 -10.08
N LEU O 217 -25.97 -36.97 -10.28
CA LEU O 217 -25.02 -36.80 -11.37
C LEU O 217 -23.62 -37.13 -10.83
N VAL O 218 -23.38 -36.70 -9.59
CA VAL O 218 -22.14 -36.95 -8.86
C VAL O 218 -22.64 -36.94 -7.42
N SER O 219 -22.81 -38.13 -6.84
CA SER O 219 -23.33 -38.24 -5.47
C SER O 219 -22.43 -37.64 -4.40
N GLN O 220 -21.13 -37.53 -4.66
CA GLN O 220 -20.22 -36.94 -3.68
C GLN O 220 -18.86 -36.49 -4.21
N GLU O 221 -18.54 -35.21 -4.04
CA GLU O 221 -17.25 -34.69 -4.46
C GLU O 221 -16.52 -34.18 -3.21
N GLU O 222 -15.37 -34.75 -2.91
CA GLU O 222 -14.59 -34.32 -1.77
C GLU O 222 -13.41 -33.52 -2.29
N ASN O 223 -13.53 -32.21 -2.15
CA ASN O 223 -12.53 -31.25 -2.58
C ASN O 223 -12.05 -30.60 -1.31
N GLY O 224 -10.88 -31.04 -0.84
CA GLY O 224 -10.33 -30.51 0.40
C GLY O 224 -11.26 -30.90 1.53
N GLN O 225 -11.77 -29.90 2.25
CA GLN O 225 -12.70 -30.15 3.35
C GLN O 225 -14.14 -29.84 2.91
N GLN O 226 -14.34 -29.68 1.61
CA GLN O 226 -15.65 -29.40 1.08
C GLN O 226 -16.27 -30.66 0.48
N GLN O 227 -17.57 -30.82 0.66
CA GLN O 227 -18.30 -31.96 0.13
C GLN O 227 -19.34 -31.37 -0.81
N LYS O 228 -19.32 -31.79 -2.07
CA LYS O 228 -20.27 -31.29 -3.03
C LYS O 228 -21.14 -32.38 -3.64
N TYR O 229 -22.40 -32.05 -3.86
CA TYR O 229 -23.35 -32.97 -4.45
C TYR O 229 -23.92 -32.37 -5.74
N LEU O 230 -23.94 -33.14 -6.82
CA LEU O 230 -24.52 -32.63 -8.06
C LEU O 230 -25.68 -33.55 -8.44
N GLY O 231 -26.90 -33.02 -8.39
CA GLY O 231 -28.05 -33.85 -8.72
C GLY O 231 -29.29 -33.19 -9.29
N VAL O 232 -30.40 -33.93 -9.22
CA VAL O 232 -31.67 -33.46 -9.74
C VAL O 232 -32.76 -33.57 -8.68
N CYS O 233 -33.63 -32.56 -8.62
CA CYS O 233 -34.70 -32.57 -7.64
C CYS O 233 -35.99 -32.09 -8.27
N ARG O 234 -37.11 -32.52 -7.70
CA ARG O 234 -38.43 -32.11 -8.17
C ARG O 234 -39.32 -31.89 -6.96
N LEU O 235 -39.85 -30.68 -6.83
CA LEU O 235 -40.73 -30.35 -5.71
C LEU O 235 -41.97 -31.26 -5.75
N PRO O 236 -42.50 -31.61 -4.57
CA PRO O 236 -43.69 -32.48 -4.49
C PRO O 236 -44.95 -31.81 -5.04
N GLY O 237 -45.87 -32.65 -5.52
CA GLY O 237 -47.11 -32.14 -6.08
C GLY O 237 -47.11 -32.12 -7.59
N PRO O 238 -48.29 -31.95 -8.22
CA PRO O 238 -48.42 -31.91 -9.68
C PRO O 238 -47.84 -30.63 -10.30
N GLY O 239 -47.60 -30.67 -11.61
CA GLY O 239 -47.06 -29.51 -12.30
C GLY O 239 -45.65 -29.13 -11.87
N ARG O 240 -44.85 -30.14 -11.50
CA ARG O 240 -43.48 -29.89 -11.06
C ARG O 240 -42.46 -30.54 -11.98
N ARG O 241 -41.56 -29.73 -12.52
CA ARG O 241 -40.52 -30.23 -13.41
C ARG O 241 -39.23 -30.53 -12.64
N HIS O 242 -38.33 -31.28 -13.24
CA HIS O 242 -37.05 -31.60 -12.61
C HIS O 242 -36.08 -30.44 -12.76
N ARG O 243 -35.38 -30.11 -11.68
CA ARG O 243 -34.41 -29.01 -11.71
C ARG O 243 -33.05 -29.48 -11.21
N ARG O 244 -32.00 -28.93 -11.78
CA ARG O 244 -30.65 -29.27 -11.39
C ARG O 244 -30.38 -28.70 -9.99
N LEU O 245 -29.80 -29.52 -9.11
CA LEU O 245 -29.50 -29.09 -7.77
C LEU O 245 -28.08 -29.44 -7.32
N ASP O 246 -27.41 -28.45 -6.74
CA ASP O 246 -26.07 -28.62 -6.21
C ASP O 246 -26.14 -28.29 -4.72
N ILE O 247 -25.45 -29.06 -3.90
CA ILE O 247 -25.42 -28.83 -2.46
C ILE O 247 -23.98 -28.92 -2.02
N ILE O 248 -23.49 -27.88 -1.35
CA ILE O 248 -22.12 -27.87 -0.89
C ILE O 248 -22.01 -27.56 0.61
N VAL O 249 -21.31 -28.43 1.33
CA VAL O 249 -21.08 -28.24 2.76
C VAL O 249 -19.61 -27.89 2.88
N VAL O 250 -19.33 -26.78 3.56
CA VAL O 250 -17.96 -26.31 3.73
C VAL O 250 -17.67 -25.88 5.18
N PRO O 251 -16.41 -26.00 5.61
CA PRO O 251 -16.07 -25.59 6.98
C PRO O 251 -16.24 -24.08 7.05
N TYR O 252 -16.54 -23.55 8.22
CA TYR O 252 -16.77 -22.13 8.38
C TYR O 252 -15.66 -21.19 7.92
N SER O 253 -14.40 -21.59 8.06
CA SER O 253 -13.29 -20.74 7.66
C SER O 253 -13.22 -20.46 6.14
N GLU O 254 -13.86 -21.31 5.35
CA GLU O 254 -13.87 -21.15 3.90
C GLU O 254 -15.21 -20.61 3.39
N PHE O 255 -16.12 -20.31 4.31
CA PHE O 255 -17.44 -19.82 3.94
C PHE O 255 -17.46 -18.64 2.98
N ALA O 256 -16.66 -17.62 3.27
CA ALA O 256 -16.62 -16.42 2.43
C ALA O 256 -16.17 -16.68 0.99
N CYS O 257 -15.14 -17.49 0.83
CA CYS O 257 -14.65 -17.80 -0.51
C CYS O 257 -15.61 -18.75 -1.23
N ALA O 258 -16.21 -19.68 -0.48
CA ALA O 258 -17.19 -20.58 -1.06
C ALA O 258 -18.35 -19.73 -1.58
N LEU O 259 -18.90 -18.87 -0.72
CA LEU O 259 -20.02 -18.00 -1.12
C LEU O 259 -19.65 -17.14 -2.34
N LEU O 260 -18.45 -16.59 -2.34
CA LEU O 260 -18.03 -15.75 -3.46
C LEU O 260 -17.91 -16.60 -4.74
N TYR O 261 -17.28 -17.76 -4.61
CA TYR O 261 -17.08 -18.66 -5.75
C TYR O 261 -18.38 -19.19 -6.35
N PHE O 262 -19.26 -19.72 -5.49
CA PHE O 262 -20.52 -20.27 -5.98
C PHE O 262 -21.58 -19.25 -6.36
N THR O 263 -21.36 -17.99 -6.04
CA THR O 263 -22.30 -16.94 -6.41
C THR O 263 -21.97 -16.48 -7.84
N GLY O 264 -20.70 -16.67 -8.23
CA GLY O 264 -20.27 -16.28 -9.56
C GLY O 264 -20.48 -14.81 -9.84
N SER O 265 -20.69 -14.43 -11.10
CA SER O 265 -20.74 -15.36 -12.24
C SER O 265 -19.40 -15.95 -12.62
N ALA O 266 -19.42 -16.82 -13.62
CA ALA O 266 -18.21 -17.45 -14.13
C ALA O 266 -17.24 -16.36 -14.58
N HIS O 267 -17.77 -15.36 -15.30
CA HIS O 267 -16.95 -14.25 -15.78
C HIS O 267 -16.38 -13.44 -14.62
N PHE O 268 -17.21 -13.20 -13.61
CA PHE O 268 -16.76 -12.44 -12.45
C PHE O 268 -15.67 -13.20 -11.71
N ASN O 269 -15.84 -14.51 -11.54
CA ASN O 269 -14.83 -15.31 -10.85
C ASN O 269 -13.49 -15.19 -11.58
N ARG O 270 -13.52 -15.31 -12.91
CA ARG O 270 -12.30 -15.20 -13.71
C ARG O 270 -11.56 -13.88 -13.47
N SER O 271 -12.27 -12.76 -13.55
CA SER O 271 -11.62 -11.47 -13.34
C SER O 271 -11.00 -11.40 -11.94
N MET O 272 -11.67 -11.98 -10.95
CA MET O 272 -11.17 -11.99 -9.58
C MET O 272 -9.87 -12.78 -9.49
N ARG O 273 -9.81 -13.94 -10.16
CA ARG O 273 -8.60 -14.74 -10.15
C ARG O 273 -7.50 -13.97 -10.87
N ALA O 274 -7.86 -13.26 -11.95
CA ALA O 274 -6.87 -12.49 -12.71
C ALA O 274 -6.29 -11.40 -11.83
N LEU O 275 -7.14 -10.72 -11.06
CA LEU O 275 -6.67 -9.67 -10.18
C LEU O 275 -5.77 -10.24 -9.09
N ALA O 276 -6.22 -11.32 -8.46
CA ALA O 276 -5.43 -11.95 -7.40
C ALA O 276 -4.03 -12.29 -7.92
N LYS O 277 -3.96 -12.71 -9.17
CA LYS O 277 -2.69 -13.07 -9.79
C LYS O 277 -1.74 -11.87 -9.87
N THR O 278 -2.26 -10.72 -10.32
CA THR O 278 -1.43 -9.53 -10.43
C THR O 278 -0.88 -9.14 -9.06
N LYS O 279 -1.65 -9.43 -8.00
CA LYS O 279 -1.19 -9.11 -6.65
C LYS O 279 -0.53 -10.29 -5.94
N GLY O 280 0.03 -11.20 -6.73
CA GLY O 280 0.72 -12.36 -6.20
C GLY O 280 -0.09 -13.34 -5.36
N MET O 281 -1.41 -13.28 -5.45
CA MET O 281 -2.25 -14.18 -4.68
C MET O 281 -3.08 -15.11 -5.57
N SER O 282 -3.75 -16.07 -4.95
CA SER O 282 -4.60 -17.02 -5.67
C SER O 282 -5.95 -17.04 -4.97
N LEU O 283 -7.01 -17.21 -5.75
CA LEU O 283 -8.36 -17.26 -5.22
C LEU O 283 -9.10 -18.49 -5.74
N SER O 284 -9.67 -19.26 -4.83
CA SER O 284 -10.44 -20.45 -5.16
C SER O 284 -11.65 -20.50 -4.24
N GLU O 285 -12.45 -21.56 -4.35
CA GLU O 285 -13.63 -21.72 -3.51
C GLU O 285 -13.25 -21.97 -2.06
N HIS O 286 -11.97 -22.30 -1.82
CA HIS O 286 -11.48 -22.56 -0.48
C HIS O 286 -10.97 -21.31 0.21
N ALA O 287 -10.17 -20.51 -0.50
CA ALA O 287 -9.62 -19.31 0.11
C ALA O 287 -8.83 -18.41 -0.84
N LEU O 288 -8.29 -17.34 -0.24
CA LEU O 288 -7.46 -16.38 -0.94
C LEU O 288 -6.10 -16.64 -0.32
N SER O 289 -5.13 -17.07 -1.12
CA SER O 289 -3.81 -17.36 -0.58
C SER O 289 -2.70 -16.62 -1.29
N THR O 290 -1.54 -16.56 -0.64
CA THR O 290 -0.38 -15.92 -1.23
C THR O 290 0.14 -16.93 -2.26
N ALA O 291 1.00 -16.48 -3.16
CA ALA O 291 1.55 -17.33 -4.22
C ALA O 291 2.16 -18.66 -3.77
N VAL O 292 1.92 -19.70 -4.56
CA VAL O 292 2.44 -21.04 -4.29
C VAL O 292 3.96 -20.98 -4.28
N VAL O 293 4.58 -21.85 -3.49
CA VAL O 293 6.03 -21.90 -3.38
C VAL O 293 6.65 -22.73 -4.50
N ARG O 294 7.18 -22.06 -5.52
CA ARG O 294 7.82 -22.73 -6.65
C ARG O 294 9.31 -22.86 -6.36
N ASN O 295 9.89 -24.02 -6.67
CA ASN O 295 11.31 -24.27 -6.41
C ASN O 295 12.28 -23.55 -7.35
N THR O 296 13.13 -24.31 -8.05
CA THR O 296 14.11 -23.71 -8.94
C THR O 296 13.75 -23.84 -10.42
N HIS O 297 12.85 -24.77 -10.74
CA HIS O 297 12.43 -24.97 -12.12
C HIS O 297 11.01 -24.43 -12.34
N GLY O 298 10.50 -23.73 -11.34
CA GLY O 298 9.16 -23.18 -11.44
C GLY O 298 8.14 -24.16 -10.88
N CYS O 299 8.52 -25.43 -10.85
CA CYS O 299 7.66 -26.50 -10.34
C CYS O 299 7.09 -26.15 -8.97
N LYS O 300 5.79 -26.35 -8.80
CA LYS O 300 5.11 -26.06 -7.54
C LYS O 300 5.56 -27.04 -6.46
N VAL O 301 6.33 -26.54 -5.49
CA VAL O 301 6.81 -27.37 -4.40
C VAL O 301 5.84 -27.41 -3.21
N GLY O 302 5.39 -26.22 -2.78
CA GLY O 302 4.47 -26.17 -1.66
C GLY O 302 3.36 -25.14 -1.84
N PRO O 303 2.22 -25.30 -1.15
CA PRO O 303 1.11 -24.36 -1.26
C PRO O 303 1.39 -23.04 -0.56
N GLY O 304 0.66 -22.00 -0.94
CA GLY O 304 0.84 -20.71 -0.32
C GLY O 304 0.03 -20.61 0.96
N ARG O 305 0.33 -19.63 1.80
CA ARG O 305 -0.41 -19.49 3.04
C ARG O 305 -1.78 -18.84 2.79
N VAL O 306 -2.80 -19.35 3.48
CA VAL O 306 -4.18 -18.87 3.35
C VAL O 306 -4.36 -17.56 4.14
N LEU O 307 -4.93 -16.55 3.50
CA LEU O 307 -5.19 -15.28 4.18
C LEU O 307 -6.61 -15.31 4.72
N PRO O 308 -6.77 -15.24 6.04
CA PRO O 308 -8.08 -15.27 6.67
C PRO O 308 -9.06 -14.28 6.08
N THR O 309 -10.25 -14.77 5.70
CA THR O 309 -11.29 -13.93 5.14
C THR O 309 -12.63 -14.38 5.71
N PRO O 310 -13.02 -13.80 6.85
CA PRO O 310 -14.29 -14.14 7.51
C PRO O 310 -15.52 -13.85 6.66
N THR O 311 -15.45 -12.77 5.87
CA THR O 311 -16.56 -12.38 5.01
C THR O 311 -16.08 -12.03 3.61
N GLU O 312 -17.02 -11.94 2.67
CA GLU O 312 -16.68 -11.59 1.30
C GLU O 312 -15.97 -10.23 1.25
N LYS O 313 -16.49 -9.27 2.01
CA LYS O 313 -15.89 -7.94 2.06
C LYS O 313 -14.43 -7.96 2.47
N ASP O 314 -14.00 -9.03 3.15
CA ASP O 314 -12.60 -9.16 3.54
C ASP O 314 -11.78 -9.58 2.33
N VAL O 315 -12.34 -10.47 1.52
CA VAL O 315 -11.65 -10.93 0.31
C VAL O 315 -11.41 -9.74 -0.61
N PHE O 316 -12.44 -8.93 -0.82
CA PHE O 316 -12.31 -7.74 -1.67
C PHE O 316 -11.25 -6.80 -1.12
N ARG O 317 -11.29 -6.57 0.19
CA ARG O 317 -10.35 -5.67 0.87
C ARG O 317 -8.90 -6.08 0.64
N LEU O 318 -8.57 -7.33 0.97
CA LEU O 318 -7.21 -7.83 0.79
C LEU O 318 -6.77 -7.75 -0.67
N LEU O 319 -7.75 -7.75 -1.59
CA LEU O 319 -7.49 -7.66 -3.02
C LEU O 319 -7.47 -6.19 -3.49
N GLY O 320 -7.60 -5.26 -2.54
CA GLY O 320 -7.60 -3.85 -2.90
C GLY O 320 -8.78 -3.43 -3.75
N LEU O 321 -9.89 -4.15 -3.62
CA LEU O 321 -11.10 -3.86 -4.38
C LEU O 321 -12.25 -3.38 -3.50
N PRO O 322 -13.19 -2.63 -4.11
CA PRO O 322 -14.35 -2.13 -3.37
C PRO O 322 -15.39 -3.25 -3.38
N TYR O 323 -15.92 -3.60 -2.21
CA TYR O 323 -16.91 -4.66 -2.16
C TYR O 323 -17.96 -4.42 -3.23
N ARG O 324 -18.46 -5.49 -3.83
CA ARG O 324 -19.47 -5.36 -4.85
C ARG O 324 -20.62 -6.30 -4.54
N GLU O 325 -21.84 -5.75 -4.49
CA GLU O 325 -23.03 -6.52 -4.19
C GLU O 325 -23.19 -7.66 -5.21
N PRO O 326 -23.73 -8.81 -4.77
CA PRO O 326 -23.94 -9.97 -5.65
C PRO O 326 -24.62 -9.62 -6.96
N ALA O 327 -25.58 -8.69 -6.89
CA ALA O 327 -26.33 -8.26 -8.07
C ALA O 327 -25.49 -7.57 -9.14
N GLU O 328 -24.31 -7.10 -8.75
CA GLU O 328 -23.42 -6.41 -9.67
C GLU O 328 -22.28 -7.33 -10.11
N ARG O 329 -22.43 -8.61 -9.82
CA ARG O 329 -21.38 -9.57 -10.15
C ARG O 329 -21.56 -10.34 -11.45
N ASP O 330 -22.36 -9.81 -12.36
CA ASP O 330 -22.58 -10.46 -13.64
C ASP O 330 -21.25 -10.62 -14.40
N TRP O 331 -20.44 -9.56 -14.39
CA TRP O 331 -19.13 -9.59 -15.04
C TRP O 331 -18.17 -8.93 -14.06
N ALA P 5 3.16 -22.56 47.85
CA ALA P 5 3.33 -23.98 47.41
C ALA P 5 4.31 -24.71 48.32
N THR P 6 4.41 -24.25 49.57
CA THR P 6 5.31 -24.83 50.56
C THR P 6 6.73 -24.27 50.45
N ASN P 7 7.05 -23.37 51.37
CA ASN P 7 8.36 -22.73 51.42
C ASN P 7 9.30 -23.57 52.28
N HIS P 8 10.30 -24.17 51.65
CA HIS P 8 11.27 -24.99 52.35
C HIS P 8 12.42 -24.14 52.90
N ASN P 9 12.34 -22.83 52.68
CA ASN P 9 13.40 -21.94 53.14
C ASN P 9 12.92 -20.78 53.99
N LEU P 10 11.89 -21.01 54.78
CA LEU P 10 11.32 -19.98 55.63
C LEU P 10 12.32 -19.44 56.64
N HIS P 11 13.18 -20.31 57.16
CA HIS P 11 14.18 -19.88 58.14
C HIS P 11 15.12 -18.86 57.50
N ILE P 12 15.15 -18.82 56.18
CA ILE P 12 15.99 -17.86 55.46
C ILE P 12 15.18 -16.65 55.04
N THR P 13 14.08 -16.88 54.32
CA THR P 13 13.27 -15.75 53.85
C THR P 13 12.80 -14.84 54.98
N GLU P 14 12.52 -15.42 56.14
CA GLU P 14 12.06 -14.61 57.27
C GLU P 14 13.04 -13.47 57.55
N LYS P 15 14.31 -13.83 57.70
CA LYS P 15 15.37 -12.86 57.98
C LYS P 15 15.54 -11.87 56.85
N LEU P 16 15.67 -12.37 55.63
CA LEU P 16 15.86 -11.52 54.46
C LEU P 16 14.73 -10.52 54.31
N GLU P 17 13.53 -10.92 54.69
CA GLU P 17 12.38 -10.03 54.58
C GLU P 17 12.59 -8.76 55.41
N VAL P 18 13.12 -8.91 56.61
CA VAL P 18 13.36 -7.78 57.50
C VAL P 18 14.30 -6.78 56.82
N LEU P 19 15.37 -7.32 56.23
CA LEU P 19 16.34 -6.50 55.54
C LEU P 19 15.71 -5.81 54.34
N ALA P 20 14.98 -6.58 53.54
CA ALA P 20 14.31 -6.05 52.35
C ALA P 20 13.42 -4.87 52.69
N LYS P 21 12.63 -5.03 53.75
CA LYS P 21 11.72 -3.98 54.18
C LYS P 21 12.53 -2.77 54.63
N ALA P 22 13.66 -3.03 55.27
CA ALA P 22 14.52 -1.96 55.76
C ALA P 22 15.02 -1.10 54.62
N TYR P 23 15.56 -1.73 53.58
CA TYR P 23 16.07 -1.00 52.44
C TYR P 23 14.96 -0.28 51.70
N SER P 24 13.79 -0.89 51.69
CA SER P 24 12.64 -0.32 51.01
C SER P 24 12.22 1.01 51.63
N VAL P 25 12.01 1.04 52.94
CA VAL P 25 11.56 2.28 53.57
C VAL P 25 12.62 3.38 53.65
N GLN P 26 13.89 3.01 53.56
CA GLN P 26 14.96 4.01 53.59
C GLN P 26 15.21 4.58 52.20
N GLY P 27 14.56 4.01 51.19
CA GLY P 27 14.70 4.51 49.82
C GLY P 27 15.60 3.79 48.83
N ASP P 28 16.17 2.66 49.22
CA ASP P 28 17.05 1.90 48.32
C ASP P 28 16.16 0.90 47.59
N LYS P 29 15.33 1.42 46.68
CA LYS P 29 14.39 0.58 45.95
C LYS P 29 14.99 -0.55 45.14
N TRP P 30 16.11 -0.30 44.48
CA TRP P 30 16.75 -1.31 43.65
C TRP P 30 17.33 -2.44 44.49
N ARG P 31 17.94 -2.09 45.62
CA ARG P 31 18.50 -3.11 46.51
C ARG P 31 17.33 -3.89 47.09
N ALA P 32 16.22 -3.21 47.36
CA ALA P 32 15.05 -3.88 47.91
C ALA P 32 14.46 -4.83 46.87
N LEU P 33 14.51 -4.44 45.60
CA LEU P 33 13.96 -5.30 44.55
C LEU P 33 14.78 -6.58 44.48
N GLY P 34 16.10 -6.43 44.57
CA GLY P 34 16.98 -7.59 44.55
C GLY P 34 16.60 -8.57 45.65
N TYR P 35 16.36 -8.06 46.86
CA TYR P 35 16.00 -8.93 47.96
C TYR P 35 14.66 -9.63 47.71
N ALA P 36 13.66 -8.87 47.27
CA ALA P 36 12.34 -9.41 46.99
C ALA P 36 12.39 -10.56 45.96
N LYS P 37 13.21 -10.39 44.93
CA LYS P 37 13.32 -11.41 43.90
C LYS P 37 14.03 -12.65 44.45
N ALA P 38 15.04 -12.43 45.29
CA ALA P 38 15.79 -13.51 45.90
C ALA P 38 14.83 -14.29 46.79
N ILE P 39 14.08 -13.56 47.61
CA ILE P 39 13.13 -14.19 48.50
C ILE P 39 12.12 -15.03 47.73
N ASN P 40 11.62 -14.51 46.61
CA ASN P 40 10.65 -15.26 45.81
C ASN P 40 11.31 -16.52 45.26
N ALA P 41 12.55 -16.41 44.86
CA ALA P 41 13.28 -17.55 44.33
C ALA P 41 13.39 -18.62 45.41
N LEU P 42 13.68 -18.18 46.63
CA LEU P 42 13.81 -19.09 47.77
C LEU P 42 12.50 -19.80 48.09
N LYS P 43 11.43 -19.01 48.14
CA LYS P 43 10.11 -19.53 48.46
C LYS P 43 9.63 -20.63 47.54
N SER P 44 10.03 -20.59 46.28
CA SER P 44 9.57 -21.61 45.37
C SER P 44 10.58 -22.70 45.04
N PHE P 45 11.80 -22.60 45.56
CA PHE P 45 12.79 -23.64 45.28
C PHE P 45 12.18 -24.97 45.76
N HIS P 46 12.50 -26.05 45.06
CA HIS P 46 11.94 -27.35 45.39
C HIS P 46 12.45 -28.00 46.68
N LYS P 47 13.33 -27.34 47.40
CA LYS P 47 13.83 -27.90 48.66
C LYS P 47 14.68 -26.89 49.40
N PRO P 48 15.03 -27.16 50.66
CA PRO P 48 15.85 -26.18 51.36
C PRO P 48 17.24 -26.10 50.75
N VAL P 49 17.72 -24.89 50.58
CA VAL P 49 19.04 -24.68 50.02
C VAL P 49 20.02 -25.16 51.07
N THR P 50 20.99 -25.98 50.68
CA THR P 50 21.94 -26.53 51.64
C THR P 50 23.41 -26.17 51.43
N SER P 51 23.74 -25.49 50.35
CA SER P 51 25.11 -25.08 50.09
C SER P 51 25.21 -23.77 49.34
N TYR P 52 26.39 -23.16 49.43
CA TYR P 52 26.66 -21.90 48.76
C TYR P 52 26.56 -22.10 47.25
N GLN P 53 27.13 -23.20 46.76
CA GLN P 53 27.08 -23.45 45.32
C GLN P 53 25.64 -23.64 44.83
N GLU P 54 24.83 -24.37 45.59
CA GLU P 54 23.43 -24.58 45.19
C GLU P 54 22.72 -23.22 45.22
N ALA P 55 23.04 -22.39 46.21
CA ALA P 55 22.44 -21.07 46.33
C ALA P 55 22.68 -20.24 45.06
N CYS P 56 23.94 -20.22 44.61
CA CYS P 56 24.32 -19.47 43.43
C CYS P 56 23.73 -19.97 42.12
N SER P 57 23.30 -21.23 42.09
CA SER P 57 22.72 -21.80 40.88
C SER P 57 21.29 -21.34 40.68
N ILE P 58 20.74 -20.64 41.68
CA ILE P 58 19.38 -20.15 41.58
C ILE P 58 19.31 -18.74 41.00
N PRO P 59 18.53 -18.56 39.92
CA PRO P 59 18.40 -17.23 39.30
C PRO P 59 17.84 -16.26 40.32
N GLY P 60 18.55 -15.17 40.56
CA GLY P 60 18.08 -14.20 41.53
C GLY P 60 18.95 -14.20 42.76
N ILE P 61 19.78 -15.22 42.89
CA ILE P 61 20.67 -15.31 44.05
C ILE P 61 22.12 -15.22 43.59
N GLY P 62 22.82 -14.19 44.08
CA GLY P 62 24.22 -14.01 43.73
C GLY P 62 25.13 -14.36 44.89
N LYS P 63 26.38 -13.89 44.83
CA LYS P 63 27.34 -14.18 45.89
C LYS P 63 26.95 -13.53 47.19
N ARG P 64 26.49 -12.28 47.13
CA ARG P 64 26.09 -11.57 48.34
C ARG P 64 24.92 -12.25 49.03
N MET P 65 23.95 -12.70 48.25
CA MET P 65 22.78 -13.37 48.81
C MET P 65 23.20 -14.77 49.29
N ALA P 66 23.94 -15.50 48.47
CA ALA P 66 24.40 -16.83 48.85
C ALA P 66 25.16 -16.75 50.17
N GLU P 67 26.03 -15.75 50.28
CA GLU P 67 26.83 -15.55 51.48
C GLU P 67 25.96 -15.43 52.73
N LYS P 68 24.87 -14.68 52.61
CA LYS P 68 23.96 -14.49 53.73
C LYS P 68 23.17 -15.76 54.03
N ILE P 69 22.83 -16.50 52.99
CA ILE P 69 22.11 -17.75 53.17
C ILE P 69 22.95 -18.68 54.03
N ILE P 70 24.23 -18.84 53.66
CA ILE P 70 25.10 -19.70 54.43
C ILE P 70 25.28 -19.21 55.87
N GLU P 71 25.32 -17.90 56.08
CA GLU P 71 25.48 -17.39 57.45
C GLU P 71 24.29 -17.83 58.29
N ILE P 72 23.10 -17.73 57.73
CA ILE P 72 21.91 -18.12 58.44
C ILE P 72 21.95 -19.63 58.69
N LEU P 73 22.39 -20.37 57.68
CA LEU P 73 22.48 -21.82 57.78
C LEU P 73 23.48 -22.29 58.82
N GLU P 74 24.67 -21.67 58.85
CA GLU P 74 25.70 -22.08 59.80
C GLU P 74 25.56 -21.48 61.20
N SER P 75 25.22 -20.21 61.30
CA SER P 75 25.10 -19.56 62.60
C SER P 75 23.69 -19.46 63.16
N GLY P 76 22.69 -19.44 62.29
CA GLY P 76 21.32 -19.34 62.75
C GLY P 76 20.88 -17.89 62.84
N HIS P 77 21.80 -16.98 62.54
CA HIS P 77 21.50 -15.56 62.59
C HIS P 77 22.02 -14.83 61.36
N LEU P 78 21.75 -13.53 61.31
CA LEU P 78 22.20 -12.68 60.22
C LEU P 78 22.61 -11.40 60.92
N ARG P 79 23.89 -11.29 61.29
CA ARG P 79 24.40 -10.12 62.00
C ARG P 79 23.89 -8.81 61.44
N LYS P 80 23.68 -8.76 60.12
CA LYS P 80 23.20 -7.54 59.48
C LYS P 80 21.93 -7.03 60.14
N LEU P 81 21.11 -7.94 60.64
CA LEU P 81 19.85 -7.58 61.27
C LEU P 81 20.03 -6.84 62.60
N ASP P 82 21.24 -6.86 63.14
CA ASP P 82 21.51 -6.19 64.40
C ASP P 82 22.08 -4.80 64.19
N HIS P 83 22.13 -4.35 62.94
CA HIS P 83 22.67 -3.04 62.63
C HIS P 83 21.70 -2.18 61.82
N ILE P 84 20.46 -2.59 61.77
CA ILE P 84 19.43 -1.85 61.06
C ILE P 84 19.13 -0.57 61.85
N SER P 85 19.15 0.56 61.15
CA SER P 85 18.90 1.85 61.81
C SER P 85 17.63 1.85 62.64
N GLU P 86 17.68 2.48 63.79
CA GLU P 86 16.50 2.53 64.65
C GLU P 86 15.44 3.47 64.09
N SER P 87 15.73 4.10 62.96
CA SER P 87 14.77 4.99 62.33
C SER P 87 13.80 4.19 61.45
N VAL P 88 14.20 2.97 61.08
CA VAL P 88 13.38 2.12 60.23
C VAL P 88 11.90 1.97 60.62
N PRO P 89 11.63 1.60 61.88
CA PRO P 89 10.22 1.45 62.28
C PRO P 89 9.39 2.70 62.06
N VAL P 90 10.01 3.87 62.25
CA VAL P 90 9.31 5.15 62.07
C VAL P 90 9.09 5.44 60.59
N LEU P 91 10.10 5.17 59.79
CA LEU P 91 10.00 5.40 58.36
C LEU P 91 8.94 4.48 57.76
N GLU P 92 8.82 3.26 58.30
CA GLU P 92 7.81 2.32 57.81
C GLU P 92 6.44 2.85 58.22
N LEU P 93 6.37 3.37 59.45
CA LEU P 93 5.13 3.92 59.97
C LEU P 93 4.63 5.04 59.05
N PHE P 94 5.50 5.99 58.74
CA PHE P 94 5.14 7.12 57.89
C PHE P 94 4.84 6.72 56.46
N SER P 95 5.59 5.79 55.88
CA SER P 95 5.32 5.38 54.51
C SER P 95 4.11 4.46 54.41
N ASN P 96 3.54 4.08 55.55
CA ASN P 96 2.34 3.26 55.53
C ASN P 96 1.13 4.12 55.24
N ILE P 97 1.35 5.44 55.18
CA ILE P 97 0.29 6.40 54.86
C ILE P 97 0.21 6.45 53.34
N TRP P 98 -0.96 6.19 52.76
CA TRP P 98 -1.10 6.21 51.30
C TRP P 98 -0.78 7.61 50.82
N GLY P 99 0.14 7.73 49.86
CA GLY P 99 0.49 9.05 49.35
C GLY P 99 1.81 9.56 49.94
N ALA P 100 2.34 8.86 50.95
CA ALA P 100 3.63 9.26 51.54
C ALA P 100 4.67 8.16 51.25
N GLY P 101 5.65 8.49 50.41
CA GLY P 101 6.67 7.52 50.09
C GLY P 101 7.89 7.68 50.98
N THR P 102 9.01 7.12 50.52
CA THR P 102 10.26 7.17 51.26
C THR P 102 10.81 8.59 51.45
N LYS P 103 10.62 9.46 50.45
CA LYS P 103 11.13 10.83 50.55
C LYS P 103 10.35 11.63 51.58
N THR P 104 9.04 11.45 51.62
CA THR P 104 8.22 12.16 52.57
C THR P 104 8.54 11.67 53.98
N ALA P 105 8.65 10.35 54.14
CA ALA P 105 8.95 9.77 55.44
C ALA P 105 10.28 10.34 55.96
N GLN P 106 11.28 10.34 55.08
CA GLN P 106 12.61 10.85 55.44
C GLN P 106 12.52 12.32 55.88
N MET P 107 11.78 13.13 55.12
CA MET P 107 11.62 14.54 55.44
C MET P 107 10.98 14.70 56.82
N TRP P 108 9.88 13.99 57.04
CA TRP P 108 9.18 14.08 58.31
C TRP P 108 10.11 13.66 59.45
N TYR P 109 10.88 12.60 59.22
CA TYR P 109 11.79 12.14 60.25
C TYR P 109 12.85 13.20 60.55
N GLN P 110 13.32 13.88 59.50
CA GLN P 110 14.33 14.92 59.68
C GLN P 110 13.72 16.11 60.44
N GLN P 111 12.41 16.30 60.30
CA GLN P 111 11.72 17.38 61.00
C GLN P 111 11.41 17.02 62.45
N GLY P 112 11.89 15.85 62.88
CA GLY P 112 11.69 15.42 64.26
C GLY P 112 10.41 14.66 64.56
N PHE P 113 9.61 14.35 63.55
CA PHE P 113 8.36 13.63 63.78
C PHE P 113 8.63 12.15 64.00
N ARG P 114 7.90 11.54 64.93
CA ARG P 114 8.12 10.13 65.22
C ARG P 114 6.85 9.28 65.30
N SER P 115 5.69 9.91 65.47
CA SER P 115 4.44 9.17 65.60
C SER P 115 3.36 9.70 64.66
N LEU P 116 2.31 8.91 64.46
CA LEU P 116 1.25 9.39 63.58
C LEU P 116 0.58 10.62 64.21
N GLU P 117 0.67 10.75 65.52
CA GLU P 117 0.09 11.92 66.19
C GLU P 117 0.92 13.15 65.81
N ASP P 118 2.24 13.00 65.75
CA ASP P 118 3.10 14.13 65.36
C ASP P 118 2.68 14.56 63.94
N ILE P 119 2.51 13.60 63.04
CA ILE P 119 2.12 13.93 61.66
C ILE P 119 0.80 14.70 61.61
N ARG P 120 -0.26 14.13 62.19
CA ARG P 120 -1.55 14.80 62.20
C ARG P 120 -1.44 16.22 62.76
N SER P 121 -0.76 16.33 63.90
CA SER P 121 -0.61 17.58 64.59
C SER P 121 0.32 18.64 63.99
N GLN P 122 1.44 18.23 63.41
CA GLN P 122 2.40 19.22 62.91
C GLN P 122 2.92 19.08 61.48
N ALA P 123 2.70 17.95 60.82
CA ALA P 123 3.24 17.79 59.50
C ALA P 123 2.47 18.46 58.38
N SER P 124 3.16 18.75 57.30
CA SER P 124 2.55 19.33 56.13
C SER P 124 2.03 18.11 55.40
N LEU P 125 0.75 18.09 55.05
CA LEU P 125 0.17 16.94 54.37
C LEU P 125 -0.50 17.31 53.07
N THR P 126 -0.28 16.51 52.03
CA THR P 126 -0.95 16.76 50.75
C THR P 126 -2.39 16.30 50.95
N THR P 127 -3.24 16.60 49.98
CA THR P 127 -4.64 16.21 50.07
C THR P 127 -4.76 14.68 50.18
N GLN P 128 -4.01 13.97 49.35
CA GLN P 128 -4.06 12.52 49.37
C GLN P 128 -3.56 12.00 50.71
N GLN P 129 -2.44 12.51 51.19
CA GLN P 129 -1.88 12.06 52.46
C GLN P 129 -2.84 12.24 53.63
N ALA P 130 -3.58 13.35 53.66
CA ALA P 130 -4.52 13.57 54.75
C ALA P 130 -5.59 12.48 54.71
N ILE P 131 -5.92 12.02 53.52
CA ILE P 131 -6.92 10.96 53.39
C ILE P 131 -6.29 9.64 53.83
N GLY P 132 -5.05 9.40 53.44
CA GLY P 132 -4.38 8.17 53.84
C GLY P 132 -4.22 8.09 55.35
N LEU P 133 -3.95 9.24 55.98
CA LEU P 133 -3.75 9.29 57.43
C LEU P 133 -5.01 8.98 58.24
N LYS P 134 -6.12 9.63 57.91
CA LYS P 134 -7.37 9.41 58.64
C LYS P 134 -7.92 8.00 58.44
N HIS P 135 -7.42 7.30 57.42
CA HIS P 135 -7.86 5.93 57.15
C HIS P 135 -6.68 4.96 57.36
N TYR P 136 -5.67 5.41 58.11
CA TYR P 136 -4.48 4.60 58.34
C TYR P 136 -4.75 3.13 58.69
N SER P 137 -5.46 2.89 59.79
CA SER P 137 -5.76 1.52 60.23
C SER P 137 -6.54 0.72 59.22
N ASP P 138 -7.59 1.32 58.67
CA ASP P 138 -8.40 0.61 57.70
C ASP P 138 -7.62 0.14 56.49
N PHE P 139 -6.80 1.03 55.94
CA PHE P 139 -6.00 0.72 54.75
C PHE P 139 -4.89 -0.31 54.96
N LEU P 140 -4.42 -0.51 56.19
CA LEU P 140 -3.38 -1.50 56.44
C LEU P 140 -4.00 -2.89 56.60
N GLU P 141 -5.30 -2.93 56.86
CA GLU P 141 -5.96 -4.19 57.03
C GLU P 141 -6.27 -4.79 55.69
N ARG P 142 -6.34 -6.12 55.63
CA ARG P 142 -6.70 -6.81 54.39
C ARG P 142 -8.16 -7.18 54.63
N MET P 143 -9.01 -7.06 53.61
CA MET P 143 -10.42 -7.39 53.78
C MET P 143 -10.71 -8.82 53.36
N PRO P 144 -11.76 -9.44 53.92
CA PRO P 144 -12.11 -10.82 53.55
C PRO P 144 -12.49 -10.77 52.06
N ARG P 145 -12.13 -11.75 51.27
CA ARG P 145 -12.49 -11.66 49.86
C ARG P 145 -14.00 -11.50 49.68
N GLU P 146 -14.78 -11.97 50.65
CA GLU P 146 -16.22 -11.83 50.56
C GLU P 146 -16.61 -10.35 50.49
N GLU P 147 -15.88 -9.52 51.22
CA GLU P 147 -16.19 -8.09 51.21
C GLU P 147 -15.75 -7.50 49.86
N ALA P 148 -14.67 -8.00 49.30
CA ALA P 148 -14.22 -7.49 48.00
C ALA P 148 -15.31 -7.80 46.97
N THR P 149 -15.94 -8.96 47.11
CA THR P 149 -17.00 -9.35 46.20
C THR P 149 -18.17 -8.35 46.26
N GLU P 150 -18.61 -7.97 47.47
CA GLU P 150 -19.70 -7.01 47.62
C GLU P 150 -19.33 -5.68 46.95
N ILE P 151 -18.08 -5.27 47.13
CA ILE P 151 -17.58 -4.03 46.54
C ILE P 151 -17.67 -4.11 45.00
N GLU P 152 -17.16 -5.20 44.44
CA GLU P 152 -17.19 -5.43 43.00
C GLU P 152 -18.64 -5.39 42.52
N GLN P 153 -19.52 -6.06 43.26
CA GLN P 153 -20.92 -6.12 42.90
C GLN P 153 -21.59 -4.75 42.95
N THR P 154 -21.19 -3.94 43.93
CA THR P 154 -21.75 -2.60 44.04
C THR P 154 -21.34 -1.78 42.82
N VAL P 155 -20.07 -1.88 42.42
CA VAL P 155 -19.63 -1.13 41.24
C VAL P 155 -20.27 -1.72 39.99
N GLN P 156 -20.30 -3.03 39.90
CA GLN P 156 -20.88 -3.68 38.72
C GLN P 156 -22.35 -3.31 38.52
N LYS P 157 -23.12 -3.29 39.60
CA LYS P 157 -24.53 -2.98 39.47
C LYS P 157 -24.77 -1.56 38.99
N ALA P 158 -24.08 -0.58 39.59
CA ALA P 158 -24.24 0.80 39.17
C ALA P 158 -23.87 0.98 37.69
N ALA P 159 -22.87 0.24 37.24
CA ALA P 159 -22.42 0.34 35.86
C ALA P 159 -23.38 -0.31 34.88
N GLN P 160 -23.84 -1.51 35.20
CA GLN P 160 -24.75 -2.21 34.28
C GLN P 160 -26.12 -1.55 34.19
N ALA P 161 -26.38 -0.61 35.08
CA ALA P 161 -27.66 0.10 35.06
C ALA P 161 -27.63 1.02 33.84
N PHE P 162 -26.44 1.46 33.46
CA PHE P 162 -26.25 2.33 32.31
C PHE P 162 -26.23 1.53 31.02
N ASN P 163 -25.56 0.38 31.06
CA ASN P 163 -25.49 -0.51 29.90
C ASN P 163 -25.31 -1.94 30.38
N SER P 164 -26.33 -2.76 30.19
CA SER P 164 -26.29 -4.15 30.64
C SER P 164 -25.22 -5.00 29.97
N GLY P 165 -24.66 -4.53 28.86
CA GLY P 165 -23.64 -5.30 28.19
C GLY P 165 -22.25 -5.14 28.82
N LEU P 166 -22.10 -4.17 29.69
CA LEU P 166 -20.80 -3.94 30.31
C LEU P 166 -20.25 -5.17 31.03
N LEU P 167 -18.97 -5.44 30.82
CA LEU P 167 -18.32 -6.57 31.48
C LEU P 167 -17.54 -5.91 32.63
N CYS P 168 -17.72 -6.44 33.84
CA CYS P 168 -17.04 -5.90 35.01
C CYS P 168 -16.28 -7.02 35.69
N VAL P 169 -15.00 -6.78 35.98
CA VAL P 169 -14.17 -7.81 36.60
C VAL P 169 -13.23 -7.27 37.66
N ALA P 170 -13.27 -7.87 38.85
CA ALA P 170 -12.39 -7.47 39.93
C ALA P 170 -11.04 -8.12 39.64
N CYS P 171 -9.96 -7.35 39.71
CA CYS P 171 -8.63 -7.91 39.44
C CYS P 171 -7.77 -8.07 40.70
N GLY P 172 -6.50 -7.68 40.63
CA GLY P 172 -5.62 -7.79 41.78
C GLY P 172 -5.56 -9.13 42.51
N SER P 173 -5.21 -9.09 43.78
CA SER P 173 -5.08 -10.30 44.58
C SER P 173 -6.40 -11.04 44.62
N TYR P 174 -7.50 -10.29 44.55
CA TYR P 174 -8.80 -10.91 44.55
C TYR P 174 -8.92 -11.90 43.39
N ARG P 175 -8.52 -11.47 42.20
CA ARG P 175 -8.62 -12.33 41.03
C ARG P 175 -7.64 -13.49 41.12
N ARG P 176 -6.54 -13.29 41.86
CA ARG P 176 -5.54 -14.34 42.03
C ARG P 176 -5.97 -15.33 43.13
N GLY P 177 -7.22 -15.21 43.57
CA GLY P 177 -7.79 -16.11 44.56
C GLY P 177 -7.42 -16.00 46.03
N LYS P 178 -6.82 -14.90 46.43
CA LYS P 178 -6.43 -14.75 47.83
C LYS P 178 -7.64 -14.65 48.75
N ALA P 179 -7.50 -15.20 49.95
CA ALA P 179 -8.56 -15.18 50.95
C ALA P 179 -8.86 -13.77 51.43
N THR P 180 -7.86 -12.91 51.33
CA THR P 180 -8.00 -11.51 51.74
C THR P 180 -7.31 -10.58 50.75
N CYS P 181 -7.80 -9.35 50.66
CA CYS P 181 -7.25 -8.38 49.71
C CYS P 181 -6.94 -7.02 50.31
N GLY P 182 -5.84 -6.42 49.86
CA GLY P 182 -5.46 -5.11 50.36
C GLY P 182 -6.30 -4.02 49.72
N ASP P 183 -6.85 -4.30 48.54
CA ASP P 183 -7.69 -3.35 47.86
C ASP P 183 -8.51 -4.06 46.81
N VAL P 184 -9.35 -3.32 46.10
CA VAL P 184 -10.18 -3.88 45.06
C VAL P 184 -10.01 -3.01 43.81
N ASP P 185 -9.76 -3.65 42.67
CA ASP P 185 -9.60 -2.93 41.42
C ASP P 185 -10.64 -3.50 40.45
N VAL P 186 -11.64 -2.70 40.08
CA VAL P 186 -12.65 -3.21 39.15
C VAL P 186 -12.35 -2.72 37.74
N LEU P 187 -12.17 -3.68 36.84
CA LEU P 187 -11.86 -3.37 35.45
C LEU P 187 -13.16 -3.48 34.69
N ILE P 188 -13.44 -2.48 33.85
CA ILE P 188 -14.68 -2.43 33.08
C ILE P 188 -14.46 -2.21 31.58
N THR P 189 -15.26 -2.86 30.75
CA THR P 189 -15.15 -2.69 29.29
C THR P 189 -16.46 -3.14 28.67
N HIS P 190 -16.55 -3.05 27.35
CA HIS P 190 -17.76 -3.49 26.65
C HIS P 190 -17.36 -4.22 25.37
N PRO P 191 -18.06 -5.33 25.05
CA PRO P 191 -17.80 -6.16 23.88
C PRO P 191 -17.92 -5.49 22.51
N ASP P 192 -18.77 -4.47 22.39
CA ASP P 192 -18.95 -3.83 21.09
C ASP P 192 -17.85 -2.83 20.74
N GLY P 193 -16.87 -2.71 21.62
CA GLY P 193 -15.77 -1.79 21.38
C GLY P 193 -16.02 -0.31 21.50
N ARG P 194 -17.24 0.12 21.81
CA ARG P 194 -17.50 1.56 21.90
C ARG P 194 -18.37 2.01 23.05
N SER P 195 -19.26 1.14 23.52
CA SER P 195 -20.17 1.50 24.60
C SER P 195 -19.54 1.71 25.99
N HIS P 196 -18.23 1.57 26.11
CA HIS P 196 -17.57 1.81 27.40
C HIS P 196 -17.40 3.32 27.55
N ARG P 197 -17.51 4.02 26.43
CA ARG P 197 -17.35 5.48 26.42
C ARG P 197 -18.54 6.16 27.10
N GLY P 198 -18.25 7.21 27.85
CA GLY P 198 -19.30 7.96 28.53
C GLY P 198 -19.91 7.23 29.71
N ILE P 199 -19.17 6.31 30.30
CA ILE P 199 -19.65 5.54 31.44
C ILE P 199 -18.92 5.92 32.73
N PHE P 200 -17.61 6.06 32.62
CA PHE P 200 -16.75 6.40 33.75
C PHE P 200 -17.30 7.52 34.63
N SER P 201 -17.41 8.72 34.07
CA SER P 201 -17.89 9.87 34.82
C SER P 201 -19.25 9.67 35.49
N ARG P 202 -20.21 9.12 34.78
CA ARG P 202 -21.53 8.92 35.36
C ARG P 202 -21.58 7.75 36.35
N LEU P 203 -20.63 6.82 36.23
CA LEU P 203 -20.59 5.70 37.16
C LEU P 203 -20.09 6.24 38.51
N LEU P 204 -19.08 7.11 38.47
CA LEU P 204 -18.55 7.69 39.69
C LEU P 204 -19.65 8.54 40.32
N ASP P 205 -20.39 9.24 39.49
CA ASP P 205 -21.49 10.08 39.97
C ASP P 205 -22.54 9.27 40.71
N SER P 206 -22.97 8.17 40.10
CA SER P 206 -23.96 7.30 40.71
C SER P 206 -23.43 6.75 42.03
N LEU P 207 -22.20 6.24 42.00
CA LEU P 207 -21.59 5.67 43.20
C LEU P 207 -21.41 6.73 44.28
N ARG P 208 -21.25 7.98 43.87
CA ARG P 208 -21.07 9.06 44.81
C ARG P 208 -22.38 9.46 45.50
N GLN P 209 -23.45 9.58 44.71
CA GLN P 209 -24.76 9.94 45.27
C GLN P 209 -25.26 8.83 46.18
N GLU P 210 -24.75 7.63 45.94
CA GLU P 210 -25.13 6.46 46.72
C GLU P 210 -24.41 6.45 48.07
N GLY P 211 -23.41 7.32 48.23
CA GLY P 211 -22.68 7.37 49.49
C GLY P 211 -21.60 6.30 49.60
N PHE P 212 -21.38 5.59 48.50
CA PHE P 212 -20.38 4.51 48.46
C PHE P 212 -18.96 5.06 48.41
N LEU P 213 -18.75 6.11 47.61
CA LEU P 213 -17.43 6.72 47.50
C LEU P 213 -17.35 7.81 48.58
N THR P 214 -16.36 7.72 49.46
CA THR P 214 -16.23 8.70 50.54
C THR P 214 -15.14 9.75 50.30
N ASP P 215 -14.16 9.44 49.47
CA ASP P 215 -13.08 10.38 49.16
C ASP P 215 -12.41 9.95 47.86
N ASP P 216 -11.87 10.92 47.14
CA ASP P 216 -11.16 10.65 45.89
C ASP P 216 -9.67 10.92 46.13
N LEU P 217 -8.81 10.03 45.64
CA LEU P 217 -7.37 10.21 45.76
C LEU P 217 -6.94 10.83 44.41
N VAL P 218 -7.50 10.29 43.33
CA VAL P 218 -7.28 10.80 41.97
C VAL P 218 -8.61 10.58 41.27
N SER P 219 -9.37 11.66 41.09
CA SER P 219 -10.69 11.61 40.46
C SER P 219 -10.73 11.02 39.06
N GLN P 220 -9.70 11.32 38.28
CA GLN P 220 -9.62 10.77 36.94
C GLN P 220 -8.23 10.81 36.37
N GLU P 221 -7.81 9.68 35.83
CA GLU P 221 -6.52 9.56 35.20
C GLU P 221 -6.83 9.07 33.80
N GLU P 222 -6.36 9.80 32.79
CA GLU P 222 -6.58 9.39 31.43
C GLU P 222 -5.25 8.95 30.85
N ASN P 223 -5.15 7.65 30.62
CA ASN P 223 -3.95 7.02 30.07
C ASN P 223 -4.35 6.41 28.74
N GLY P 224 -4.07 7.14 27.67
CA GLY P 224 -4.47 6.66 26.36
C GLY P 224 -5.99 6.62 26.38
N GLN P 225 -6.56 5.49 25.99
CA GLN P 225 -8.01 5.32 25.98
C GLN P 225 -8.54 4.74 27.28
N GLN P 226 -7.66 4.56 28.26
CA GLN P 226 -8.09 4.02 29.55
C GLN P 226 -8.38 5.15 30.52
N GLN P 227 -9.44 4.98 31.32
CA GLN P 227 -9.86 5.96 32.32
C GLN P 227 -9.75 5.30 33.70
N LYS P 228 -9.03 5.94 34.61
CA LYS P 228 -8.87 5.35 35.92
C LYS P 228 -9.22 6.28 37.08
N TYR P 229 -9.87 5.68 38.08
CA TYR P 229 -10.26 6.36 39.30
C TYR P 229 -9.55 5.69 40.48
N LEU P 230 -8.93 6.49 41.34
CA LEU P 230 -8.27 5.96 42.54
C LEU P 230 -8.99 6.61 43.70
N GLY P 231 -9.70 5.80 44.50
CA GLY P 231 -10.44 6.39 45.59
C GLY P 231 -10.67 5.57 46.83
N VAL P 232 -11.68 5.97 47.61
CA VAL P 232 -12.02 5.33 48.87
C VAL P 232 -13.50 4.97 48.93
N CYS P 233 -13.81 3.73 49.28
CA CYS P 233 -15.20 3.33 49.37
C CYS P 233 -15.54 2.67 50.70
N ARG P 234 -16.83 2.62 50.99
CA ARG P 234 -17.32 1.99 52.21
C ARG P 234 -18.72 1.44 51.97
N LEU P 235 -18.85 0.13 52.08
CA LEU P 235 -20.12 -0.55 51.89
C LEU P 235 -21.14 -0.09 52.93
N PRO P 236 -22.44 -0.25 52.65
CA PRO P 236 -23.49 0.16 53.60
C PRO P 236 -23.48 -0.74 54.81
N GLY P 237 -24.03 -0.26 55.92
CA GLY P 237 -24.08 -1.10 57.11
C GLY P 237 -23.23 -0.62 58.26
N PRO P 238 -23.58 -1.01 59.49
CA PRO P 238 -22.83 -0.60 60.67
C PRO P 238 -21.42 -1.17 60.82
N GLY P 239 -20.49 -0.29 61.17
CA GLY P 239 -19.13 -0.71 61.40
C GLY P 239 -18.28 -1.09 60.21
N ARG P 240 -18.72 -0.78 58.99
CA ARG P 240 -17.93 -1.12 57.82
C ARG P 240 -16.70 -0.22 57.76
N ARG P 241 -15.58 -0.77 57.32
CA ARG P 241 -14.34 0.01 57.21
C ARG P 241 -14.24 0.63 55.82
N HIS P 242 -13.42 1.68 55.71
CA HIS P 242 -13.19 2.33 54.43
C HIS P 242 -12.15 1.48 53.72
N ARG P 243 -12.30 1.30 52.42
CA ARG P 243 -11.37 0.48 51.65
C ARG P 243 -10.87 1.22 50.42
N ARG P 244 -9.69 0.84 49.95
CA ARG P 244 -9.14 1.46 48.76
C ARG P 244 -9.79 0.83 47.52
N LEU P 245 -10.29 1.68 46.64
CA LEU P 245 -10.93 1.20 45.43
C LEU P 245 -10.43 1.90 44.18
N ASP P 246 -10.15 1.12 43.14
CA ASP P 246 -9.72 1.66 41.85
C ASP P 246 -10.75 1.17 40.84
N ILE P 247 -11.08 2.03 39.88
CA ILE P 247 -12.03 1.67 38.83
C ILE P 247 -11.34 2.01 37.51
N ILE P 248 -11.27 1.05 36.61
CA ILE P 248 -10.62 1.26 35.33
C ILE P 248 -11.54 0.89 34.17
N VAL P 249 -11.73 1.83 33.26
CA VAL P 249 -12.59 1.58 32.11
C VAL P 249 -11.70 1.62 30.88
N VAL P 250 -11.73 0.55 30.09
CA VAL P 250 -10.89 0.42 28.91
C VAL P 250 -11.66 -0.09 27.67
N PRO P 251 -11.16 0.25 26.46
CA PRO P 251 -11.83 -0.22 25.24
C PRO P 251 -11.58 -1.73 25.14
N TYR P 252 -12.50 -2.45 24.52
CA TYR P 252 -12.39 -3.91 24.41
C TYR P 252 -11.08 -4.48 23.86
N SER P 253 -10.47 -3.83 22.88
CA SER P 253 -9.25 -4.36 22.31
C SER P 253 -8.09 -4.44 23.32
N GLU P 254 -8.21 -3.71 24.43
CA GLU P 254 -7.16 -3.68 25.46
C GLU P 254 -7.55 -4.49 26.70
N PHE P 255 -8.70 -5.15 26.63
CA PHE P 255 -9.20 -5.92 27.75
C PHE P 255 -8.21 -6.96 28.26
N ALA P 256 -7.71 -7.81 27.37
CA ALA P 256 -6.78 -8.85 27.79
C ALA P 256 -5.54 -8.29 28.49
N CYS P 257 -4.92 -7.28 27.92
CA CYS P 257 -3.73 -6.74 28.56
C CYS P 257 -4.05 -5.98 29.84
N ALA P 258 -5.23 -5.40 29.92
CA ALA P 258 -5.62 -4.66 31.12
C ALA P 258 -5.81 -5.68 32.24
N LEU P 259 -6.52 -6.76 31.93
CA LEU P 259 -6.78 -7.83 32.88
C LEU P 259 -5.47 -8.37 33.43
N LEU P 260 -4.56 -8.68 32.52
CA LEU P 260 -3.27 -9.23 32.90
C LEU P 260 -2.51 -8.25 33.78
N TYR P 261 -2.49 -7.00 33.38
CA TYR P 261 -1.76 -5.99 34.14
C TYR P 261 -2.37 -5.75 35.54
N PHE P 262 -3.65 -5.43 35.60
CA PHE P 262 -4.28 -5.17 36.89
C PHE P 262 -4.43 -6.40 37.77
N THR P 263 -4.29 -7.59 37.19
CA THR P 263 -4.37 -8.80 37.99
C THR P 263 -3.01 -8.99 38.67
N GLY P 264 -1.95 -8.62 37.98
CA GLY P 264 -0.62 -8.74 38.55
C GLY P 264 -0.19 -10.17 38.81
N SER P 265 0.63 -10.39 39.84
CA SER P 265 1.13 -9.35 40.75
C SER P 265 2.22 -8.46 40.13
N ALA P 266 2.68 -7.50 40.91
CA ALA P 266 3.73 -6.58 40.45
C ALA P 266 4.96 -7.37 40.02
N HIS P 267 5.32 -8.40 40.78
CA HIS P 267 6.50 -9.20 40.45
C HIS P 267 6.25 -9.95 39.15
N PHE P 268 5.05 -10.49 39.00
CA PHE P 268 4.69 -11.21 37.80
C PHE P 268 4.73 -10.28 36.60
N ASN P 269 4.15 -9.08 36.73
CA ASN P 269 4.17 -8.11 35.65
C ASN P 269 5.64 -7.81 35.30
N ARG P 270 6.48 -7.65 36.32
CA ARG P 270 7.89 -7.35 36.05
C ARG P 270 8.56 -8.44 35.20
N SER P 271 8.37 -9.70 35.57
CA SER P 271 9.02 -10.78 34.82
C SER P 271 8.44 -10.91 33.42
N MET P 272 7.17 -10.52 33.24
CA MET P 272 6.55 -10.60 31.94
C MET P 272 7.12 -9.53 31.01
N ARG P 273 7.36 -8.33 31.53
CA ARG P 273 7.93 -7.28 30.70
C ARG P 273 9.34 -7.67 30.28
N ALA P 274 10.10 -8.24 31.21
CA ALA P 274 11.47 -8.65 30.93
C ALA P 274 11.50 -9.78 29.89
N LEU P 275 10.47 -10.61 29.88
CA LEU P 275 10.41 -11.69 28.91
C LEU P 275 10.09 -11.11 27.55
N ALA P 276 9.13 -10.19 27.53
CA ALA P 276 8.76 -9.55 26.28
C ALA P 276 9.97 -8.87 25.67
N LYS P 277 10.76 -8.20 26.52
CA LYS P 277 11.94 -7.49 26.06
C LYS P 277 12.93 -8.43 25.38
N THR P 278 13.18 -9.60 25.98
CA THR P 278 14.11 -10.56 25.40
C THR P 278 13.67 -10.92 23.99
N LYS P 279 12.39 -10.75 23.71
CA LYS P 279 11.87 -11.08 22.39
C LYS P 279 11.59 -9.90 21.48
N GLY P 280 12.18 -8.76 21.81
CA GLY P 280 11.96 -7.58 21.00
C GLY P 280 10.50 -7.11 21.05
N MET P 281 9.88 -7.27 22.22
CA MET P 281 8.50 -6.85 22.42
C MET P 281 8.35 -6.05 23.71
N SER P 282 7.20 -5.43 23.88
CA SER P 282 6.93 -4.66 25.09
C SER P 282 5.53 -5.01 25.55
N LEU P 283 5.33 -5.04 26.86
CA LEU P 283 4.04 -5.36 27.45
C LEU P 283 3.63 -4.27 28.43
N SER P 284 2.42 -3.76 28.27
CA SER P 284 1.88 -2.71 29.14
C SER P 284 0.43 -3.05 29.43
N GLU P 285 -0.24 -2.16 30.14
CA GLU P 285 -1.64 -2.35 30.48
C GLU P 285 -2.53 -2.23 29.24
N HIS P 286 -1.96 -1.63 28.19
CA HIS P 286 -2.64 -1.39 26.93
C HIS P 286 -2.49 -2.53 25.90
N ALA P 287 -1.28 -3.04 25.75
CA ALA P 287 -1.05 -4.06 24.73
C ALA P 287 0.34 -4.68 24.71
N LEU P 288 0.44 -5.73 23.89
CA LEU P 288 1.68 -6.44 23.64
C LEU P 288 2.09 -5.83 22.31
N SER P 289 3.27 -5.22 22.27
CA SER P 289 3.72 -4.58 21.04
C SER P 289 5.13 -4.95 20.62
N THR P 290 5.40 -4.85 19.32
CA THR P 290 6.72 -5.12 18.79
C THR P 290 7.57 -3.97 19.28
N ALA P 291 8.88 -4.08 19.07
CA ALA P 291 9.83 -3.07 19.52
C ALA P 291 9.55 -1.67 18.98
N VAL P 292 9.99 -0.68 19.75
CA VAL P 292 9.84 0.72 19.37
C VAL P 292 10.75 0.99 18.17
N VAL P 293 10.30 1.85 17.27
CA VAL P 293 11.10 2.17 16.10
C VAL P 293 11.97 3.37 16.42
N ARG P 294 13.23 3.12 16.74
CA ARG P 294 14.17 4.19 17.09
C ARG P 294 15.17 4.50 15.97
N ASN P 295 15.73 5.71 16.01
CA ASN P 295 16.71 6.15 15.01
C ASN P 295 18.11 5.64 15.27
N THR P 296 19.10 6.32 14.68
CA THR P 296 20.51 5.96 14.83
C THR P 296 20.96 5.99 16.28
N HIS P 297 20.67 7.11 16.94
CA HIS P 297 21.03 7.29 18.34
C HIS P 297 20.20 6.34 19.19
N GLY P 298 19.43 5.48 18.51
CA GLY P 298 18.58 4.53 19.22
C GLY P 298 17.66 5.26 20.17
N CYS P 299 16.65 5.93 19.60
CA CYS P 299 15.73 6.69 20.43
C CYS P 299 14.29 6.68 19.91
N LYS P 300 13.36 6.75 20.84
CA LYS P 300 11.93 6.75 20.55
C LYS P 300 11.59 7.69 19.41
N VAL P 301 11.35 7.13 18.24
CA VAL P 301 10.99 7.92 17.06
C VAL P 301 9.56 7.56 16.67
N GLY P 302 9.15 6.34 17.01
CA GLY P 302 7.82 5.86 16.70
C GLY P 302 7.46 4.66 17.55
N PRO P 303 6.18 4.44 17.83
CA PRO P 303 5.73 3.30 18.64
C PRO P 303 5.71 1.99 17.85
N GLY P 304 5.87 0.88 18.56
CA GLY P 304 5.84 -0.41 17.89
C GLY P 304 4.39 -0.73 17.56
N ARG P 305 4.18 -1.68 16.67
CA ARG P 305 2.81 -2.03 16.31
C ARG P 305 2.20 -2.95 17.35
N VAL P 306 0.92 -2.75 17.61
CA VAL P 306 0.21 -3.54 18.59
C VAL P 306 -0.11 -4.92 18.02
N LEU P 307 0.11 -5.96 18.83
CA LEU P 307 -0.20 -7.32 18.40
C LEU P 307 -1.55 -7.69 19.00
N PRO P 308 -2.54 -7.97 18.15
CA PRO P 308 -3.88 -8.34 18.62
C PRO P 308 -3.85 -9.42 19.70
N THR P 309 -4.53 -9.17 20.81
CA THR P 309 -4.59 -10.15 21.89
C THR P 309 -5.98 -10.17 22.51
N PRO P 310 -6.91 -10.91 21.90
CA PRO P 310 -8.29 -11.06 22.35
C PRO P 310 -8.45 -11.51 23.80
N THR P 311 -7.59 -12.43 24.23
CA THR P 311 -7.65 -12.96 25.59
C THR P 311 -6.26 -13.08 26.21
N GLU P 312 -6.21 -13.25 27.52
CA GLU P 312 -4.92 -13.38 28.20
C GLU P 312 -4.08 -14.49 27.57
N LYS P 313 -4.72 -15.61 27.26
CA LYS P 313 -4.02 -16.74 26.66
C LYS P 313 -3.22 -16.32 25.43
N ASP P 314 -3.76 -15.39 24.65
CA ASP P 314 -3.07 -14.90 23.46
C ASP P 314 -1.76 -14.21 23.83
N VAL P 315 -1.73 -13.48 24.94
CA VAL P 315 -0.52 -12.79 25.34
C VAL P 315 0.57 -13.81 25.67
N PHE P 316 0.22 -14.86 26.41
CA PHE P 316 1.19 -15.90 26.75
C PHE P 316 1.66 -16.62 25.49
N ARG P 317 0.72 -16.97 24.63
CA ARG P 317 1.04 -17.69 23.39
C ARG P 317 2.02 -16.94 22.51
N LEU P 318 1.84 -15.64 22.36
CA LEU P 318 2.74 -14.84 21.53
C LEU P 318 4.08 -14.61 22.22
N LEU P 319 4.14 -14.83 23.53
CA LEU P 319 5.38 -14.65 24.27
C LEU P 319 6.10 -15.99 24.42
N GLY P 320 5.55 -17.01 23.77
CA GLY P 320 6.15 -18.33 23.83
C GLY P 320 6.02 -18.98 25.19
N LEU P 321 5.02 -18.57 25.98
CA LEU P 321 4.83 -19.11 27.32
C LEU P 321 3.56 -19.91 27.49
N PRO P 322 3.53 -20.81 28.50
CA PRO P 322 2.37 -21.65 28.81
C PRO P 322 1.42 -20.72 29.54
N TYR P 323 0.12 -20.95 29.42
CA TYR P 323 -0.82 -20.09 30.11
C TYR P 323 -0.73 -20.34 31.60
N ARG P 324 -0.82 -19.26 32.37
CA ARG P 324 -0.78 -19.36 33.82
C ARG P 324 -2.04 -18.80 34.45
N GLU P 325 -2.75 -19.65 35.16
CA GLU P 325 -3.98 -19.25 35.82
C GLU P 325 -3.66 -18.09 36.74
N PRO P 326 -4.64 -17.23 37.02
CA PRO P 326 -4.43 -16.08 37.90
C PRO P 326 -3.82 -16.50 39.24
N ALA P 327 -4.30 -17.60 39.79
CA ALA P 327 -3.81 -18.09 41.08
C ALA P 327 -2.32 -18.45 41.08
N GLU P 328 -1.74 -18.62 39.91
CA GLU P 328 -0.33 -18.98 39.83
C GLU P 328 0.57 -17.80 39.45
N ARG P 329 0.04 -16.58 39.54
CA ARG P 329 0.79 -15.38 39.19
C ARG P 329 1.32 -14.53 40.35
N ASP P 330 1.69 -15.16 41.45
CA ASP P 330 2.21 -14.40 42.58
C ASP P 330 3.55 -13.75 42.26
N TRP P 331 4.27 -14.33 41.30
CA TRP P 331 5.54 -13.79 40.85
C TRP P 331 6.07 -14.60 39.69
NA NA Q . 16.90 18.84 1.42
NA NA R . 8.17 -4.30 -23.09
NA NA S . -3.06 -18.34 -29.66
NA NA T . -6.50 -33.19 -14.29
NA NA U . -7.55 14.71 1.00
NA NA V . 7.24 19.49 -10.65
NA NA W . 29.03 8.64 -28.96
NA NA X . -23.28 -30.20 -22.05
NA NA Y . 2.91 5.25 51.29
NA NA Z . 22.29 -16.98 40.83
C1 EDO AA . 16.53 8.79 58.10
O1 EDO AA . 17.59 9.57 58.87
C2 EDO AA . 15.86 9.60 56.97
O2 EDO AA . 15.92 11.10 57.41
#